data_7BUI
#
_entry.id   7BUI
#
_cell.length_a   97.290
_cell.length_b   81.560
_cell.length_c   116.130
_cell.angle_alpha   90.000
_cell.angle_beta   100.120
_cell.angle_gamma   90.000
#
_symmetry.space_group_name_H-M   'P 1 21 1'
#
loop_
_entity.id
_entity.type
_entity.pdbx_description
1 polymer 'Terminal oxygenase component of carbazole'
2 polymer 'Ferredoxin CarAc'
3 non-polymer 'FE2/S2 (INORGANIC) CLUSTER'
4 non-polymer 'FE (II) ION'
5 non-polymer 1,2-ETHANEDIOL
6 non-polymer DI(HYDROXYETHYL)ETHER
7 water water
#
loop_
_entity_poly.entity_id
_entity_poly.type
_entity_poly.pdbx_seq_one_letter_code
_entity_poly.pdbx_strand_id
1 'polypeptide(L)'
;MANVDEAILKRVKGWAPYVDAKLGFRNHWYPVMFSKEINEGEPKTLKLLGENLLVNRIDGKLYCLKDRCLHRGVQLSVKV
ECKTKSTITCWYHAWTYRWEDGVLCDILTNPTSAQIGRQKLKTYPVQEAKGCVFIYLGDGDPPPLARDTPPNFLDDDMEI
LGKNQIIKSNWRLAVENGFDPSHIYIHKDSILVKDNDLALPLGFAPGGDRKQQTRVVDDDVVGRKGVYDLIGEHGVPVFE
GTIGGEVVREGAYGEKIVANDISIWLPGVLKVNPFPNPDMMQFEWYVPIDENTHYYFQTLGKPCANDEERKKYEQEFESK
WKPMALEGFNNDDIWAREAMVDFYADDKGWVNEILFESDEAIVAWRKLASEHNQGIQTQAHVSGLEHHHHHH
;
A,B,C
2 'polypeptide(L)'
;MNQIWLKVCAASDMQPGTIRRVNRVGAAPLAVYRVGDQFYATEDTCTHGIASLSEGTLDGDVIECPFHGGAFNVCTGMPA
SSPCTVPLGVFEVEVKEGEVYVAGEKKLEHHHHHH
;
D,E
#
loop_
_chem_comp.id
_chem_comp.type
_chem_comp.name
_chem_comp.formula
EDO non-polymer 1,2-ETHANEDIOL 'C2 H6 O2'
FE2 non-polymer 'FE (II) ION' 'Fe 2'
FES non-polymer 'FE2/S2 (INORGANIC) CLUSTER' 'Fe2 S2'
PEG non-polymer DI(HYDROXYETHYL)ETHER 'C4 H10 O3'
#
# COMPACT_ATOMS: atom_id res chain seq x y z
N ALA A 2 18.05 -9.50 -6.76
CA ALA A 2 17.92 -8.11 -6.23
C ALA A 2 16.60 -7.99 -5.48
N ASN A 3 16.68 -7.74 -4.18
CA ASN A 3 15.52 -7.47 -3.29
C ASN A 3 15.31 -5.93 -3.21
N VAL A 4 16.24 -5.16 -3.74
CA VAL A 4 16.32 -3.67 -3.53
C VAL A 4 16.48 -2.98 -4.88
N ASP A 5 15.85 -1.83 -5.04
CA ASP A 5 15.98 -0.96 -6.24
C ASP A 5 17.46 -0.89 -6.66
N GLU A 6 17.77 -1.23 -7.91
CA GLU A 6 19.16 -1.23 -8.44
C GLU A 6 19.77 0.18 -8.36
N ALA A 7 18.95 1.23 -8.31
CA ALA A 7 19.44 2.62 -8.17
C ALA A 7 20.04 2.83 -6.77
N ILE A 8 19.48 2.15 -5.76
CA ILE A 8 20.03 2.20 -4.36
C ILE A 8 21.33 1.38 -4.33
N LEU A 9 21.31 0.15 -4.87
CA LEU A 9 22.49 -0.76 -4.89
C LEU A 9 23.66 -0.08 -5.62
N LYS A 10 23.41 0.57 -6.76
CA LYS A 10 24.46 1.29 -7.53
C LYS A 10 25.16 2.34 -6.64
N ARG A 11 24.43 2.88 -5.67
CA ARG A 11 24.96 3.98 -4.80
C ARG A 11 25.78 3.40 -3.63
N VAL A 12 25.50 2.18 -3.16
CA VAL A 12 26.18 1.59 -1.95
C VAL A 12 27.28 0.61 -2.39
N LYS A 13 28.32 1.12 -3.08
CA LYS A 13 29.45 0.33 -3.66
C LYS A 13 30.16 -0.46 -2.57
N GLY A 14 30.49 0.19 -1.46
CA GLY A 14 31.02 -0.43 -0.23
C GLY A 14 30.37 -1.75 0.17
N TRP A 15 29.05 -1.93 0.06
CA TRP A 15 28.36 -3.10 0.69
C TRP A 15 26.98 -3.39 0.08
N ALA A 16 26.88 -3.35 -1.25
CA ALA A 16 25.61 -3.57 -1.98
C ALA A 16 25.02 -4.92 -1.61
N PRO A 17 25.80 -6.02 -1.57
CA PRO A 17 25.23 -7.34 -1.27
C PRO A 17 24.51 -7.38 0.10
N TYR A 18 25.06 -6.71 1.10
CA TYR A 18 24.44 -6.57 2.44
C TYR A 18 23.12 -5.77 2.35
N VAL A 19 23.10 -4.64 1.63
CA VAL A 19 21.81 -3.90 1.44
C VAL A 19 20.81 -4.82 0.72
N ASP A 20 21.27 -5.62 -0.24
CA ASP A 20 20.38 -6.59 -0.97
C ASP A 20 19.85 -7.67 -0.01
N ALA A 21 20.56 -7.97 1.07
CA ALA A 21 20.34 -9.14 1.95
C ALA A 21 19.17 -8.91 2.91
N LYS A 22 18.07 -8.42 2.39
CA LYS A 22 16.85 -8.06 3.16
C LYS A 22 16.31 -9.29 3.90
N LEU A 23 16.32 -10.45 3.24
CA LEU A 23 15.76 -11.73 3.75
C LEU A 23 16.85 -12.55 4.45
N GLY A 24 18.10 -12.08 4.46
CA GLY A 24 19.20 -12.81 5.11
C GLY A 24 20.16 -13.49 4.13
N PHE A 25 21.18 -14.17 4.66
CA PHE A 25 22.22 -14.86 3.86
C PHE A 25 21.87 -16.35 3.75
N ARG A 26 21.76 -16.87 2.53
CA ARG A 26 21.49 -18.32 2.27
C ARG A 26 22.77 -19.14 2.50
N ASN A 27 22.64 -20.44 2.82
CA ASN A 27 23.80 -21.38 2.94
C ASN A 27 24.61 -21.08 4.21
N HIS A 28 23.89 -20.85 5.30
CA HIS A 28 24.44 -20.62 6.65
C HIS A 28 23.53 -21.39 7.61
N TRP A 29 24.09 -21.81 8.75
CA TRP A 29 23.37 -22.34 9.93
C TRP A 29 22.76 -21.18 10.75
N TYR A 30 21.54 -21.38 11.24
CA TYR A 30 20.75 -20.45 12.11
C TYR A 30 20.03 -21.26 13.17
N PRO A 31 20.07 -20.81 14.44
CA PRO A 31 19.23 -21.38 15.49
C PRO A 31 17.79 -20.83 15.47
N VAL A 32 16.82 -21.67 15.79
CA VAL A 32 15.39 -21.30 15.62
C VAL A 32 14.58 -21.60 16.88
N MET A 33 15.08 -22.47 17.75
CA MET A 33 14.36 -22.93 18.97
C MET A 33 15.31 -23.75 19.85
N PHE A 34 14.86 -24.05 21.07
CA PHE A 34 15.63 -24.85 22.05
C PHE A 34 15.22 -26.32 21.87
N SER A 35 16.20 -27.23 21.88
CA SER A 35 16.03 -28.71 21.85
C SER A 35 14.76 -29.14 22.59
N LYS A 36 14.55 -28.61 23.80
CA LYS A 36 13.44 -29.00 24.70
C LYS A 36 12.08 -28.54 24.16
N GLU A 37 12.05 -27.77 23.08
CA GLU A 37 10.80 -27.13 22.56
C GLU A 37 10.14 -28.07 21.55
N ILE A 38 10.81 -29.14 21.14
CA ILE A 38 10.24 -30.09 20.14
C ILE A 38 10.41 -31.53 20.63
N ASN A 39 9.27 -32.18 20.83
CA ASN A 39 9.16 -33.58 21.30
C ASN A 39 9.04 -34.53 20.10
N GLU A 40 9.57 -35.75 20.29
CA GLU A 40 9.33 -36.93 19.44
C GLU A 40 7.92 -36.87 18.82
N GLY A 41 7.81 -36.97 17.49
CA GLY A 41 6.51 -37.12 16.79
C GLY A 41 5.55 -35.95 17.00
N GLU A 42 6.04 -34.75 17.36
CA GLU A 42 5.22 -33.52 17.51
C GLU A 42 5.80 -32.41 16.62
N PRO A 43 5.45 -32.42 15.32
CA PRO A 43 6.11 -31.52 14.36
C PRO A 43 5.71 -30.05 14.61
N LYS A 44 6.67 -29.14 14.46
CA LYS A 44 6.55 -27.68 14.70
C LYS A 44 6.72 -26.93 13.36
N THR A 45 5.92 -25.88 13.15
CA THR A 45 5.99 -24.91 12.03
C THR A 45 6.88 -23.74 12.46
N LEU A 46 7.75 -23.25 11.59
CA LEU A 46 8.41 -21.93 11.77
C LEU A 46 8.67 -21.35 10.38
N LYS A 47 9.06 -20.08 10.32
CA LYS A 47 9.42 -19.38 9.06
C LYS A 47 10.86 -18.95 9.18
N LEU A 48 11.70 -19.21 8.18
CA LEU A 48 13.15 -18.89 8.28
C LEU A 48 13.63 -18.40 6.92
N LEU A 49 14.31 -17.25 6.88
CA LEU A 49 14.70 -16.58 5.61
C LEU A 49 13.50 -16.61 4.63
N GLY A 50 12.30 -16.47 5.16
CA GLY A 50 11.09 -16.29 4.34
C GLY A 50 10.42 -17.60 4.02
N GLU A 51 11.05 -18.74 4.30
CA GLU A 51 10.51 -20.07 3.91
C GLU A 51 9.74 -20.67 5.09
N ASN A 52 8.52 -21.14 4.83
CA ASN A 52 7.70 -21.98 5.74
C ASN A 52 8.34 -23.38 5.84
N LEU A 53 8.81 -23.75 7.04
CA LEU A 53 9.51 -25.02 7.34
C LEU A 53 8.70 -25.82 8.36
N LEU A 54 8.78 -27.14 8.25
CA LEU A 54 8.31 -28.13 9.26
C LEU A 54 9.52 -28.84 9.86
N VAL A 55 9.47 -29.07 11.17
CA VAL A 55 10.55 -29.75 11.94
C VAL A 55 9.89 -30.88 12.73
N ASN A 56 10.51 -32.06 12.74
CA ASN A 56 10.00 -33.23 13.52
C ASN A 56 11.20 -33.93 14.18
N ARG A 57 10.91 -34.53 15.34
CA ARG A 57 11.85 -35.41 16.07
C ARG A 57 11.35 -36.84 15.87
N ILE A 58 12.10 -37.62 15.09
CA ILE A 58 11.85 -39.06 14.81
C ILE A 58 13.04 -39.85 15.39
N ASP A 59 12.74 -40.81 16.26
CA ASP A 59 13.72 -41.62 17.04
C ASP A 59 14.80 -40.69 17.60
N GLY A 60 14.39 -39.62 18.26
CA GLY A 60 15.28 -38.64 18.91
C GLY A 60 15.99 -37.69 17.94
N LYS A 61 15.93 -37.94 16.63
CA LYS A 61 16.66 -37.13 15.62
C LYS A 61 15.69 -36.16 14.91
N LEU A 62 16.14 -34.92 14.69
CA LEU A 62 15.34 -33.82 14.08
C LEU A 62 15.48 -33.85 12.56
N TYR A 63 14.34 -33.76 11.87
CA TYR A 63 14.24 -33.62 10.39
C TYR A 63 13.47 -32.33 10.06
N CYS A 64 13.80 -31.72 8.92
CA CYS A 64 13.20 -30.45 8.44
C CYS A 64 12.73 -30.57 6.98
N LEU A 65 11.42 -30.53 6.75
CA LEU A 65 10.80 -30.44 5.39
C LEU A 65 10.42 -28.97 5.08
N LYS A 66 10.46 -28.55 3.82
CA LYS A 66 9.74 -27.30 3.44
C LYS A 66 8.24 -27.54 3.61
N ASP A 67 7.54 -26.64 4.29
CA ASP A 67 6.07 -26.72 4.51
C ASP A 67 5.33 -26.19 3.28
N ARG A 68 5.51 -26.85 2.14
CA ARG A 68 4.72 -26.57 0.92
C ARG A 68 4.60 -27.82 0.05
N CYS A 69 3.38 -28.37 -0.07
CA CYS A 69 3.06 -29.52 -0.95
C CYS A 69 3.46 -29.16 -2.39
N LEU A 70 4.07 -30.12 -3.09
CA LEU A 70 4.72 -29.90 -4.42
C LEU A 70 3.66 -29.72 -5.49
N HIS A 71 2.47 -30.26 -5.21
CA HIS A 71 1.30 -30.41 -6.08
C HIS A 71 0.64 -29.05 -6.36
N ARG A 72 -0.15 -28.52 -5.41
CA ARG A 72 -0.90 -27.22 -5.49
C ARG A 72 -0.34 -26.15 -4.51
N GLY A 73 0.77 -26.40 -3.82
CA GLY A 73 1.48 -25.36 -3.06
C GLY A 73 0.80 -24.99 -1.75
N VAL A 74 -0.05 -25.84 -1.20
CA VAL A 74 -0.65 -25.64 0.14
C VAL A 74 0.39 -25.95 1.21
N GLN A 75 0.15 -25.44 2.42
CA GLN A 75 0.98 -25.76 3.60
C GLN A 75 0.48 -27.13 4.10
N LEU A 76 1.39 -28.09 4.29
CA LEU A 76 1.08 -29.41 4.91
C LEU A 76 0.48 -29.12 6.29
N SER A 77 1.04 -28.12 6.98
CA SER A 77 0.75 -27.74 8.40
C SER A 77 -0.70 -27.32 8.61
N VAL A 78 -1.45 -26.99 7.56
CA VAL A 78 -2.88 -26.61 7.72
C VAL A 78 -3.60 -27.77 8.42
N LYS A 79 -3.26 -29.01 8.10
CA LYS A 79 -3.83 -30.23 8.74
C LYS A 79 -2.76 -31.33 8.72
N VAL A 80 -1.93 -31.38 9.75
CA VAL A 80 -0.82 -32.37 9.82
C VAL A 80 -1.45 -33.77 9.91
N GLU A 81 -1.06 -34.61 8.95
CA GLU A 81 -1.40 -36.05 8.86
C GLU A 81 -0.06 -36.79 8.74
N CYS A 82 0.57 -37.08 9.89
CA CYS A 82 1.74 -38.01 9.99
C CYS A 82 1.14 -39.40 10.25
N LYS A 83 1.04 -40.23 9.20
CA LYS A 83 0.19 -41.46 9.18
C LYS A 83 1.06 -42.72 9.41
N THR A 84 2.38 -42.59 9.25
CA THR A 84 3.39 -43.57 9.73
C THR A 84 4.58 -42.79 10.30
N LYS A 85 5.26 -43.41 11.25
CA LYS A 85 6.42 -42.86 12.00
C LYS A 85 7.26 -41.93 11.12
N SER A 86 7.59 -42.37 9.90
CA SER A 86 8.68 -41.78 9.09
C SER A 86 8.16 -40.90 7.93
N THR A 87 6.84 -40.66 7.82
CA THR A 87 6.23 -39.91 6.67
C THR A 87 5.33 -38.76 7.15
N ILE A 88 4.91 -37.91 6.20
CA ILE A 88 3.77 -36.95 6.36
C ILE A 88 2.95 -36.95 5.07
N THR A 89 1.63 -36.96 5.22
CA THR A 89 0.63 -37.02 4.12
C THR A 89 -0.05 -35.64 3.98
N CYS A 90 0.06 -34.97 2.84
CA CYS A 90 -0.65 -33.70 2.55
C CYS A 90 -2.14 -33.96 2.74
N TRP A 91 -2.82 -33.11 3.52
CA TRP A 91 -4.25 -33.25 3.90
C TRP A 91 -5.15 -33.20 2.66
N TYR A 92 -4.64 -32.68 1.53
CA TYR A 92 -5.48 -32.28 0.37
C TYR A 92 -5.70 -33.47 -0.59
N HIS A 93 -4.66 -33.94 -1.29
CA HIS A 93 -4.75 -35.15 -2.17
C HIS A 93 -3.82 -36.27 -1.67
N ALA A 94 -3.37 -36.22 -0.42
CA ALA A 94 -2.68 -37.32 0.31
C ALA A 94 -1.34 -37.67 -0.34
N TRP A 95 -0.67 -36.75 -1.04
CA TRP A 95 0.76 -36.97 -1.41
C TRP A 95 1.54 -37.16 -0.12
N THR A 96 2.35 -38.22 -0.03
CA THR A 96 3.02 -38.66 1.22
C THR A 96 4.53 -38.55 1.02
N TYR A 97 5.21 -37.87 1.93
CA TYR A 97 6.66 -37.56 1.85
C TYR A 97 7.38 -38.26 3.02
N ARG A 98 8.66 -38.57 2.83
CA ARG A 98 9.58 -39.08 3.88
C ARG A 98 10.30 -37.88 4.53
N TRP A 99 10.22 -37.75 5.85
CA TRP A 99 11.01 -36.74 6.60
C TRP A 99 12.48 -36.85 6.20
N GLU A 100 12.99 -38.07 6.02
CA GLU A 100 14.44 -38.38 6.01
C GLU A 100 15.08 -37.77 4.78
N ASP A 101 14.40 -37.80 3.63
CA ASP A 101 14.99 -37.28 2.38
C ASP A 101 13.94 -36.49 1.58
N GLY A 102 12.71 -36.36 2.09
CA GLY A 102 11.64 -35.61 1.41
C GLY A 102 11.34 -36.20 0.03
N VAL A 103 11.51 -37.51 -0.13
CA VAL A 103 11.10 -38.23 -1.36
C VAL A 103 9.58 -38.43 -1.27
N LEU A 104 8.88 -38.17 -2.39
CA LEU A 104 7.46 -38.54 -2.60
C LEU A 104 7.38 -40.06 -2.84
N CYS A 105 6.72 -40.79 -1.94
CA CYS A 105 6.91 -42.26 -1.78
C CYS A 105 5.55 -42.95 -1.89
N ASP A 106 4.46 -42.22 -1.63
CA ASP A 106 3.08 -42.74 -1.76
C ASP A 106 2.17 -41.57 -2.18
N ILE A 107 1.02 -41.90 -2.75
CA ILE A 107 -0.15 -40.99 -2.96
C ILE A 107 -1.42 -41.80 -2.74
N LEU A 108 -2.09 -41.62 -1.59
CA LEU A 108 -3.28 -42.42 -1.18
C LEU A 108 -4.44 -42.23 -2.14
N THR A 109 -4.46 -41.16 -2.95
CA THR A 109 -5.56 -40.87 -3.91
C THR A 109 -5.28 -41.53 -5.25
N ASN A 110 -4.03 -41.86 -5.55
CA ASN A 110 -3.64 -42.57 -6.79
C ASN A 110 -2.36 -43.36 -6.53
N PRO A 111 -2.50 -44.59 -5.98
CA PRO A 111 -1.35 -45.46 -5.72
C PRO A 111 -0.60 -45.81 -7.00
N THR A 112 -1.21 -45.67 -8.18
CA THR A 112 -0.58 -46.01 -9.50
C THR A 112 -0.02 -44.77 -10.21
N SER A 113 0.23 -43.66 -9.52
CA SER A 113 0.65 -42.39 -10.18
C SER A 113 2.10 -42.49 -10.65
N ALA A 114 2.39 -41.89 -11.80
CA ALA A 114 3.73 -41.70 -12.41
C ALA A 114 4.60 -40.72 -11.59
N GLN A 115 4.05 -40.06 -10.57
CA GLN A 115 4.79 -39.05 -9.79
C GLN A 115 5.57 -39.75 -8.67
N ILE A 116 4.99 -40.79 -8.09
CA ILE A 116 5.56 -41.56 -6.95
C ILE A 116 7.01 -41.97 -7.27
N GLY A 117 7.93 -41.61 -6.38
CA GLY A 117 9.39 -41.87 -6.51
C GLY A 117 10.09 -40.91 -7.46
N ARG A 118 9.36 -40.05 -8.20
CA ARG A 118 9.96 -39.13 -9.21
C ARG A 118 9.96 -37.68 -8.70
N GLN A 119 9.48 -37.40 -7.49
CA GLN A 119 9.44 -36.02 -6.90
C GLN A 119 9.98 -36.02 -5.46
N LYS A 120 10.56 -34.89 -5.07
CA LYS A 120 11.27 -34.72 -3.78
C LYS A 120 10.98 -33.30 -3.23
N LEU A 121 10.29 -33.28 -2.09
CA LEU A 121 10.09 -32.09 -1.23
C LEU A 121 11.48 -31.65 -0.76
N LYS A 122 11.77 -30.35 -0.83
CA LYS A 122 13.04 -29.78 -0.30
C LYS A 122 13.18 -30.10 1.20
N THR A 123 14.40 -30.39 1.64
CA THR A 123 14.73 -30.64 3.06
C THR A 123 15.94 -29.77 3.42
N TYR A 124 16.15 -29.54 4.71
CA TYR A 124 17.30 -28.75 5.21
C TYR A 124 17.95 -29.53 6.33
N PRO A 125 19.30 -29.57 6.36
CA PRO A 125 20.01 -30.16 7.50
C PRO A 125 19.66 -29.44 8.83
N VAL A 126 19.28 -30.25 9.83
CA VAL A 126 19.13 -29.87 11.27
C VAL A 126 20.29 -30.46 12.09
N GLN A 127 20.56 -29.91 13.26
CA GLN A 127 21.68 -30.32 14.16
C GLN A 127 21.41 -29.69 15.52
N GLU A 128 21.22 -30.49 16.57
CA GLU A 128 21.16 -29.95 17.95
C GLU A 128 22.60 -29.72 18.41
N ALA A 129 22.86 -28.58 19.04
CA ALA A 129 24.12 -28.26 19.72
C ALA A 129 23.83 -27.32 20.88
N LYS A 130 24.42 -27.58 22.05
CA LYS A 130 24.32 -26.77 23.28
C LYS A 130 22.86 -26.50 23.65
N GLY A 131 21.99 -27.48 23.41
CA GLY A 131 20.55 -27.39 23.72
C GLY A 131 19.78 -26.54 22.70
N CYS A 132 20.41 -26.18 21.58
CA CYS A 132 19.86 -25.30 20.51
C CYS A 132 19.62 -26.07 19.21
N VAL A 133 18.47 -25.87 18.57
CA VAL A 133 18.16 -26.41 17.21
C VAL A 133 18.67 -25.43 16.15
N PHE A 134 19.63 -25.85 15.32
CA PHE A 134 20.25 -25.10 14.22
C PHE A 134 19.81 -25.70 12.88
N ILE A 135 19.25 -24.90 11.98
CA ILE A 135 18.87 -25.32 10.59
C ILE A 135 19.88 -24.70 9.62
N TYR A 136 20.40 -25.48 8.67
CA TYR A 136 21.25 -24.97 7.58
C TYR A 136 20.29 -24.57 6.46
N LEU A 137 19.99 -23.27 6.33
CA LEU A 137 19.04 -22.78 5.29
C LEU A 137 19.90 -22.56 4.06
N GLY A 138 20.06 -23.65 3.32
CA GLY A 138 21.13 -23.78 2.31
C GLY A 138 20.96 -25.01 1.44
N ASP A 139 21.78 -25.08 0.41
CA ASP A 139 21.73 -26.14 -0.62
C ASP A 139 23.01 -26.96 -0.50
N GLY A 140 22.94 -28.26 -0.84
CA GLY A 140 24.13 -29.14 -0.86
C GLY A 140 24.54 -29.51 0.55
N ASP A 141 25.77 -30.00 0.69
CA ASP A 141 26.28 -30.58 1.97
C ASP A 141 26.65 -29.43 2.91
N PRO A 142 26.17 -29.45 4.16
CA PRO A 142 26.42 -28.35 5.08
C PRO A 142 27.90 -28.25 5.42
N PRO A 143 28.39 -27.08 5.84
CA PRO A 143 29.72 -26.96 6.44
C PRO A 143 29.60 -27.38 7.90
N PRO A 144 30.70 -27.44 8.67
CA PRO A 144 30.62 -27.72 10.10
C PRO A 144 29.96 -26.50 10.76
N LEU A 145 29.09 -26.76 11.74
CA LEU A 145 28.37 -25.77 12.57
C LEU A 145 29.32 -24.67 13.04
N ALA A 146 30.54 -25.02 13.42
CA ALA A 146 31.52 -24.09 14.03
C ALA A 146 31.84 -22.90 13.11
N ARG A 147 31.64 -23.03 11.79
CA ARG A 147 31.93 -21.93 10.83
C ARG A 147 31.02 -20.74 11.16
N ASP A 148 29.77 -21.01 11.58
CA ASP A 148 28.65 -20.05 11.73
C ASP A 148 28.28 -19.89 13.21
N THR A 149 29.17 -20.30 14.12
CA THR A 149 29.10 -20.05 15.58
C THR A 149 30.32 -19.24 15.94
N PRO A 150 30.24 -18.35 16.95
CA PRO A 150 31.39 -17.59 17.40
C PRO A 150 32.37 -18.45 18.18
N PRO A 151 33.64 -18.01 18.33
CA PRO A 151 34.58 -18.73 19.18
C PRO A 151 33.96 -19.08 20.53
N ASN A 152 34.03 -20.37 20.89
CA ASN A 152 33.96 -20.91 22.27
C ASN A 152 32.52 -21.32 22.58
N PHE A 153 31.62 -21.14 21.62
CA PHE A 153 30.20 -21.46 21.80
C PHE A 153 30.07 -22.97 22.06
N LEU A 154 30.87 -23.76 21.34
CA LEU A 154 30.76 -25.25 21.27
C LEU A 154 31.78 -25.95 22.21
N ASP A 155 32.70 -25.22 22.85
CA ASP A 155 33.58 -25.72 23.95
C ASP A 155 32.78 -26.66 24.85
N ASP A 156 33.26 -27.90 25.08
CA ASP A 156 32.59 -28.95 25.92
C ASP A 156 32.18 -28.45 27.31
N ASP A 157 33.00 -27.62 27.95
CA ASP A 157 32.76 -27.13 29.34
C ASP A 157 31.63 -26.08 29.35
N MET A 158 31.41 -25.37 28.22
CA MET A 158 30.51 -24.19 28.10
C MET A 158 29.04 -24.64 28.21
N GLU A 159 28.42 -24.33 29.35
CA GLU A 159 26.96 -24.51 29.59
C GLU A 159 26.25 -23.28 28.97
N ILE A 160 25.40 -23.52 27.97
CA ILE A 160 24.62 -22.49 27.25
C ILE A 160 23.19 -22.51 27.78
N LEU A 161 22.75 -21.40 28.37
CA LEU A 161 21.32 -21.14 28.72
C LEU A 161 20.87 -19.87 27.98
N GLY A 162 19.58 -19.73 27.66
CA GLY A 162 19.11 -18.54 26.93
C GLY A 162 17.63 -18.52 26.65
N LYS A 163 17.23 -17.67 25.71
CA LYS A 163 15.79 -17.44 25.41
C LYS A 163 15.64 -16.82 24.02
N ASN A 164 14.43 -16.90 23.51
CA ASN A 164 14.16 -16.65 22.09
C ASN A 164 12.76 -16.07 21.97
N GLN A 165 12.64 -15.11 21.06
CA GLN A 165 11.36 -14.43 20.76
C GLN A 165 11.46 -13.77 19.38
N ILE A 166 10.30 -13.43 18.86
CA ILE A 166 10.10 -12.78 17.53
C ILE A 166 10.05 -11.27 17.73
N ILE A 167 11.03 -10.57 17.14
CA ILE A 167 11.10 -9.08 17.22
C ILE A 167 10.74 -8.52 15.84
N LYS A 168 9.97 -7.42 15.82
CA LYS A 168 9.42 -6.78 14.60
C LYS A 168 10.42 -5.73 14.13
N SER A 169 11.54 -6.19 13.61
CA SER A 169 12.56 -5.36 12.93
C SER A 169 13.27 -6.29 11.95
N ASN A 170 13.82 -5.72 10.89
CA ASN A 170 14.75 -6.44 10.01
C ASN A 170 15.96 -6.86 10.84
N TRP A 171 16.49 -8.02 10.53
CA TRP A 171 17.62 -8.67 11.25
C TRP A 171 18.81 -7.75 11.19
N ARG A 172 18.99 -6.99 10.10
CA ARG A 172 20.21 -6.15 9.99
C ARG A 172 20.19 -5.02 11.01
N LEU A 173 19.01 -4.53 11.39
CA LEU A 173 18.94 -3.40 12.35
C LEU A 173 19.33 -3.94 13.74
N ALA A 174 18.99 -5.21 14.00
CA ALA A 174 19.34 -5.89 15.26
C ALA A 174 20.86 -6.07 15.33
N VAL A 175 21.44 -6.59 14.27
CA VAL A 175 22.90 -6.81 14.16
C VAL A 175 23.58 -5.50 14.49
N GLU A 176 23.24 -4.43 13.77
CA GLU A 176 24.02 -3.17 13.83
C GLU A 176 23.88 -2.56 15.22
N ASN A 177 22.69 -2.64 15.82
CA ASN A 177 22.44 -2.11 17.17
C ASN A 177 23.35 -2.88 18.16
N GLY A 178 23.44 -4.22 18.04
CA GLY A 178 24.28 -5.09 18.87
C GLY A 178 25.74 -4.66 18.84
N PHE A 179 26.26 -4.40 17.65
CA PHE A 179 27.71 -4.25 17.39
C PHE A 179 28.09 -2.77 17.47
N ASP A 180 27.13 -1.93 17.83
CA ASP A 180 27.28 -0.46 17.73
C ASP A 180 27.97 0.06 18.99
N PRO A 181 29.23 0.51 18.92
CA PRO A 181 29.96 0.90 20.13
C PRO A 181 29.35 2.11 20.86
N SER A 182 28.78 3.09 20.15
CA SER A 182 28.17 4.28 20.81
C SER A 182 26.76 4.00 21.36
N HIS A 183 26.15 2.87 21.04
CA HIS A 183 24.73 2.61 21.40
C HIS A 183 24.62 2.40 22.91
N ILE A 184 25.74 2.24 23.62
CA ILE A 184 25.74 1.98 25.09
C ILE A 184 25.01 3.12 25.82
N TYR A 185 24.99 4.32 25.26
CA TYR A 185 24.16 5.43 25.80
C TYR A 185 22.76 4.94 26.21
N ILE A 186 22.13 4.06 25.43
CA ILE A 186 20.72 3.66 25.71
C ILE A 186 20.63 2.83 27.00
N HIS A 187 21.75 2.23 27.45
CA HIS A 187 21.80 1.28 28.60
C HIS A 187 22.11 2.02 29.90
N LYS A 188 22.26 3.34 29.86
CA LYS A 188 22.87 4.12 30.95
C LYS A 188 22.02 4.00 32.22
N ASP A 189 20.72 3.65 32.12
CA ASP A 189 19.82 3.53 33.29
C ASP A 189 19.34 2.09 33.51
N SER A 190 20.04 1.08 32.97
CA SER A 190 19.66 -0.34 33.14
C SER A 190 19.76 -0.76 34.62
N ILE A 191 18.78 -1.50 35.13
CA ILE A 191 18.82 -2.09 36.51
C ILE A 191 20.13 -2.86 36.65
N LEU A 192 20.57 -3.56 35.59
CA LEU A 192 21.80 -4.39 35.57
C LEU A 192 23.01 -3.55 35.97
N VAL A 193 23.15 -2.34 35.43
CA VAL A 193 24.34 -1.47 35.62
C VAL A 193 24.50 -1.15 37.12
N LYS A 194 23.41 -0.77 37.78
CA LYS A 194 23.37 -0.40 39.22
C LYS A 194 23.53 -1.68 40.06
N ASP A 195 22.61 -2.62 39.89
CA ASP A 195 22.44 -3.82 40.76
C ASP A 195 23.56 -4.84 40.53
N ASN A 196 24.34 -4.74 39.44
CA ASN A 196 25.52 -5.61 39.24
C ASN A 196 26.79 -4.76 39.20
N ASP A 197 26.71 -3.51 39.63
CA ASP A 197 27.91 -2.64 39.84
C ASP A 197 28.81 -2.61 38.58
N LEU A 198 28.23 -2.33 37.42
CA LEU A 198 28.99 -2.30 36.14
C LEU A 198 29.63 -0.92 35.97
N ALA A 199 30.86 -0.88 35.46
CA ALA A 199 31.43 0.33 34.85
C ALA A 199 30.83 0.44 33.45
N LEU A 200 30.07 1.49 33.16
CA LEU A 200 29.50 1.73 31.79
C LEU A 200 29.69 3.20 31.42
N PRO A 201 30.62 3.51 30.49
CA PRO A 201 30.74 4.88 30.01
C PRO A 201 29.53 5.22 29.10
N LEU A 202 29.42 6.50 28.73
CA LEU A 202 28.37 6.99 27.78
C LEU A 202 28.79 6.69 26.33
N GLY A 203 30.11 6.64 26.08
CA GLY A 203 30.70 6.34 24.77
C GLY A 203 32.22 6.38 24.81
N PHE A 204 32.85 6.45 23.64
CA PHE A 204 34.31 6.54 23.44
C PHE A 204 34.62 7.65 22.45
N ALA A 205 35.57 8.52 22.80
CA ALA A 205 36.26 9.42 21.84
C ALA A 205 37.36 8.60 21.15
N PRO A 206 37.22 8.26 19.85
CA PRO A 206 38.20 7.39 19.19
C PRO A 206 39.58 8.05 19.13
N GLY A 207 40.61 7.21 19.03
CA GLY A 207 41.99 7.58 18.71
C GLY A 207 42.58 6.57 17.74
N GLY A 208 43.84 6.80 17.33
CA GLY A 208 44.52 5.93 16.35
C GLY A 208 44.00 6.15 14.94
N ASP A 209 44.22 5.18 14.04
CA ASP A 209 43.80 5.26 12.61
C ASP A 209 42.53 4.39 12.41
N ARG A 210 41.94 4.47 11.22
CA ARG A 210 40.69 3.75 10.87
C ARG A 210 40.86 2.25 11.09
N LYS A 211 41.97 1.68 10.61
CA LYS A 211 42.22 0.21 10.62
C LYS A 211 42.21 -0.30 12.07
N GLN A 212 42.70 0.52 13.01
CA GLN A 212 42.91 0.16 14.43
C GLN A 212 41.57 0.03 15.14
N GLN A 213 40.49 0.61 14.59
CA GLN A 213 39.16 0.61 15.25
C GLN A 213 38.59 -0.81 15.28
N THR A 214 39.09 -1.70 14.41
CA THR A 214 38.55 -3.08 14.32
C THR A 214 39.67 -4.07 13.99
N ARG A 215 39.42 -5.35 14.28
CA ARG A 215 40.19 -6.48 13.73
CA ARG A 215 40.18 -6.51 13.77
C ARG A 215 39.20 -7.36 12.94
N VAL A 216 39.38 -7.38 11.63
CA VAL A 216 38.57 -8.19 10.67
C VAL A 216 39.11 -9.63 10.70
N VAL A 217 38.28 -10.62 11.00
CA VAL A 217 38.72 -12.03 11.07
C VAL A 217 38.39 -12.72 9.75
N ASP A 218 39.42 -12.85 8.91
CA ASP A 218 39.41 -13.53 7.59
C ASP A 218 40.29 -14.78 7.68
N ASP A 219 40.84 -15.10 8.86
CA ASP A 219 42.01 -16.00 9.06
C ASP A 219 41.69 -17.19 9.98
N ASP A 220 40.42 -17.42 10.33
CA ASP A 220 40.03 -18.46 11.32
C ASP A 220 40.14 -19.84 10.63
N VAL A 221 40.79 -20.78 11.30
CA VAL A 221 41.07 -22.15 10.79
C VAL A 221 39.73 -22.84 10.53
N VAL A 222 38.72 -22.58 11.36
CA VAL A 222 37.38 -23.22 11.25
C VAL A 222 36.56 -22.55 10.14
N GLY A 223 37.05 -21.45 9.55
CA GLY A 223 36.41 -20.75 8.42
C GLY A 223 35.46 -19.63 8.84
N ARG A 224 35.28 -19.42 10.16
CA ARG A 224 34.51 -18.31 10.78
C ARG A 224 34.89 -16.98 10.11
N LYS A 225 33.93 -16.06 9.96
CA LYS A 225 34.18 -14.68 9.47
C LYS A 225 33.44 -13.69 10.37
N GLY A 226 34.15 -12.65 10.83
CA GLY A 226 33.61 -11.73 11.83
C GLY A 226 34.51 -10.55 12.06
N VAL A 227 34.10 -9.68 12.98
CA VAL A 227 34.81 -8.41 13.26
C VAL A 227 34.77 -8.20 14.76
N TYR A 228 35.92 -7.82 15.32
CA TYR A 228 36.10 -7.36 16.71
C TYR A 228 36.04 -5.84 16.69
N ASP A 229 35.36 -5.27 17.68
CA ASP A 229 35.32 -3.81 17.92
C ASP A 229 36.51 -3.45 18.81
N LEU A 230 37.46 -2.69 18.30
CA LEU A 230 38.68 -2.31 19.07
C LEU A 230 38.67 -0.82 19.42
N ILE A 231 37.48 -0.19 19.53
CA ILE A 231 37.43 1.27 19.82
C ILE A 231 38.10 1.55 21.18
N GLY A 232 37.99 0.63 22.16
CA GLY A 232 38.57 0.79 23.51
C GLY A 232 40.10 0.84 23.55
N GLU A 233 40.78 0.26 22.55
CA GLU A 233 42.25 0.07 22.51
C GLU A 233 42.99 1.40 22.39
N HIS A 234 42.49 2.35 21.61
CA HIS A 234 43.14 3.68 21.48
C HIS A 234 42.15 4.78 21.87
N GLY A 235 40.96 4.40 22.35
CA GLY A 235 39.86 5.33 22.61
C GLY A 235 39.87 5.86 24.03
N VAL A 236 39.28 7.04 24.23
CA VAL A 236 39.08 7.67 25.56
C VAL A 236 37.63 7.45 25.95
N PRO A 237 37.36 6.59 26.97
CA PRO A 237 36.01 6.48 27.51
C PRO A 237 35.49 7.84 28.00
N VAL A 238 34.19 8.08 27.76
CA VAL A 238 33.46 9.33 28.11
C VAL A 238 32.52 8.99 29.26
N PHE A 239 32.76 9.57 30.44
CA PHE A 239 31.96 9.36 31.68
C PHE A 239 31.19 10.62 32.05
N GLU A 240 31.51 11.76 31.44
CA GLU A 240 30.76 13.02 31.65
C GLU A 240 30.19 13.48 30.30
N GLY A 241 28.87 13.53 30.18
CA GLY A 241 28.19 14.13 29.01
C GLY A 241 27.96 15.59 29.26
N THR A 242 28.49 16.45 28.40
CA THR A 242 28.30 17.92 28.50
C THR A 242 27.48 18.43 27.29
N ILE A 243 26.70 19.47 27.55
CA ILE A 243 26.07 20.31 26.50
C ILE A 243 26.49 21.74 26.81
N GLY A 244 27.23 22.38 25.89
CA GLY A 244 27.74 23.75 26.04
C GLY A 244 28.59 23.92 27.30
N GLY A 245 29.48 22.97 27.56
CA GLY A 245 30.43 23.06 28.70
C GLY A 245 29.88 22.43 29.97
N GLU A 246 28.55 22.44 30.18
CA GLU A 246 27.88 22.00 31.43
C GLU A 246 27.59 20.50 31.37
N VAL A 247 27.92 19.81 32.47
CA VAL A 247 27.69 18.36 32.69
C VAL A 247 26.18 18.16 32.82
N VAL A 248 25.60 17.26 32.03
CA VAL A 248 24.13 17.02 32.06
C VAL A 248 23.89 15.55 32.39
N ARG A 249 24.91 14.71 32.25
CA ARG A 249 24.76 13.25 32.49
C ARG A 249 26.13 12.66 32.86
N GLU A 250 26.16 11.66 33.72
CA GLU A 250 27.39 10.88 33.99
C GLU A 250 27.18 9.41 33.65
N GLY A 251 28.28 8.74 33.26
CA GLY A 251 28.39 7.28 33.12
C GLY A 251 28.29 6.56 34.46
N ALA A 252 28.34 5.23 34.44
CA ALA A 252 28.28 4.38 35.64
C ALA A 252 29.72 4.00 36.04
N TYR A 253 30.10 4.30 37.29
CA TYR A 253 31.46 4.15 37.85
C TYR A 253 31.55 2.93 38.77
N GLY A 254 30.93 1.80 38.40
CA GLY A 254 30.99 0.55 39.20
C GLY A 254 32.34 -0.14 39.05
N GLU A 255 32.55 -1.22 39.82
CA GLU A 255 33.82 -1.99 39.89
C GLU A 255 33.94 -2.92 38.68
N LYS A 256 32.85 -3.59 38.27
CA LYS A 256 32.94 -4.74 37.34
C LYS A 256 33.10 -4.24 35.90
N ILE A 257 34.27 -4.45 35.31
CA ILE A 257 34.50 -4.16 33.88
C ILE A 257 34.05 -5.40 33.09
N VAL A 258 33.15 -5.18 32.13
CA VAL A 258 32.55 -6.23 31.27
C VAL A 258 32.75 -5.82 29.80
N ALA A 259 32.47 -6.75 28.88
CA ALA A 259 32.41 -6.50 27.43
C ALA A 259 33.76 -5.97 26.93
N ASN A 260 34.87 -6.57 27.34
CA ASN A 260 36.22 -6.14 26.86
C ASN A 260 36.41 -6.67 25.43
N ASP A 261 35.68 -7.71 25.07
CA ASP A 261 35.85 -8.50 23.83
C ASP A 261 34.48 -8.47 23.11
N ILE A 262 34.27 -7.60 22.09
CA ILE A 262 32.96 -7.56 21.36
C ILE A 262 33.19 -7.95 19.90
N SER A 263 32.55 -9.03 19.44
CA SER A 263 32.74 -9.55 18.07
C SER A 263 31.40 -9.87 17.40
N ILE A 264 31.26 -9.57 16.10
CA ILE A 264 30.06 -10.00 15.31
C ILE A 264 30.57 -10.95 14.23
N TRP A 265 29.83 -12.04 14.00
CA TRP A 265 30.19 -13.10 13.02
C TRP A 265 29.03 -13.31 12.05
N LEU A 266 29.35 -13.57 10.78
CA LEU A 266 28.38 -14.19 9.83
C LEU A 266 27.88 -15.49 10.48
N PRO A 267 26.61 -15.88 10.30
CA PRO A 267 25.63 -15.11 9.52
C PRO A 267 24.94 -13.92 10.20
N GLY A 268 25.21 -13.70 11.51
CA GLY A 268 24.59 -12.61 12.30
C GLY A 268 24.48 -13.00 13.75
N VAL A 269 25.63 -13.06 14.43
CA VAL A 269 25.68 -13.50 15.84
C VAL A 269 26.77 -12.69 16.54
N LEU A 270 26.37 -12.05 17.63
CA LEU A 270 27.22 -11.19 18.46
C LEU A 270 27.74 -12.05 19.63
N LYS A 271 29.01 -11.85 20.00
CA LYS A 271 29.64 -12.41 21.22
C LYS A 271 30.15 -11.25 22.07
N VAL A 272 29.66 -11.13 23.31
CA VAL A 272 30.14 -10.14 24.32
C VAL A 272 30.73 -10.90 25.51
N ASN A 273 32.01 -10.66 25.78
CA ASN A 273 32.85 -11.44 26.72
C ASN A 273 33.75 -10.49 27.49
N PRO A 274 33.66 -10.41 28.83
CA PRO A 274 32.66 -11.15 29.60
C PRO A 274 31.34 -10.36 29.71
N PHE A 275 30.20 -11.03 29.84
CA PHE A 275 28.88 -10.39 30.02
C PHE A 275 27.84 -11.41 30.47
N PRO A 276 26.87 -11.05 31.35
CA PRO A 276 26.83 -9.76 32.05
C PRO A 276 27.63 -9.70 33.38
N ASN A 277 28.49 -10.70 33.61
CA ASN A 277 29.37 -10.79 34.80
C ASN A 277 30.73 -11.33 34.33
N PRO A 278 31.86 -10.95 34.97
CA PRO A 278 33.19 -11.39 34.54
C PRO A 278 33.44 -12.90 34.32
N ASP A 279 32.59 -13.79 34.82
CA ASP A 279 32.77 -15.28 34.69
C ASP A 279 31.96 -15.85 33.51
N MET A 280 31.34 -14.98 32.72
CA MET A 280 30.26 -15.33 31.75
C MET A 280 30.49 -14.64 30.40
N MET A 281 29.91 -15.16 29.33
CA MET A 281 29.90 -14.44 28.04
C MET A 281 28.50 -14.55 27.43
N GLN A 282 28.17 -13.65 26.50
CA GLN A 282 26.83 -13.55 25.87
C GLN A 282 27.00 -13.83 24.38
N PHE A 283 26.22 -14.77 23.86
CA PHE A 283 26.15 -15.07 22.40
C PHE A 283 24.72 -14.76 21.95
N GLU A 284 24.52 -13.82 21.02
CA GLU A 284 23.13 -13.58 20.56
C GLU A 284 23.06 -13.53 19.04
N TRP A 285 22.02 -14.20 18.52
CA TRP A 285 21.70 -14.32 17.08
C TRP A 285 20.54 -13.36 16.74
N TYR A 286 20.59 -12.86 15.51
CA TYR A 286 19.50 -12.07 14.91
C TYR A 286 19.11 -12.79 13.63
N VAL A 287 18.13 -13.67 13.74
CA VAL A 287 17.84 -14.72 12.73
C VAL A 287 16.73 -14.20 11.83
N PRO A 288 16.95 -14.01 10.51
CA PRO A 288 15.89 -13.56 9.60
C PRO A 288 14.69 -14.52 9.48
N ILE A 289 13.51 -14.02 9.82
CA ILE A 289 12.22 -14.73 9.64
C ILE A 289 11.61 -14.24 8.32
N ASP A 290 11.49 -12.92 8.15
CA ASP A 290 11.10 -12.28 6.88
C ASP A 290 11.77 -10.90 6.84
N GLU A 291 11.31 -10.02 5.97
CA GLU A 291 12.02 -8.74 5.75
C GLU A 291 11.81 -7.85 6.97
N ASN A 292 10.72 -8.06 7.69
CA ASN A 292 10.28 -7.18 8.80
C ASN A 292 10.58 -7.80 10.18
N THR A 293 11.06 -9.05 10.26
CA THR A 293 11.02 -9.89 11.49
C THR A 293 12.31 -10.70 11.66
N HIS A 294 12.73 -10.90 12.91
CA HIS A 294 13.85 -11.78 13.32
C HIS A 294 13.54 -12.49 14.65
N TYR A 295 14.19 -13.65 14.86
CA TYR A 295 14.32 -14.27 16.19
C TYR A 295 15.44 -13.53 16.90
N TYR A 296 15.14 -13.05 18.09
CA TYR A 296 16.20 -12.55 19.01
C TYR A 296 16.56 -13.73 19.92
N PHE A 297 17.56 -14.50 19.46
CA PHE A 297 18.00 -15.79 20.10
C PHE A 297 19.18 -15.47 21.02
N GLN A 298 18.87 -15.21 22.29
CA GLN A 298 19.87 -14.80 23.30
C GLN A 298 20.38 -16.04 24.03
N THR A 299 21.69 -16.13 24.24
CA THR A 299 22.29 -17.15 25.15
C THR A 299 23.35 -16.52 26.04
N LEU A 300 23.50 -17.07 27.24
CA LEU A 300 24.64 -16.82 28.16
C LEU A 300 25.42 -18.13 28.38
N GLY A 301 26.74 -18.06 28.23
CA GLY A 301 27.67 -19.18 28.42
C GLY A 301 28.48 -19.03 29.70
N LYS A 302 28.74 -20.16 30.36
CA LYS A 302 29.66 -20.25 31.52
C LYS A 302 30.34 -21.60 31.51
N PRO A 303 31.68 -21.67 31.56
CA PRO A 303 32.37 -22.95 31.77
C PRO A 303 31.89 -23.61 33.09
N CYS A 304 31.57 -24.89 33.02
CA CYS A 304 31.03 -25.71 34.14
C CYS A 304 31.62 -27.13 34.07
N ALA A 305 32.65 -27.37 34.90
CA ALA A 305 33.52 -28.58 34.89
C ALA A 305 32.84 -29.78 35.59
N ASN A 306 31.71 -29.58 36.28
CA ASN A 306 31.00 -30.67 37.00
C ASN A 306 29.49 -30.36 37.10
N ASP A 307 28.71 -31.32 37.62
CA ASP A 307 27.22 -31.29 37.64
C ASP A 307 26.69 -30.43 38.79
N GLU A 308 27.57 -30.03 39.72
CA GLU A 308 27.21 -29.10 40.82
C GLU A 308 27.18 -27.67 40.25
N GLU A 309 28.20 -27.29 39.48
CA GLU A 309 28.40 -25.93 38.89
C GLU A 309 27.28 -25.61 37.89
N ARG A 310 26.91 -26.59 37.06
CA ARG A 310 25.76 -26.52 36.11
C ARG A 310 24.49 -26.13 36.90
N LYS A 311 24.17 -26.85 37.98
CA LYS A 311 22.98 -26.61 38.83
C LYS A 311 23.05 -25.21 39.47
N LYS A 312 24.25 -24.76 39.82
CA LYS A 312 24.52 -23.45 40.47
C LYS A 312 24.22 -22.34 39.46
N TYR A 313 24.65 -22.53 38.21
CA TYR A 313 24.48 -21.58 37.08
C TYR A 313 23.00 -21.46 36.70
N GLU A 314 22.32 -22.60 36.44
CA GLU A 314 20.90 -22.64 35.97
C GLU A 314 19.99 -21.97 37.01
N GLN A 315 20.39 -21.93 38.28
CA GLN A 315 19.58 -21.33 39.36
C GLN A 315 19.74 -19.80 39.32
N GLU A 316 20.94 -19.29 39.04
CA GLU A 316 21.20 -17.81 39.04
C GLU A 316 20.85 -17.22 37.66
N PHE A 317 20.88 -18.03 36.59
CA PHE A 317 20.30 -17.68 35.27
C PHE A 317 18.80 -17.37 35.44
N GLU A 318 18.06 -18.26 36.10
CA GLU A 318 16.58 -18.16 36.18
C GLU A 318 16.18 -17.07 37.17
N SER A 319 17.00 -16.81 38.18
CA SER A 319 16.65 -15.90 39.30
C SER A 319 17.29 -14.53 39.09
N LYS A 320 18.47 -14.46 38.48
CA LYS A 320 19.22 -13.18 38.31
C LYS A 320 19.37 -12.80 36.83
N TRP A 321 20.12 -13.55 36.04
CA TRP A 321 20.69 -13.10 34.74
C TRP A 321 19.62 -12.97 33.64
N LYS A 322 18.69 -13.91 33.55
CA LYS A 322 17.58 -13.82 32.57
C LYS A 322 16.85 -12.51 32.82
N PRO A 323 16.21 -12.28 33.98
CA PRO A 323 15.38 -11.09 34.17
C PRO A 323 16.16 -9.79 34.36
N MET A 324 17.42 -9.85 34.77
CA MET A 324 18.24 -8.63 35.01
C MET A 324 19.02 -8.27 33.74
N ALA A 325 19.54 -9.25 33.01
CA ALA A 325 20.42 -9.03 31.84
C ALA A 325 19.64 -9.27 30.53
N LEU A 326 19.15 -10.47 30.26
CA LEU A 326 18.54 -10.80 28.94
C LEU A 326 17.28 -9.95 28.71
N GLU A 327 16.65 -9.50 29.80
CA GLU A 327 15.42 -8.68 29.79
C GLU A 327 15.74 -7.27 30.29
N GLY A 328 16.26 -7.10 31.50
CA GLY A 328 16.42 -5.74 32.08
C GLY A 328 17.51 -4.92 31.40
N PHE A 329 18.42 -5.54 30.65
CA PHE A 329 19.45 -4.78 29.88
C PHE A 329 19.08 -4.75 28.39
N ASN A 330 18.79 -5.91 27.78
CA ASN A 330 18.59 -6.05 26.31
C ASN A 330 17.21 -5.53 25.87
N ASN A 331 16.25 -5.35 26.79
CA ASN A 331 14.90 -4.85 26.43
C ASN A 331 15.04 -3.47 25.76
N ASP A 332 15.99 -2.67 26.20
CA ASP A 332 16.22 -1.35 25.55
C ASP A 332 16.72 -1.56 24.11
N ASP A 333 17.44 -2.64 23.81
CA ASP A 333 17.94 -2.93 22.44
C ASP A 333 16.77 -3.25 21.51
N ILE A 334 15.74 -3.93 22.01
CA ILE A 334 14.52 -4.30 21.23
C ILE A 334 13.85 -3.03 20.69
N TRP A 335 13.53 -2.02 21.52
CA TRP A 335 12.79 -0.85 21.01
C TRP A 335 13.74 0.09 20.28
N ALA A 336 15.05 0.05 20.54
CA ALA A 336 16.01 0.83 19.73
C ALA A 336 15.96 0.36 18.26
N ARG A 337 16.04 -0.96 18.06
CA ARG A 337 15.93 -1.62 16.74
C ARG A 337 14.61 -1.21 16.09
N GLU A 338 13.50 -1.36 16.81
CA GLU A 338 12.16 -1.09 16.25
C GLU A 338 12.08 0.37 15.76
N ALA A 339 12.82 1.29 16.41
CA ALA A 339 12.80 2.73 16.12
C ALA A 339 13.54 3.06 14.81
N MET A 340 14.40 2.17 14.31
CA MET A 340 15.14 2.38 13.03
C MET A 340 14.31 1.85 11.84
N VAL A 341 13.21 1.13 12.07
CA VAL A 341 12.42 0.43 11.02
C VAL A 341 12.08 1.43 9.90
N ASP A 342 11.42 2.53 10.24
CA ASP A 342 10.75 3.43 9.26
C ASP A 342 11.80 4.02 8.32
N PHE A 343 12.95 4.39 8.85
CA PHE A 343 14.00 5.06 8.06
C PHE A 343 14.61 4.10 7.02
N TYR A 344 14.68 2.80 7.34
CA TYR A 344 15.27 1.77 6.46
C TYR A 344 14.21 1.03 5.65
N ALA A 345 12.92 1.24 5.91
CA ALA A 345 11.79 0.43 5.39
C ALA A 345 11.64 0.60 3.86
N ASP A 346 11.94 1.77 3.33
CA ASP A 346 11.83 2.10 1.89
C ASP A 346 13.21 1.89 1.24
N ASP A 347 14.16 1.33 2.01
CA ASP A 347 15.59 1.14 1.63
C ASP A 347 16.35 2.46 1.50
N LYS A 348 15.77 3.64 1.82
CA LYS A 348 16.48 4.93 1.55
C LYS A 348 17.41 5.28 2.72
N GLY A 349 17.13 4.79 3.92
CA GLY A 349 18.06 4.96 5.06
C GLY A 349 19.47 4.52 4.73
N TRP A 350 19.63 3.46 3.92
CA TRP A 350 20.97 2.95 3.51
C TRP A 350 21.70 4.03 2.69
N VAL A 351 20.98 5.06 2.20
CA VAL A 351 21.62 6.16 1.43
C VAL A 351 21.71 7.40 2.31
N ASN A 352 20.71 7.64 3.14
CA ASN A 352 20.50 8.97 3.78
C ASN A 352 21.09 9.06 5.19
N GLU A 353 21.47 7.93 5.78
CA GLU A 353 22.09 7.88 7.14
C GLU A 353 23.32 8.78 7.13
N ILE A 354 23.51 9.55 8.18
CA ILE A 354 24.76 10.35 8.34
C ILE A 354 25.62 9.70 9.44
N LEU A 355 26.67 8.96 9.06
CA LEU A 355 27.47 8.16 10.03
C LEU A 355 28.45 9.08 10.76
N PHE A 356 28.92 8.64 11.95
CA PHE A 356 30.03 9.29 12.70
C PHE A 356 31.05 8.21 13.08
N GLU A 357 32.08 8.56 13.84
CA GLU A 357 33.38 7.81 13.90
C GLU A 357 33.22 6.39 14.46
N SER A 358 32.40 6.19 15.51
CA SER A 358 32.16 4.85 16.09
C SER A 358 31.44 3.91 15.10
N ASP A 359 30.90 4.43 13.99
CA ASP A 359 30.22 3.60 12.96
C ASP A 359 31.27 2.91 12.09
N GLU A 360 32.56 3.19 12.29
CA GLU A 360 33.65 2.44 11.62
C GLU A 360 33.42 0.94 11.81
N ALA A 361 33.12 0.51 13.03
CA ALA A 361 32.84 -0.91 13.36
C ALA A 361 31.64 -1.42 12.53
N ILE A 362 30.59 -0.64 12.37
CA ILE A 362 29.42 -1.10 11.55
C ILE A 362 29.85 -1.19 10.06
N VAL A 363 30.61 -0.24 9.58
CA VAL A 363 31.10 -0.26 8.15
C VAL A 363 31.95 -1.51 7.91
N ALA A 364 32.87 -1.84 8.82
CA ALA A 364 33.68 -3.08 8.76
C ALA A 364 32.78 -4.32 8.70
N TRP A 365 31.76 -4.42 9.54
CA TRP A 365 30.79 -5.55 9.49
C TRP A 365 30.10 -5.59 8.11
N ARG A 366 29.70 -4.44 7.55
CA ARG A 366 28.94 -4.40 6.26
C ARG A 366 29.85 -4.93 5.13
N LYS A 367 31.11 -4.53 5.10
CA LYS A 367 32.11 -5.00 4.10
C LYS A 367 32.33 -6.51 4.31
N LEU A 368 32.65 -6.92 5.54
CA LEU A 368 32.84 -8.36 5.92
C LEU A 368 31.68 -9.16 5.38
N ALA A 369 30.45 -8.76 5.74
CA ALA A 369 29.23 -9.50 5.39
C ALA A 369 29.06 -9.50 3.87
N SER A 370 29.40 -8.40 3.21
CA SER A 370 29.25 -8.27 1.73
C SER A 370 30.19 -9.27 1.04
N GLU A 371 31.44 -9.40 1.53
CA GLU A 371 32.53 -10.18 0.87
C GLU A 371 32.45 -11.69 1.21
N HIS A 372 31.94 -12.09 2.37
CA HIS A 372 32.12 -13.46 2.91
C HIS A 372 30.80 -14.18 3.18
N ASN A 373 29.65 -13.59 2.86
CA ASN A 373 28.36 -14.33 2.93
C ASN A 373 28.40 -15.43 1.85
N GLN A 374 27.59 -16.46 2.03
CA GLN A 374 27.50 -17.69 1.20
C GLN A 374 26.27 -17.62 0.27
N GLY A 375 25.71 -16.44 0.07
CA GLY A 375 24.52 -16.27 -0.80
C GLY A 375 23.51 -15.28 -0.25
N ILE A 376 22.77 -14.65 -1.15
CA ILE A 376 21.65 -13.74 -0.86
C ILE A 376 20.34 -14.51 -1.02
N GLN A 377 19.54 -14.63 0.04
CA GLN A 377 18.16 -15.17 -0.07
C GLN A 377 17.31 -14.22 -0.92
N THR A 378 16.54 -14.73 -1.88
CA THR A 378 15.70 -13.93 -2.79
C THR A 378 14.27 -14.44 -2.72
N GLN A 379 13.30 -13.59 -3.03
CA GLN A 379 11.86 -13.95 -3.08
C GLN A 379 11.67 -15.16 -4.00
N ALA A 380 12.60 -15.37 -4.94
CA ALA A 380 12.69 -16.54 -5.85
C ALA A 380 12.85 -17.84 -5.05
N HIS A 381 13.81 -17.88 -4.11
CA HIS A 381 13.95 -18.94 -3.10
C HIS A 381 12.63 -19.08 -2.31
N VAL A 382 12.05 -17.99 -1.82
CA VAL A 382 10.83 -18.08 -0.97
C VAL A 382 9.71 -18.76 -1.77
N SER A 383 9.39 -18.28 -2.98
CA SER A 383 8.26 -18.82 -3.79
C SER A 383 8.68 -20.14 -4.49
N GLY A 384 9.97 -20.50 -4.44
CA GLY A 384 10.51 -21.85 -4.70
C GLY A 384 10.83 -22.07 -6.18
N LEU A 385 11.52 -21.11 -6.80
CA LEU A 385 11.84 -21.12 -8.25
C LEU A 385 13.35 -21.34 -8.44
N GLU A 386 14.07 -21.87 -7.44
CA GLU A 386 15.55 -22.10 -7.55
C GLU A 386 16.04 -23.17 -6.54
N HIS A 387 16.78 -24.17 -7.08
CA HIS A 387 17.61 -25.21 -6.39
C HIS A 387 16.79 -26.30 -5.68
N HIS A 388 15.61 -26.62 -6.20
CA HIS A 388 14.73 -27.74 -5.75
C HIS A 388 15.08 -29.00 -6.57
N HIS A 389 14.32 -30.08 -6.39
CA HIS A 389 14.32 -31.30 -7.25
C HIS A 389 13.35 -31.09 -8.42
N HIS A 390 13.73 -31.53 -9.62
CA HIS A 390 12.93 -31.47 -10.88
C HIS A 390 11.63 -32.25 -10.74
N ALA B 2 6.42 14.69 -9.36
CA ALA B 2 6.22 13.31 -9.86
C ALA B 2 5.66 12.47 -8.72
N ASN B 3 4.48 12.85 -8.22
CA ASN B 3 3.70 12.03 -7.25
C ASN B 3 2.70 11.16 -8.02
N VAL B 4 2.46 11.45 -9.31
CA VAL B 4 1.36 10.84 -10.11
C VAL B 4 1.90 10.29 -11.44
N ASP B 5 1.38 9.16 -11.91
CA ASP B 5 1.66 8.63 -13.28
C ASP B 5 1.72 9.79 -14.27
N GLU B 6 2.81 9.85 -15.05
CA GLU B 6 3.07 10.97 -15.99
C GLU B 6 1.98 11.02 -17.07
N ALA B 7 1.39 9.89 -17.41
CA ALA B 7 0.34 9.76 -18.46
C ALA B 7 -0.94 10.45 -17.95
N ILE B 8 -1.25 10.33 -16.66
CA ILE B 8 -2.39 11.09 -16.06
C ILE B 8 -2.06 12.57 -16.11
N LEU B 9 -0.83 12.96 -15.76
CA LEU B 9 -0.47 14.40 -15.68
C LEU B 9 -0.55 15.02 -17.09
N LYS B 10 -0.17 14.26 -18.12
CA LYS B 10 -0.21 14.69 -19.56
C LYS B 10 -1.66 15.01 -19.96
N ARG B 11 -2.62 14.27 -19.42
CA ARG B 11 -4.06 14.41 -19.77
C ARG B 11 -4.66 15.66 -19.09
N VAL B 12 -4.29 15.99 -17.86
CA VAL B 12 -4.95 17.11 -17.11
C VAL B 12 -4.17 18.40 -17.35
N LYS B 13 -4.21 18.88 -18.59
CA LYS B 13 -3.44 20.06 -19.07
C LYS B 13 -3.85 21.31 -18.31
N GLY B 14 -5.09 21.40 -17.86
CA GLY B 14 -5.56 22.60 -17.15
C GLY B 14 -4.96 22.73 -15.75
N TRP B 15 -4.54 21.65 -15.11
CA TRP B 15 -4.22 21.76 -13.65
C TRP B 15 -3.34 20.60 -13.19
N ALA B 16 -2.30 20.30 -13.96
CA ALA B 16 -1.35 19.21 -13.73
C ALA B 16 -0.70 19.34 -12.34
N PRO B 17 -0.20 20.52 -11.96
CA PRO B 17 0.50 20.67 -10.68
C PRO B 17 -0.42 20.31 -9.51
N TYR B 18 -1.68 20.72 -9.56
CA TYR B 18 -2.66 20.43 -8.50
C TYR B 18 -2.88 18.92 -8.38
N VAL B 19 -3.03 18.20 -9.49
CA VAL B 19 -3.24 16.73 -9.48
C VAL B 19 -1.99 16.02 -8.95
N ASP B 20 -0.82 16.64 -9.15
CA ASP B 20 0.47 16.15 -8.64
C ASP B 20 0.59 16.42 -7.13
N ALA B 21 -0.09 17.43 -6.63
CA ALA B 21 0.09 17.94 -5.25
C ALA B 21 -0.65 17.06 -4.24
N LYS B 22 -0.54 15.75 -4.38
CA LYS B 22 -1.15 14.72 -3.50
C LYS B 22 -0.69 14.87 -2.03
N LEU B 23 0.53 15.34 -1.80
CA LEU B 23 1.11 15.51 -0.43
C LEU B 23 0.90 16.95 0.00
N GLY B 24 0.32 17.80 -0.85
CA GLY B 24 0.13 19.23 -0.52
C GLY B 24 1.22 20.12 -1.10
N PHE B 25 1.08 21.42 -0.84
CA PHE B 25 1.99 22.48 -1.31
C PHE B 25 2.97 22.83 -0.18
N ARG B 26 4.25 22.72 -0.49
CA ARG B 26 5.39 23.21 0.31
C ARG B 26 5.40 24.75 0.24
N ASN B 27 6.01 25.38 1.24
CA ASN B 27 6.33 26.83 1.27
C ASN B 27 5.04 27.60 1.51
N HIS B 28 4.16 27.05 2.38
CA HIS B 28 2.98 27.72 2.95
C HIS B 28 2.87 27.44 4.43
N TRP B 29 2.15 28.31 5.12
CA TRP B 29 1.77 28.17 6.55
C TRP B 29 0.57 27.23 6.67
N TYR B 30 0.56 26.42 7.72
CA TYR B 30 -0.59 25.53 8.04
C TYR B 30 -0.86 25.54 9.53
N PRO B 31 -2.16 25.62 9.94
CA PRO B 31 -2.53 25.42 11.33
C PRO B 31 -2.53 23.94 11.67
N VAL B 32 -1.96 23.57 12.82
CA VAL B 32 -1.83 22.13 13.21
C VAL B 32 -2.45 21.86 14.57
N MET B 33 -2.64 22.87 15.40
CA MET B 33 -3.14 22.66 16.78
C MET B 33 -3.48 24.02 17.38
N PHE B 34 -4.10 24.01 18.55
CA PHE B 34 -4.44 25.22 19.33
C PHE B 34 -3.30 25.47 20.30
N SER B 35 -2.93 26.72 20.52
CA SER B 35 -1.88 27.18 21.45
C SER B 35 -1.96 26.44 22.80
N LYS B 36 -3.19 26.21 23.31
CA LYS B 36 -3.43 25.67 24.66
C LYS B 36 -3.05 24.19 24.75
N GLU B 37 -2.79 23.51 23.63
CA GLU B 37 -2.49 22.05 23.62
C GLU B 37 -0.99 21.83 23.74
N ILE B 38 -0.19 22.88 23.69
CA ILE B 38 1.28 22.75 23.91
C ILE B 38 1.71 23.68 25.06
N ASN B 39 2.24 23.05 26.11
CA ASN B 39 2.64 23.71 27.38
C ASN B 39 4.15 23.81 27.42
N GLU B 40 4.66 24.76 28.22
CA GLU B 40 6.11 25.05 28.42
C GLU B 40 6.86 23.73 28.61
N GLY B 41 7.93 23.52 27.85
CA GLY B 41 8.86 22.38 28.01
C GLY B 41 8.19 21.03 27.87
N GLU B 42 7.05 20.94 27.15
CA GLU B 42 6.35 19.65 26.88
C GLU B 42 6.24 19.38 25.38
N PRO B 43 7.32 18.91 24.71
CA PRO B 43 7.30 18.75 23.25
C PRO B 43 6.10 17.94 22.73
N LYS B 44 5.54 18.33 21.59
CA LYS B 44 4.35 17.64 21.01
C LYS B 44 4.70 17.12 19.61
N THR B 45 4.26 15.90 19.26
CA THR B 45 4.54 15.25 17.95
C THR B 45 3.35 15.49 17.03
N LEU B 46 3.62 15.68 15.73
CA LEU B 46 2.59 15.66 14.67
C LEU B 46 3.25 15.38 13.33
N LYS B 47 2.45 14.94 12.36
CA LYS B 47 2.87 14.78 10.96
C LYS B 47 2.12 15.82 10.09
N LEU B 48 2.86 16.46 9.20
CA LEU B 48 2.44 17.58 8.35
C LEU B 48 3.15 17.42 7.01
N LEU B 49 2.38 17.28 5.92
CA LEU B 49 2.92 17.12 4.56
C LEU B 49 3.81 15.89 4.54
N GLY B 50 3.45 14.87 5.29
CA GLY B 50 4.19 13.59 5.34
C GLY B 50 5.42 13.60 6.24
N GLU B 51 5.75 14.71 6.88
CA GLU B 51 6.95 14.89 7.75
C GLU B 51 6.55 14.79 9.22
N ASN B 52 7.24 13.95 9.99
CA ASN B 52 7.14 13.90 11.47
C ASN B 52 7.85 15.10 12.06
N LEU B 53 7.14 15.86 12.88
CA LEU B 53 7.62 17.14 13.45
C LEU B 53 7.49 17.05 14.97
N LEU B 54 8.35 17.81 15.65
CA LEU B 54 8.35 17.95 17.12
C LEU B 54 8.22 19.45 17.39
N VAL B 55 7.20 19.85 18.13
CA VAL B 55 6.99 21.27 18.54
C VAL B 55 7.24 21.35 20.06
N ASN B 56 7.93 22.41 20.50
CA ASN B 56 8.22 22.69 21.93
C ASN B 56 8.01 24.18 22.20
N ARG B 57 7.67 24.47 23.45
CA ARG B 57 7.51 25.87 23.91
C ARG B 57 8.62 26.16 24.92
N ILE B 58 9.44 27.16 24.62
CA ILE B 58 10.66 27.51 25.39
C ILE B 58 10.58 29.00 25.70
N ASP B 59 10.47 29.35 26.99
CA ASP B 59 10.22 30.73 27.46
C ASP B 59 9.02 31.23 26.67
N GLY B 60 7.95 30.42 26.64
CA GLY B 60 6.63 30.75 26.04
C GLY B 60 6.62 30.71 24.51
N LYS B 61 7.76 30.68 23.83
CA LYS B 61 7.82 30.77 22.34
C LYS B 61 7.87 29.34 21.75
N LEU B 62 7.23 29.13 20.59
CA LEU B 62 7.15 27.81 19.93
C LEU B 62 8.34 27.64 18.99
N TYR B 63 8.94 26.46 18.97
CA TYR B 63 9.96 26.05 17.97
C TYR B 63 9.59 24.67 17.42
N CYS B 64 10.09 24.38 16.21
CA CYS B 64 9.76 23.15 15.48
C CYS B 64 11.02 22.57 14.82
N LEU B 65 11.32 21.33 15.18
CA LEU B 65 12.41 20.52 14.60
C LEU B 65 11.75 19.39 13.83
N LYS B 66 12.41 18.86 12.81
CA LYS B 66 12.00 17.56 12.24
C LYS B 66 12.24 16.48 13.32
N ASP B 67 11.25 15.62 13.55
CA ASP B 67 11.33 14.46 14.45
C ASP B 67 12.02 13.29 13.71
N ARG B 68 13.30 13.44 13.39
CA ARG B 68 14.08 12.39 12.68
C ARG B 68 15.57 12.75 12.85
N CYS B 69 16.25 11.97 13.66
CA CYS B 69 17.67 12.21 14.00
C CYS B 69 18.44 12.04 12.70
N LEU B 70 19.47 12.85 12.49
CA LEU B 70 20.31 12.86 11.26
C LEU B 70 21.07 11.55 11.08
N HIS B 71 21.35 10.85 12.18
CA HIS B 71 22.32 9.73 12.26
C HIS B 71 21.68 8.44 11.70
N ARG B 72 20.78 7.79 12.43
CA ARG B 72 20.08 6.56 11.98
C ARG B 72 18.57 6.74 11.83
N GLY B 73 18.07 7.98 11.77
CA GLY B 73 16.71 8.24 11.26
C GLY B 73 15.59 7.88 12.22
N VAL B 74 15.90 7.82 13.52
CA VAL B 74 14.90 7.52 14.59
C VAL B 74 14.20 8.81 14.94
N GLN B 75 12.94 8.71 15.33
CA GLN B 75 12.18 9.78 16.01
C GLN B 75 12.82 10.01 17.39
N LEU B 76 13.27 11.23 17.65
CA LEU B 76 13.69 11.72 18.99
C LEU B 76 12.53 11.49 19.98
N SER B 77 11.30 11.54 19.48
CA SER B 77 10.08 11.56 20.32
C SER B 77 9.86 10.19 20.95
N VAL B 78 10.58 9.16 20.51
CA VAL B 78 10.40 7.79 21.08
C VAL B 78 10.79 7.86 22.57
N LYS B 79 11.82 8.63 22.88
CA LYS B 79 12.23 8.89 24.28
C LYS B 79 12.84 10.28 24.30
N VAL B 80 12.02 11.26 24.64
CA VAL B 80 12.40 12.69 24.68
C VAL B 80 13.41 12.90 25.81
N GLU B 81 14.62 13.37 25.47
CA GLU B 81 15.67 13.80 26.43
C GLU B 81 15.99 15.27 26.14
N CYS B 82 15.25 16.18 26.74
CA CYS B 82 15.55 17.64 26.77
C CYS B 82 16.43 17.93 28.01
N LYS B 83 17.74 17.91 27.84
CA LYS B 83 18.73 17.93 28.96
C LYS B 83 19.08 19.37 29.36
N THR B 84 19.04 20.33 28.43
CA THR B 84 19.10 21.79 28.71
C THR B 84 17.90 22.44 28.04
N LYS B 85 17.63 23.69 28.41
CA LYS B 85 16.39 24.42 28.04
C LYS B 85 16.29 24.52 26.52
N SER B 86 17.41 24.82 25.88
CA SER B 86 17.50 25.20 24.45
C SER B 86 17.90 23.99 23.56
N THR B 87 18.01 22.77 24.08
CA THR B 87 18.52 21.62 23.29
C THR B 87 17.61 20.40 23.44
N ILE B 88 17.77 19.46 22.53
CA ILE B 88 17.19 18.10 22.65
C ILE B 88 18.32 17.16 22.26
N THR B 89 18.43 16.06 23.00
CA THR B 89 19.43 15.01 22.84
C THR B 89 18.74 13.75 22.33
N CYS B 90 19.20 13.16 21.23
CA CYS B 90 18.66 11.87 20.73
C CYS B 90 18.98 10.78 21.75
N TRP B 91 17.99 9.99 22.08
CA TRP B 91 18.06 8.95 23.14
C TRP B 91 19.00 7.83 22.71
N TYR B 92 19.43 7.78 21.45
CA TYR B 92 20.14 6.63 20.87
C TYR B 92 21.65 6.78 21.11
N HIS B 93 22.28 7.74 20.43
CA HIS B 93 23.73 8.01 20.50
C HIS B 93 23.97 9.45 20.92
N ALA B 94 22.95 10.09 21.49
CA ALA B 94 23.05 11.39 22.16
C ALA B 94 23.46 12.53 21.23
N TRP B 95 23.22 12.47 19.91
CA TRP B 95 23.36 13.69 19.07
C TRP B 95 22.44 14.77 19.65
N THR B 96 22.94 15.98 19.79
CA THR B 96 22.23 17.05 20.53
C THR B 96 22.07 18.24 19.59
N TYR B 97 20.83 18.70 19.47
CA TYR B 97 20.41 19.75 18.54
C TYR B 97 19.86 20.96 19.31
N ARG B 98 20.14 22.16 18.81
CA ARG B 98 19.52 23.42 19.29
C ARG B 98 18.11 23.56 18.67
N TRP B 99 17.09 23.85 19.48
CA TRP B 99 15.71 24.13 19.01
C TRP B 99 15.76 25.31 18.06
N GLU B 100 16.59 26.30 18.40
CA GLU B 100 16.50 27.63 17.75
C GLU B 100 17.00 27.49 16.32
N ASP B 101 17.97 26.61 16.01
CA ASP B 101 18.51 26.60 14.63
C ASP B 101 18.82 25.17 14.16
N GLY B 102 18.47 24.14 14.93
CA GLY B 102 18.73 22.71 14.58
C GLY B 102 20.21 22.32 14.49
N VAL B 103 21.15 23.15 14.94
CA VAL B 103 22.59 22.86 14.79
C VAL B 103 22.95 21.69 15.74
N LEU B 104 23.68 20.70 15.21
CA LEU B 104 24.29 19.60 15.98
C LEU B 104 25.42 20.22 16.80
N CYS B 105 25.14 20.61 18.03
CA CYS B 105 26.06 21.42 18.86
C CYS B 105 26.89 20.53 19.81
N ASP B 106 26.46 19.28 20.04
CA ASP B 106 27.14 18.35 20.98
C ASP B 106 26.78 16.90 20.62
N ILE B 107 27.67 15.96 20.89
CA ILE B 107 27.35 14.51 20.93
C ILE B 107 27.92 13.94 22.24
N LEU B 108 27.06 13.52 23.17
CA LEU B 108 27.52 13.05 24.51
C LEU B 108 28.41 11.81 24.36
N THR B 109 28.17 10.99 23.31
CA THR B 109 28.85 9.69 23.10
C THR B 109 30.19 9.90 22.38
N ASN B 110 30.47 11.09 21.85
CA ASN B 110 31.79 11.37 21.22
C ASN B 110 31.97 12.87 21.05
N PRO B 111 32.36 13.58 22.13
CA PRO B 111 32.48 15.04 22.08
C PRO B 111 33.60 15.50 21.14
N THR B 112 34.34 14.60 20.50
CA THR B 112 35.39 14.94 19.52
C THR B 112 34.91 14.75 18.07
N SER B 113 33.72 14.21 17.82
CA SER B 113 33.19 13.99 16.45
C SER B 113 33.46 15.21 15.56
N ALA B 114 33.98 14.98 14.36
CA ALA B 114 34.01 15.97 13.26
C ALA B 114 32.57 16.41 12.81
N GLN B 115 31.49 15.72 13.20
CA GLN B 115 30.10 16.11 12.75
C GLN B 115 29.65 17.34 13.55
N ILE B 116 30.17 17.51 14.77
CA ILE B 116 29.71 18.58 15.70
C ILE B 116 29.93 19.91 14.97
N GLY B 117 28.89 20.73 14.91
CA GLY B 117 28.89 22.04 14.23
C GLY B 117 28.89 21.96 12.71
N ARG B 118 28.92 20.78 12.09
CA ARG B 118 28.95 20.66 10.60
C ARG B 118 27.66 20.00 10.06
N GLN B 119 26.67 19.70 10.90
CA GLN B 119 25.38 19.09 10.48
C GLN B 119 24.27 19.90 11.15
N LYS B 120 23.07 19.87 10.56
CA LYS B 120 21.92 20.73 10.93
C LYS B 120 20.64 19.91 10.74
N LEU B 121 19.85 19.76 11.79
CA LEU B 121 18.49 19.15 11.72
C LEU B 121 17.56 20.23 11.17
N LYS B 122 16.68 19.87 10.24
CA LYS B 122 15.73 20.80 9.61
C LYS B 122 14.87 21.46 10.68
N THR B 123 14.75 22.77 10.64
CA THR B 123 13.74 23.52 11.45
C THR B 123 12.65 24.09 10.54
N TYR B 124 11.50 24.32 11.14
CA TYR B 124 10.36 25.00 10.49
C TYR B 124 9.93 26.16 11.40
N PRO B 125 9.70 27.37 10.85
CA PRO B 125 9.11 28.44 11.63
C PRO B 125 7.71 28.08 12.15
N VAL B 126 7.38 28.60 13.33
CA VAL B 126 6.07 28.44 14.03
C VAL B 126 5.59 29.82 14.44
N GLN B 127 4.30 30.09 14.23
CA GLN B 127 3.64 31.34 14.68
C GLN B 127 2.30 30.97 15.32
N GLU B 128 1.97 31.63 16.43
CA GLU B 128 0.65 31.55 17.07
C GLU B 128 -0.11 32.78 16.60
N ALA B 129 -1.36 32.62 16.17
CA ALA B 129 -2.34 33.71 15.94
C ALA B 129 -3.71 33.17 16.34
N LYS B 130 -4.49 33.97 17.07
CA LYS B 130 -5.90 33.67 17.39
C LYS B 130 -6.00 32.34 18.12
N GLY B 131 -5.02 32.01 18.98
CA GLY B 131 -5.02 30.77 19.77
C GLY B 131 -4.69 29.54 18.93
N CYS B 132 -4.24 29.74 17.67
CA CYS B 132 -3.94 28.67 16.68
C CYS B 132 -2.44 28.57 16.41
N VAL B 133 -1.89 27.36 16.32
CA VAL B 133 -0.45 27.17 16.00
C VAL B 133 -0.30 26.92 14.50
N PHE B 134 0.40 27.80 13.79
CA PHE B 134 0.76 27.67 12.37
C PHE B 134 2.22 27.25 12.23
N ILE B 135 2.49 26.32 11.31
CA ILE B 135 3.88 25.92 10.96
C ILE B 135 4.10 26.25 9.49
N TYR B 136 5.25 26.83 9.19
CA TYR B 136 5.66 27.10 7.79
C TYR B 136 6.40 25.86 7.28
N LEU B 137 5.71 25.03 6.53
CA LEU B 137 6.33 23.79 6.02
C LEU B 137 6.98 24.16 4.71
N GLY B 138 8.14 24.78 4.84
CA GLY B 138 8.99 25.20 3.71
C GLY B 138 10.35 25.64 4.14
N ASP B 139 11.07 26.15 3.16
CA ASP B 139 12.52 26.39 3.21
C ASP B 139 12.77 27.90 3.30
N GLY B 140 13.66 28.32 4.18
CA GLY B 140 14.16 29.71 4.24
C GLY B 140 13.17 30.65 4.89
N ASP B 141 13.22 31.92 4.52
CA ASP B 141 12.49 33.03 5.21
C ASP B 141 11.00 32.93 4.89
N PRO B 142 10.15 32.79 5.92
CA PRO B 142 8.71 32.68 5.68
C PRO B 142 8.08 33.98 5.22
N PRO B 143 6.95 33.94 4.49
CA PRO B 143 6.18 35.13 4.16
C PRO B 143 5.39 35.48 5.40
N PRO B 144 4.71 36.64 5.45
CA PRO B 144 3.79 36.92 6.56
C PRO B 144 2.63 35.90 6.56
N LEU B 145 2.18 35.53 7.74
CA LEU B 145 1.03 34.62 7.93
C LEU B 145 -0.16 35.06 7.07
N ALA B 146 -0.31 36.37 6.88
CA ALA B 146 -1.47 37.00 6.20
C ALA B 146 -1.57 36.45 4.77
N ARG B 147 -0.45 36.20 4.11
CA ARG B 147 -0.48 35.68 2.73
C ARG B 147 -1.34 34.38 2.66
N ASP B 148 -1.33 33.55 3.70
CA ASP B 148 -1.88 32.16 3.64
C ASP B 148 -3.06 32.02 4.59
N THR B 149 -3.65 33.14 5.01
CA THR B 149 -4.90 33.20 5.82
C THR B 149 -5.94 33.96 5.01
N PRO B 150 -7.25 33.68 5.16
CA PRO B 150 -8.27 34.40 4.43
C PRO B 150 -8.44 35.81 5.00
N PRO B 151 -8.97 36.76 4.19
CA PRO B 151 -9.35 38.08 4.67
C PRO B 151 -10.14 38.02 5.98
N ASN B 152 -9.70 38.81 6.96
CA ASN B 152 -10.42 39.13 8.22
C ASN B 152 -10.08 38.13 9.31
N PHE B 153 -9.44 37.00 8.98
CA PHE B 153 -9.08 36.01 10.03
C PHE B 153 -8.21 36.71 11.07
N LEU B 154 -7.26 37.54 10.63
CA LEU B 154 -6.24 38.13 11.54
C LEU B 154 -6.72 39.46 12.17
N ASP B 155 -7.90 39.98 11.78
CA ASP B 155 -8.52 41.25 12.30
C ASP B 155 -8.47 41.27 13.82
N ASP B 156 -8.25 42.45 14.41
CA ASP B 156 -8.03 42.62 15.88
C ASP B 156 -9.30 42.24 16.65
N ASP B 157 -10.48 42.61 16.15
CA ASP B 157 -11.79 42.36 16.84
C ASP B 157 -12.19 40.87 16.82
N MET B 158 -11.60 40.03 15.94
CA MET B 158 -12.17 38.70 15.58
C MET B 158 -11.78 37.67 16.66
N GLU B 159 -12.75 37.25 17.46
CA GLU B 159 -12.61 36.11 18.39
C GLU B 159 -12.79 34.80 17.59
N ILE B 160 -11.77 33.94 17.62
CA ILE B 160 -11.67 32.67 16.86
C ILE B 160 -11.80 31.54 17.87
N LEU B 161 -12.84 30.72 17.74
CA LEU B 161 -12.95 29.44 18.46
C LEU B 161 -13.04 28.33 17.41
N GLY B 162 -12.68 27.10 17.75
CA GLY B 162 -12.66 26.04 16.72
C GLY B 162 -12.43 24.68 17.32
N LYS B 163 -12.26 23.71 16.44
CA LYS B 163 -11.82 22.36 16.82
C LYS B 163 -11.00 21.81 15.66
N ASN B 164 -10.37 20.68 15.92
CA ASN B 164 -9.42 20.04 15.00
C ASN B 164 -9.61 18.54 15.14
N GLN B 165 -9.56 17.85 14.03
CA GLN B 165 -9.56 16.37 14.02
C GLN B 165 -8.88 15.87 12.74
N ILE B 166 -8.51 14.60 12.76
CA ILE B 166 -7.90 13.89 11.61
C ILE B 166 -9.04 13.23 10.85
N ILE B 167 -9.13 13.52 9.55
CA ILE B 167 -10.13 12.93 8.61
C ILE B 167 -9.39 12.09 7.55
N LYS B 168 -9.89 10.90 7.25
CA LYS B 168 -9.28 9.98 6.26
C LYS B 168 -9.80 10.34 4.86
N SER B 169 -9.36 11.46 4.32
CA SER B 169 -9.32 11.70 2.87
C SER B 169 -8.12 12.57 2.53
N ASN B 170 -7.67 12.45 1.31
CA ASN B 170 -6.75 13.44 0.72
C ASN B 170 -7.33 14.83 0.98
N TRP B 171 -6.46 15.80 1.30
CA TRP B 171 -6.83 17.21 1.57
C TRP B 171 -7.62 17.81 0.37
N ARG B 172 -7.33 17.42 -0.87
CA ARG B 172 -7.97 18.10 -2.05
C ARG B 172 -9.47 17.77 -2.12
N LEU B 173 -9.87 16.57 -1.72
CA LEU B 173 -11.29 16.14 -1.70
C LEU B 173 -12.04 17.03 -0.71
N ALA B 174 -11.42 17.34 0.44
CA ALA B 174 -12.03 18.21 1.49
C ALA B 174 -12.19 19.63 0.96
N VAL B 175 -11.17 20.18 0.28
CA VAL B 175 -11.21 21.54 -0.35
C VAL B 175 -12.34 21.61 -1.36
N GLU B 176 -12.38 20.69 -2.29
CA GLU B 176 -13.36 20.73 -3.39
C GLU B 176 -14.77 20.58 -2.80
N ASN B 177 -14.98 19.66 -1.85
CA ASN B 177 -16.30 19.55 -1.19
C ASN B 177 -16.68 20.91 -0.60
N GLY B 178 -15.77 21.58 0.11
CA GLY B 178 -16.05 22.87 0.78
C GLY B 178 -16.44 24.01 -0.16
N PHE B 179 -15.83 24.11 -1.34
CA PHE B 179 -15.99 25.23 -2.30
C PHE B 179 -17.05 24.92 -3.38
N ASP B 180 -17.52 23.69 -3.41
CA ASP B 180 -18.52 23.15 -4.36
C ASP B 180 -19.87 23.82 -4.13
N PRO B 181 -20.31 24.76 -5.00
CA PRO B 181 -21.59 25.45 -4.81
C PRO B 181 -22.79 24.50 -4.64
N SER B 182 -22.83 23.40 -5.42
CA SER B 182 -24.02 22.50 -5.48
C SER B 182 -24.02 21.47 -4.31
N HIS B 183 -22.93 21.26 -3.60
CA HIS B 183 -22.86 20.24 -2.50
C HIS B 183 -23.81 20.66 -1.38
N ILE B 184 -24.32 21.88 -1.42
CA ILE B 184 -25.27 22.41 -0.41
C ILE B 184 -26.50 21.48 -0.26
N TYR B 185 -26.83 20.74 -1.31
CA TYR B 185 -27.87 19.68 -1.26
C TYR B 185 -27.66 18.71 -0.08
N ILE B 186 -26.43 18.43 0.36
CA ILE B 186 -26.19 17.38 1.40
C ILE B 186 -26.61 17.92 2.76
N HIS B 187 -26.82 19.23 2.84
CA HIS B 187 -27.08 19.95 4.10
C HIS B 187 -28.57 20.21 4.27
N LYS B 188 -29.42 19.78 3.32
CA LYS B 188 -30.85 20.19 3.27
C LYS B 188 -31.56 19.84 4.58
N ASP B 189 -31.22 18.73 5.22
CA ASP B 189 -31.90 18.25 6.46
C ASP B 189 -31.05 18.48 7.70
N SER B 190 -30.07 19.37 7.66
CA SER B 190 -29.16 19.62 8.81
C SER B 190 -29.99 20.18 9.96
N ILE B 191 -29.72 19.75 11.19
CA ILE B 191 -30.46 20.24 12.40
C ILE B 191 -30.35 21.77 12.44
N LEU B 192 -29.22 22.33 12.00
CA LEU B 192 -28.90 23.77 12.13
C LEU B 192 -29.80 24.60 11.20
N VAL B 193 -30.16 24.09 10.03
CA VAL B 193 -31.03 24.83 9.06
C VAL B 193 -32.38 25.13 9.73
N LYS B 194 -32.94 24.16 10.46
CA LYS B 194 -34.26 24.31 11.13
C LYS B 194 -34.08 25.10 12.44
N ASP B 195 -33.19 24.65 13.31
CA ASP B 195 -33.00 25.25 14.66
C ASP B 195 -32.39 26.65 14.58
N ASN B 196 -31.91 27.13 13.42
CA ASN B 196 -31.39 28.52 13.31
C ASN B 196 -32.09 29.29 12.18
N ASP B 197 -33.22 28.77 11.69
CA ASP B 197 -34.10 29.44 10.70
C ASP B 197 -33.28 29.93 9.51
N LEU B 198 -32.42 29.10 8.93
CA LEU B 198 -31.62 29.51 7.75
C LEU B 198 -32.46 29.39 6.47
N ALA B 199 -32.24 30.30 5.52
CA ALA B 199 -32.53 30.13 4.09
C ALA B 199 -31.40 29.26 3.50
N LEU B 200 -31.77 28.19 2.81
CA LEU B 200 -30.80 27.25 2.19
C LEU B 200 -31.45 26.67 0.95
N PRO B 201 -30.97 27.07 -0.25
CA PRO B 201 -31.42 26.44 -1.48
C PRO B 201 -30.87 25.01 -1.58
N LEU B 202 -31.39 24.30 -2.57
CA LEU B 202 -30.97 22.95 -2.99
C LEU B 202 -29.77 23.08 -3.92
N GLY B 203 -29.66 24.20 -4.62
CA GLY B 203 -28.64 24.43 -5.66
C GLY B 203 -28.93 25.73 -6.38
N PHE B 204 -28.33 25.93 -7.53
CA PHE B 204 -28.38 27.20 -8.30
C PHE B 204 -28.51 26.86 -9.77
N ALA B 205 -29.35 27.60 -10.48
CA ALA B 205 -29.34 27.60 -11.97
C ALA B 205 -28.43 28.75 -12.36
N PRO B 206 -27.23 28.49 -12.89
CA PRO B 206 -26.27 29.58 -13.11
C PRO B 206 -26.78 30.53 -14.21
N GLY B 207 -26.44 31.81 -14.14
CA GLY B 207 -26.54 32.73 -15.30
C GLY B 207 -25.22 33.41 -15.62
N GLY B 208 -25.16 34.10 -16.76
CA GLY B 208 -23.97 34.83 -17.21
C GLY B 208 -22.98 33.91 -17.88
N ASP B 209 -21.73 34.33 -18.03
CA ASP B 209 -20.72 33.53 -18.77
C ASP B 209 -19.76 32.88 -17.76
N ARG B 210 -18.85 32.04 -18.26
CA ARG B 210 -17.78 31.36 -17.50
C ARG B 210 -17.15 32.35 -16.51
N LYS B 211 -16.70 33.52 -16.96
CA LYS B 211 -15.83 34.44 -16.17
C LYS B 211 -16.59 35.00 -14.97
N GLN B 212 -17.89 35.20 -15.08
CA GLN B 212 -18.71 35.81 -14.00
C GLN B 212 -19.03 34.79 -12.91
N GLN B 213 -18.78 33.48 -13.10
CA GLN B 213 -19.10 32.45 -12.05
C GLN B 213 -18.18 32.62 -10.83
N THR B 214 -16.98 33.21 -11.01
CA THR B 214 -15.97 33.40 -9.93
C THR B 214 -15.24 34.76 -10.02
N ARG B 215 -14.61 35.17 -8.92
CA ARG B 215 -13.57 36.24 -8.94
CA ARG B 215 -13.56 36.25 -8.92
C ARG B 215 -12.24 35.63 -8.47
N VAL B 216 -11.30 35.50 -9.40
CA VAL B 216 -9.94 34.98 -9.14
C VAL B 216 -9.14 36.14 -8.55
N VAL B 217 -8.81 36.09 -7.26
CA VAL B 217 -7.98 37.09 -6.55
C VAL B 217 -6.50 36.70 -6.70
N ASP B 218 -5.77 37.28 -7.65
CA ASP B 218 -4.27 37.19 -7.66
C ASP B 218 -3.71 38.61 -7.80
N ASP B 219 -4.04 39.46 -6.83
CA ASP B 219 -3.74 40.92 -6.78
C ASP B 219 -4.11 41.49 -5.39
N ASP B 220 -4.14 40.67 -4.35
CA ASP B 220 -4.37 41.13 -2.95
C ASP B 220 -3.09 41.85 -2.51
N VAL B 221 -3.18 42.76 -1.53
CA VAL B 221 -2.05 43.65 -1.18
C VAL B 221 -0.99 42.85 -0.40
N VAL B 222 -1.42 41.81 0.33
CA VAL B 222 -0.53 40.99 1.20
C VAL B 222 -0.22 39.64 0.54
N GLY B 223 -0.60 39.46 -0.74
CA GLY B 223 -0.19 38.34 -1.60
C GLY B 223 -1.12 37.13 -1.59
N ARG B 224 -2.26 37.18 -0.92
CA ARG B 224 -3.18 36.02 -0.86
C ARG B 224 -3.58 35.67 -2.27
N LYS B 225 -3.80 34.39 -2.52
CA LYS B 225 -4.30 33.86 -3.81
C LYS B 225 -5.52 33.02 -3.51
N GLY B 226 -6.62 33.29 -4.20
CA GLY B 226 -7.96 32.81 -3.82
C GLY B 226 -8.99 32.96 -4.94
N VAL B 227 -10.18 32.40 -4.70
CA VAL B 227 -11.32 32.37 -5.66
C VAL B 227 -12.58 32.58 -4.84
N TYR B 228 -13.40 33.55 -5.26
CA TYR B 228 -14.77 33.81 -4.73
C TYR B 228 -15.76 33.06 -5.61
N ASP B 229 -16.75 32.45 -4.97
CA ASP B 229 -17.84 31.73 -5.67
C ASP B 229 -18.94 32.76 -5.95
N LEU B 230 -19.19 33.10 -7.21
CA LEU B 230 -20.17 34.18 -7.53
C LEU B 230 -21.38 33.58 -8.28
N ILE B 231 -21.72 32.31 -8.05
CA ILE B 231 -22.77 31.59 -8.82
C ILE B 231 -24.11 32.30 -8.54
N GLY B 232 -24.26 32.87 -7.33
CA GLY B 232 -25.45 33.55 -6.84
C GLY B 232 -25.73 34.90 -7.49
N GLU B 233 -24.77 35.53 -8.15
CA GLU B 233 -24.89 36.94 -8.60
C GLU B 233 -25.80 37.01 -9.83
N HIS B 234 -25.61 36.14 -10.81
CA HIS B 234 -26.42 36.05 -12.05
C HIS B 234 -27.18 34.72 -12.07
N GLY B 235 -27.14 33.96 -10.98
CA GLY B 235 -27.77 32.63 -10.87
C GLY B 235 -29.05 32.65 -10.05
N VAL B 236 -29.97 31.75 -10.35
CA VAL B 236 -31.26 31.62 -9.63
C VAL B 236 -31.14 30.51 -8.59
N PRO B 237 -31.34 30.76 -7.29
CA PRO B 237 -31.39 29.66 -6.32
C PRO B 237 -32.52 28.69 -6.65
N VAL B 238 -32.29 27.39 -6.47
CA VAL B 238 -33.31 26.33 -6.70
C VAL B 238 -33.91 26.02 -5.34
N PHE B 239 -35.20 26.30 -5.15
CA PHE B 239 -35.93 26.01 -3.88
C PHE B 239 -36.89 24.83 -4.09
N GLU B 240 -37.23 24.51 -5.34
CA GLU B 240 -38.14 23.37 -5.69
C GLU B 240 -37.38 22.38 -6.58
N GLY B 241 -37.02 21.22 -6.04
CA GLY B 241 -36.36 20.15 -6.81
C GLY B 241 -37.37 19.29 -7.50
N THR B 242 -37.29 19.17 -8.83
CA THR B 242 -38.26 18.44 -9.65
C THR B 242 -37.67 17.18 -10.28
N ILE B 243 -38.49 16.12 -10.35
CA ILE B 243 -38.24 14.97 -11.25
C ILE B 243 -39.44 14.82 -12.20
N GLY B 244 -39.16 14.74 -13.50
CA GLY B 244 -40.17 14.77 -14.58
C GLY B 244 -41.19 15.87 -14.35
N GLY B 245 -40.75 17.02 -13.85
CA GLY B 245 -41.58 18.23 -13.73
C GLY B 245 -42.36 18.28 -12.43
N GLU B 246 -42.41 17.18 -11.66
CA GLU B 246 -43.06 17.10 -10.33
C GLU B 246 -42.06 17.44 -9.22
N VAL B 247 -42.50 18.20 -8.21
CA VAL B 247 -41.70 18.65 -7.05
C VAL B 247 -41.54 17.47 -6.09
N VAL B 248 -40.30 17.10 -5.76
CA VAL B 248 -40.02 15.93 -4.88
C VAL B 248 -39.24 16.39 -3.64
N ARG B 249 -38.81 17.64 -3.63
CA ARG B 249 -38.04 18.17 -2.48
C ARG B 249 -38.06 19.68 -2.58
N GLU B 250 -38.16 20.32 -1.43
CA GLU B 250 -38.02 21.79 -1.31
C GLU B 250 -36.78 22.14 -0.49
N GLY B 251 -36.20 23.29 -0.79
CA GLY B 251 -35.19 23.92 0.06
C GLY B 251 -35.79 24.48 1.31
N ALA B 252 -34.96 25.11 2.13
CA ALA B 252 -35.37 25.64 3.45
C ALA B 252 -35.68 27.13 3.30
N TYR B 253 -36.89 27.52 3.73
CA TYR B 253 -37.35 28.91 3.70
C TYR B 253 -37.26 29.53 5.10
N GLY B 254 -36.09 30.05 5.50
CA GLY B 254 -35.90 30.88 6.71
C GLY B 254 -35.62 32.32 6.32
N GLU B 255 -35.56 33.25 7.29
CA GLU B 255 -35.22 34.68 7.04
C GLU B 255 -33.70 34.89 7.07
N LYS B 256 -32.93 34.08 7.82
CA LYS B 256 -31.46 34.27 7.98
C LYS B 256 -30.77 33.90 6.65
N ILE B 257 -30.16 34.89 6.03
CA ILE B 257 -29.30 34.76 4.83
C ILE B 257 -27.89 34.46 5.34
N VAL B 258 -27.39 33.25 5.10
CA VAL B 258 -25.99 32.90 5.45
C VAL B 258 -25.26 32.53 4.17
N ALA B 259 -23.93 32.53 4.22
CA ALA B 259 -23.07 31.97 3.16
C ALA B 259 -23.33 32.68 1.83
N ASN B 260 -23.40 34.02 1.84
CA ASN B 260 -23.45 34.91 0.65
C ASN B 260 -22.10 34.94 -0.08
N ASP B 261 -21.03 34.88 0.71
CA ASP B 261 -19.64 35.25 0.34
C ASP B 261 -18.76 34.02 0.69
N ILE B 262 -18.44 33.21 -0.31
CA ILE B 262 -17.64 31.97 -0.17
C ILE B 262 -16.38 32.11 -1.02
N SER B 263 -15.22 31.94 -0.39
CA SER B 263 -13.88 32.03 -1.04
C SER B 263 -12.97 30.90 -0.55
N ILE B 264 -12.23 30.33 -1.48
CA ILE B 264 -11.15 29.38 -1.14
C ILE B 264 -9.80 30.08 -1.39
N TRP B 265 -8.85 29.89 -0.46
CA TRP B 265 -7.50 30.51 -0.46
C TRP B 265 -6.40 29.44 -0.40
N LEU B 266 -5.32 29.61 -1.17
CA LEU B 266 -4.06 28.86 -0.95
C LEU B 266 -3.65 29.09 0.51
N PRO B 267 -3.15 28.05 1.22
CA PRO B 267 -2.86 26.75 0.62
C PRO B 267 -4.00 25.71 0.64
N GLY B 268 -5.14 26.11 1.21
CA GLY B 268 -6.36 25.29 1.24
C GLY B 268 -7.19 25.64 2.44
N VAL B 269 -7.74 26.85 2.44
CA VAL B 269 -8.58 27.35 3.57
C VAL B 269 -9.83 27.99 2.99
N LEU B 270 -10.98 27.62 3.55
CA LEU B 270 -12.29 28.14 3.09
C LEU B 270 -12.77 29.24 4.05
N LYS B 271 -13.30 30.32 3.48
CA LYS B 271 -14.00 31.40 4.23
C LYS B 271 -15.46 31.40 3.79
N VAL B 272 -16.36 31.25 4.74
CA VAL B 272 -17.82 31.25 4.45
C VAL B 272 -18.40 32.39 5.29
N ASN B 273 -18.98 33.39 4.64
CA ASN B 273 -19.47 34.61 5.31
C ASN B 273 -20.85 35.01 4.78
N PRO B 274 -21.82 35.26 5.66
CA PRO B 274 -21.72 34.93 7.08
C PRO B 274 -22.24 33.51 7.35
N PHE B 275 -21.70 32.87 8.38
CA PHE B 275 -22.08 31.49 8.75
C PHE B 275 -21.51 31.22 10.13
N PRO B 276 -22.17 30.43 11.03
CA PRO B 276 -23.51 29.88 10.80
C PRO B 276 -24.65 30.88 11.05
N ASN B 277 -24.31 32.05 11.59
CA ASN B 277 -25.23 33.16 11.96
C ASN B 277 -24.83 34.40 11.17
N PRO B 278 -25.73 35.38 10.93
CA PRO B 278 -25.40 36.53 10.07
C PRO B 278 -24.34 37.50 10.64
N ASP B 279 -23.93 37.30 11.90
CA ASP B 279 -22.90 38.13 12.59
C ASP B 279 -21.59 37.34 12.82
N MET B 280 -21.32 36.31 12.01
CA MET B 280 -20.16 35.37 12.19
C MET B 280 -19.63 34.94 10.83
N MET B 281 -18.42 34.38 10.85
CA MET B 281 -17.73 33.83 9.67
C MET B 281 -17.16 32.47 10.07
N GLN B 282 -17.03 31.56 9.09
CA GLN B 282 -16.38 30.24 9.27
C GLN B 282 -15.10 30.25 8.46
N PHE B 283 -13.99 29.91 9.10
CA PHE B 283 -12.71 29.68 8.39
C PHE B 283 -12.32 28.24 8.62
N GLU B 284 -12.15 27.45 7.56
CA GLU B 284 -11.73 26.04 7.79
C GLU B 284 -10.60 25.64 6.86
N TRP B 285 -9.64 24.96 7.45
CA TRP B 285 -8.43 24.49 6.78
C TRP B 285 -8.59 23.00 6.55
N TYR B 286 -8.00 22.53 5.49
CA TYR B 286 -7.88 21.09 5.21
C TYR B 286 -6.40 20.82 5.03
N VAL B 287 -5.73 20.48 6.13
CA VAL B 287 -4.25 20.45 6.22
C VAL B 287 -3.77 19.04 5.88
N PRO B 288 -2.91 18.88 4.85
CA PRO B 288 -2.39 17.57 4.47
C PRO B 288 -1.45 16.98 5.52
N ILE B 289 -1.78 15.80 6.02
CA ILE B 289 -0.96 14.99 6.98
C ILE B 289 -0.13 14.02 6.16
N ASP B 290 -0.81 13.27 5.31
CA ASP B 290 -0.19 12.36 4.33
C ASP B 290 -1.17 12.26 3.15
N GLU B 291 -0.93 11.36 2.20
CA GLU B 291 -1.72 11.33 0.96
C GLU B 291 -3.14 10.84 1.26
N ASN B 292 -3.38 10.27 2.44
CA ASN B 292 -4.68 9.65 2.78
C ASN B 292 -5.38 10.44 3.87
N THR B 293 -4.80 11.51 4.40
CA THR B 293 -5.26 12.05 5.69
C THR B 293 -5.15 13.56 5.71
N HIS B 294 -6.04 14.27 6.40
CA HIS B 294 -5.82 15.70 6.68
C HIS B 294 -6.36 16.10 8.05
N TYR B 295 -5.89 17.24 8.56
CA TYR B 295 -6.54 18.00 9.66
C TYR B 295 -7.70 18.77 9.06
N TYR B 296 -8.87 18.59 9.64
CA TYR B 296 -10.04 19.43 9.39
C TYR B 296 -10.07 20.46 10.52
N PHE B 297 -9.49 21.63 10.24
CA PHE B 297 -9.16 22.64 11.26
C PHE B 297 -10.26 23.68 11.14
N GLN B 298 -11.33 23.53 11.94
CA GLN B 298 -12.54 24.38 11.84
C GLN B 298 -12.40 25.55 12.80
N THR B 299 -12.64 26.77 12.32
CA THR B 299 -12.74 27.93 13.24
C THR B 299 -14.00 28.74 12.94
N LEU B 300 -14.59 29.30 13.98
CA LEU B 300 -15.68 30.29 13.83
C LEU B 300 -15.17 31.62 14.36
N GLY B 301 -15.32 32.64 13.53
CA GLY B 301 -15.01 34.03 13.88
C GLY B 301 -16.28 34.78 14.20
N LYS B 302 -16.28 35.50 15.34
CA LYS B 302 -17.27 36.56 15.68
C LYS B 302 -16.53 37.75 16.28
N PRO B 303 -16.57 38.95 15.66
CA PRO B 303 -16.19 40.19 16.34
C PRO B 303 -16.88 40.29 17.72
N CYS B 304 -16.07 40.28 18.77
CA CYS B 304 -16.38 40.72 20.13
C CYS B 304 -15.49 41.94 20.42
N ALA B 305 -16.05 43.00 21.02
CA ALA B 305 -15.32 44.26 21.32
C ALA B 305 -14.67 44.21 22.71
N ASN B 306 -14.90 43.17 23.52
CA ASN B 306 -14.51 43.16 24.96
C ASN B 306 -14.78 41.83 25.67
N ASP B 307 -14.12 41.59 26.81
CA ASP B 307 -14.36 40.46 27.77
C ASP B 307 -15.84 40.04 27.85
N GLU B 308 -16.78 40.98 27.95
CA GLU B 308 -18.23 40.71 28.14
C GLU B 308 -18.72 39.83 26.98
N GLU B 309 -18.73 40.38 25.75
CA GLU B 309 -19.18 39.69 24.51
C GLU B 309 -18.56 38.28 24.43
N ARG B 310 -17.22 38.21 24.57
CA ARG B 310 -16.35 37.05 24.25
C ARG B 310 -16.79 35.84 25.08
N LYS B 311 -17.23 36.06 26.33
CA LYS B 311 -17.66 35.01 27.30
C LYS B 311 -19.06 34.50 26.93
N LYS B 312 -19.93 35.36 26.39
CA LYS B 312 -21.28 34.96 25.90
C LYS B 312 -21.06 34.05 24.67
N TYR B 313 -20.25 34.51 23.72
CA TYR B 313 -19.85 33.80 22.48
C TYR B 313 -19.20 32.44 22.78
N GLU B 314 -18.32 32.35 23.79
CA GLU B 314 -17.71 31.07 24.22
C GLU B 314 -18.80 30.12 24.77
N GLN B 315 -19.82 30.66 25.45
CA GLN B 315 -21.00 29.89 25.93
C GLN B 315 -21.85 29.43 24.73
N GLU B 316 -22.16 30.31 23.77
CA GLU B 316 -23.02 29.87 22.64
C GLU B 316 -22.19 29.03 21.65
N PHE B 317 -20.85 29.14 21.63
CA PHE B 317 -19.94 28.21 20.91
C PHE B 317 -20.03 26.83 21.57
N GLU B 318 -19.78 26.75 22.88
CA GLU B 318 -19.71 25.44 23.59
C GLU B 318 -21.12 24.84 23.65
N SER B 319 -22.18 25.64 23.66
CA SER B 319 -23.56 25.14 23.89
C SER B 319 -24.33 24.97 22.57
N LYS B 320 -24.10 25.82 21.57
CA LYS B 320 -24.91 25.86 20.31
C LYS B 320 -24.03 25.62 19.06
N TRP B 321 -23.01 26.43 18.80
CA TRP B 321 -22.35 26.51 17.48
C TRP B 321 -21.49 25.26 17.20
N LYS B 322 -20.63 24.86 18.13
CA LYS B 322 -19.75 23.70 17.94
C LYS B 322 -20.63 22.48 17.70
N PRO B 323 -21.63 22.17 18.56
CA PRO B 323 -22.49 21.01 18.32
C PRO B 323 -23.49 21.15 17.15
N MET B 324 -24.12 22.29 16.96
CA MET B 324 -25.18 22.42 15.93
CA MET B 324 -25.19 22.49 15.95
C MET B 324 -24.52 22.65 14.56
N ALA B 325 -23.39 23.37 14.50
CA ALA B 325 -22.79 23.78 13.20
C ALA B 325 -21.54 22.96 12.90
N LEU B 326 -20.50 23.09 13.71
CA LEU B 326 -19.20 22.44 13.41
C LEU B 326 -19.40 20.92 13.36
N GLU B 327 -20.31 20.37 14.17
CA GLU B 327 -20.71 18.94 14.11
C GLU B 327 -22.00 18.77 13.30
N GLY B 328 -23.09 19.39 13.72
CA GLY B 328 -24.41 19.08 13.15
C GLY B 328 -24.55 19.46 11.69
N PHE B 329 -23.82 20.49 11.23
CA PHE B 329 -23.79 20.86 9.79
C PHE B 329 -22.61 20.16 9.09
N ASN B 330 -21.38 20.27 9.58
CA ASN B 330 -20.16 19.91 8.81
C ASN B 330 -19.84 18.42 8.89
N ASN B 331 -20.54 17.66 9.73
CA ASN B 331 -20.43 16.18 9.75
C ASN B 331 -20.79 15.60 8.38
N ASP B 332 -21.76 16.20 7.68
CA ASP B 332 -22.13 15.72 6.33
C ASP B 332 -20.96 15.92 5.36
N ASP B 333 -20.19 17.00 5.53
CA ASP B 333 -19.01 17.30 4.68
C ASP B 333 -17.95 16.24 4.89
N ILE B 334 -17.80 15.77 6.13
CA ILE B 334 -16.77 14.73 6.41
C ILE B 334 -17.14 13.47 5.63
N TRP B 335 -18.37 12.97 5.72
CA TRP B 335 -18.60 11.66 5.05
CA TRP B 335 -18.78 11.70 5.06
C TRP B 335 -18.72 11.87 3.54
N ALA B 336 -19.11 13.05 3.07
CA ALA B 336 -19.11 13.34 1.61
C ALA B 336 -17.66 13.25 1.08
N ARG B 337 -16.69 13.83 1.78
CA ARG B 337 -15.26 13.76 1.34
C ARG B 337 -14.81 12.30 1.26
N GLU B 338 -15.17 11.53 2.28
CA GLU B 338 -14.75 10.12 2.43
C GLU B 338 -15.36 9.34 1.26
N ALA B 339 -16.60 9.64 0.87
CA ALA B 339 -17.26 8.97 -0.27
C ALA B 339 -16.52 9.18 -1.60
N MET B 340 -15.69 10.21 -1.76
CA MET B 340 -14.91 10.44 -3.03
C MET B 340 -13.56 9.70 -3.06
N VAL B 341 -13.11 9.13 -1.95
CA VAL B 341 -11.75 8.54 -1.82
C VAL B 341 -11.56 7.46 -2.90
N ASP B 342 -12.43 6.46 -3.01
CA ASP B 342 -12.19 5.32 -3.96
C ASP B 342 -12.00 5.82 -5.40
N PHE B 343 -12.82 6.76 -5.88
CA PHE B 343 -12.77 7.22 -7.29
C PHE B 343 -11.43 7.89 -7.60
N TYR B 344 -10.93 8.66 -6.64
CA TYR B 344 -9.66 9.43 -6.79
C TYR B 344 -8.42 8.65 -6.32
N ALA B 345 -8.58 7.53 -5.61
CA ALA B 345 -7.50 6.80 -4.91
C ALA B 345 -6.41 6.31 -5.88
N ASP B 346 -6.77 5.87 -7.08
CA ASP B 346 -5.80 5.43 -8.10
C ASP B 346 -5.45 6.61 -9.02
N ASP B 347 -5.85 7.83 -8.67
CA ASP B 347 -5.65 9.06 -9.49
C ASP B 347 -6.51 9.05 -10.77
N LYS B 348 -7.34 8.04 -11.01
CA LYS B 348 -8.14 7.94 -12.28
C LYS B 348 -9.28 8.95 -12.29
N GLY B 349 -9.82 9.28 -11.10
CA GLY B 349 -10.95 10.19 -10.88
C GLY B 349 -10.67 11.51 -11.55
N TRP B 350 -9.40 11.91 -11.56
CA TRP B 350 -8.93 13.22 -12.09
C TRP B 350 -9.10 13.25 -13.59
N VAL B 351 -9.24 12.09 -14.24
CA VAL B 351 -9.50 11.97 -15.69
C VAL B 351 -10.98 11.65 -15.94
N ASN B 352 -11.61 10.83 -15.12
CA ASN B 352 -12.92 10.21 -15.42
C ASN B 352 -14.12 10.99 -14.86
N GLU B 353 -13.92 11.96 -13.95
CA GLU B 353 -15.01 12.80 -13.40
C GLU B 353 -15.83 13.42 -14.57
N ILE B 354 -17.16 13.43 -14.46
CA ILE B 354 -18.02 14.19 -15.41
C ILE B 354 -18.57 15.41 -14.68
N LEU B 355 -17.98 16.57 -14.96
CA LEU B 355 -18.31 17.87 -14.33
C LEU B 355 -19.60 18.47 -14.93
N PHE B 356 -20.27 19.32 -14.17
CA PHE B 356 -21.42 20.13 -14.65
C PHE B 356 -21.16 21.56 -14.20
N GLU B 357 -22.09 22.47 -14.48
CA GLU B 357 -21.80 23.91 -14.58
C GLU B 357 -21.26 24.45 -13.26
N SER B 358 -21.80 24.05 -12.12
CA SER B 358 -21.37 24.63 -10.82
C SER B 358 -19.91 24.23 -10.53
N ASP B 359 -19.35 23.27 -11.25
CA ASP B 359 -17.93 22.85 -11.10
C ASP B 359 -16.97 23.90 -11.69
N GLU B 360 -17.44 24.93 -12.41
CA GLU B 360 -16.62 26.12 -12.78
C GLU B 360 -15.83 26.68 -11.58
N ALA B 361 -16.44 26.74 -10.40
CA ALA B 361 -15.79 27.25 -9.17
C ALA B 361 -14.58 26.36 -8.83
N ILE B 362 -14.75 25.04 -8.84
CA ILE B 362 -13.67 24.07 -8.54
C ILE B 362 -12.59 24.20 -9.59
N VAL B 363 -12.97 24.28 -10.85
CA VAL B 363 -12.01 24.39 -11.98
C VAL B 363 -11.16 25.65 -11.80
N ALA B 364 -11.79 26.76 -11.42
CA ALA B 364 -11.07 28.01 -11.16
C ALA B 364 -10.10 27.79 -9.99
N TRP B 365 -10.54 27.13 -8.90
CA TRP B 365 -9.64 26.74 -7.78
C TRP B 365 -8.48 25.88 -8.28
N ARG B 366 -8.75 24.86 -9.07
CA ARG B 366 -7.68 23.94 -9.53
C ARG B 366 -6.61 24.70 -10.34
N LYS B 367 -7.02 25.63 -11.23
CA LYS B 367 -6.07 26.45 -12.04
C LYS B 367 -5.32 27.45 -11.15
N LEU B 368 -6.01 28.13 -10.25
CA LEU B 368 -5.40 29.08 -9.30
C LEU B 368 -4.35 28.32 -8.48
N ALA B 369 -4.66 27.12 -7.97
CA ALA B 369 -3.75 26.41 -7.07
C ALA B 369 -2.53 25.99 -7.91
N SER B 370 -2.76 25.62 -9.18
CA SER B 370 -1.72 25.08 -10.10
C SER B 370 -0.69 26.17 -10.42
N GLU B 371 -1.10 27.43 -10.42
CA GLU B 371 -0.34 28.56 -10.99
C GLU B 371 0.29 29.38 -9.87
N HIS B 372 -0.26 29.36 -8.65
CA HIS B 372 0.17 30.26 -7.55
C HIS B 372 0.63 29.50 -6.29
N ASN B 373 0.70 28.16 -6.30
CA ASN B 373 1.31 27.39 -5.19
C ASN B 373 2.83 27.69 -5.11
N GLN B 374 3.42 27.52 -3.94
CA GLN B 374 4.84 27.84 -3.69
C GLN B 374 5.70 26.57 -3.71
N GLY B 375 5.16 25.45 -4.20
CA GLY B 375 5.96 24.24 -4.49
C GLY B 375 5.16 22.99 -4.18
N ILE B 376 5.49 21.90 -4.88
CA ILE B 376 4.85 20.57 -4.73
C ILE B 376 5.67 19.77 -3.70
N GLN B 377 5.07 19.34 -2.60
CA GLN B 377 5.71 18.36 -1.69
C GLN B 377 5.81 17.01 -2.40
N THR B 378 6.98 16.39 -2.39
CA THR B 378 7.24 15.05 -2.99
C THR B 378 7.71 14.08 -1.90
N GLN B 379 7.67 12.78 -2.18
CA GLN B 379 8.13 11.71 -1.26
C GLN B 379 9.63 11.95 -1.00
N ALA B 380 10.35 12.55 -1.93
CA ALA B 380 11.78 12.87 -1.76
C ALA B 380 11.97 13.92 -0.67
N HIS B 381 11.05 14.89 -0.53
CA HIS B 381 11.13 15.88 0.58
C HIS B 381 10.97 15.14 1.92
N VAL B 382 10.20 14.06 1.93
CA VAL B 382 9.90 13.28 3.16
C VAL B 382 11.13 12.46 3.57
N SER B 383 11.75 11.73 2.65
CA SER B 383 12.83 10.74 2.92
C SER B 383 14.23 11.37 2.75
N GLY B 384 14.40 12.32 1.81
CA GLY B 384 15.68 13.00 1.55
C GLY B 384 15.84 13.30 0.06
N LEU B 385 16.08 14.56 -0.29
CA LEU B 385 16.12 15.02 -1.70
C LEU B 385 17.16 14.19 -2.49
N GLU B 386 16.82 13.82 -3.73
CA GLU B 386 17.67 13.03 -4.66
C GLU B 386 18.06 13.91 -5.86
N HIS B 387 19.36 13.92 -6.20
CA HIS B 387 19.93 14.64 -7.38
C HIS B 387 21.24 13.95 -7.78
N HIS B 388 21.35 13.58 -9.06
CA HIS B 388 22.56 13.04 -9.75
C HIS B 388 23.24 14.15 -10.55
N HIS B 389 24.58 14.15 -10.61
CA HIS B 389 25.37 15.13 -11.40
C HIS B 389 25.22 14.83 -12.91
N HIS B 390 25.52 15.82 -13.76
CA HIS B 390 25.31 15.83 -15.25
C HIS B 390 25.76 14.49 -15.84
N ALA C 2 -5.36 -7.75 -20.16
CA ALA C 2 -4.18 -8.44 -19.55
C ALA C 2 -4.10 -8.02 -18.08
N ASN C 3 -4.41 -8.96 -17.18
CA ASN C 3 -4.39 -8.76 -15.71
C ASN C 3 -3.10 -9.37 -15.12
N VAL C 4 -2.30 -10.07 -15.93
CA VAL C 4 -1.17 -10.94 -15.49
C VAL C 4 0.05 -10.65 -16.37
N ASP C 5 1.25 -10.63 -15.77
CA ASP C 5 2.53 -10.34 -16.47
C ASP C 5 2.60 -11.17 -17.76
N GLU C 6 3.01 -10.54 -18.86
CA GLU C 6 3.07 -11.16 -20.22
C GLU C 6 4.05 -12.35 -20.21
N ALA C 7 5.09 -12.30 -19.35
CA ALA C 7 6.10 -13.37 -19.13
C ALA C 7 5.42 -14.65 -18.60
N ILE C 8 4.42 -14.54 -17.72
CA ILE C 8 3.69 -15.72 -17.17
C ILE C 8 2.68 -16.22 -18.22
N LEU C 9 2.01 -15.33 -18.94
CA LEU C 9 0.96 -15.74 -19.92
C LEU C 9 1.62 -16.48 -21.09
N LYS C 10 2.84 -16.11 -21.48
CA LYS C 10 3.57 -16.76 -22.60
C LYS C 10 4.06 -18.16 -22.23
N ARG C 11 4.06 -18.53 -20.94
CA ARG C 11 4.55 -19.84 -20.41
C ARG C 11 3.41 -20.84 -20.21
N VAL C 12 2.18 -20.36 -20.04
CA VAL C 12 0.98 -21.23 -19.86
C VAL C 12 0.19 -21.19 -21.18
N LYS C 13 0.90 -21.19 -22.31
CA LYS C 13 0.36 -20.94 -23.68
C LYS C 13 -1.08 -21.48 -23.81
N GLY C 14 -1.27 -22.77 -23.52
CA GLY C 14 -2.54 -23.51 -23.71
C GLY C 14 -3.76 -22.83 -23.09
N TRP C 15 -3.61 -22.20 -21.92
CA TRP C 15 -4.77 -21.68 -21.14
C TRP C 15 -4.46 -20.28 -20.56
N ALA C 16 -3.71 -19.48 -21.32
CA ALA C 16 -3.40 -18.06 -20.99
C ALA C 16 -4.68 -17.29 -20.65
N PRO C 17 -5.76 -17.34 -21.48
CA PRO C 17 -6.98 -16.59 -21.19
C PRO C 17 -7.52 -16.82 -19.77
N TYR C 18 -7.56 -18.06 -19.33
CA TYR C 18 -8.05 -18.48 -18.00
C TYR C 18 -7.14 -17.94 -16.88
N VAL C 19 -5.82 -17.91 -17.10
CA VAL C 19 -4.83 -17.43 -16.10
C VAL C 19 -4.99 -15.91 -15.99
N ASP C 20 -5.33 -15.27 -17.10
CA ASP C 20 -5.50 -13.80 -17.21
C ASP C 20 -6.78 -13.37 -16.49
N ALA C 21 -7.78 -14.25 -16.40
CA ALA C 21 -9.14 -13.91 -15.92
C ALA C 21 -9.20 -13.90 -14.39
N LYS C 22 -8.34 -13.14 -13.69
CA LYS C 22 -8.38 -13.10 -12.20
C LYS C 22 -9.68 -12.46 -11.73
N LEU C 23 -10.34 -11.67 -12.58
CA LEU C 23 -11.59 -10.96 -12.24
C LEU C 23 -12.81 -11.70 -12.79
N GLY C 24 -12.60 -12.82 -13.49
CA GLY C 24 -13.72 -13.57 -14.07
C GLY C 24 -13.97 -13.21 -15.53
N PHE C 25 -14.97 -13.81 -16.12
CA PHE C 25 -15.30 -13.65 -17.55
C PHE C 25 -16.50 -12.72 -17.65
N ARG C 26 -16.36 -11.62 -18.39
CA ARG C 26 -17.45 -10.70 -18.81
C ARG C 26 -18.39 -11.38 -19.82
N ASN C 27 -19.63 -10.91 -19.91
CA ASN C 27 -20.65 -11.31 -20.93
C ASN C 27 -21.18 -12.72 -20.61
N HIS C 28 -21.36 -13.00 -19.32
CA HIS C 28 -22.09 -14.18 -18.79
C HIS C 28 -23.08 -13.72 -17.71
N TRP C 29 -24.10 -14.55 -17.46
CA TRP C 29 -25.01 -14.44 -16.31
C TRP C 29 -24.33 -15.04 -15.10
N TYR C 30 -24.59 -14.47 -13.93
CA TYR C 30 -24.07 -14.91 -12.62
C TYR C 30 -25.15 -14.69 -11.56
N PRO C 31 -25.43 -15.71 -10.73
CA PRO C 31 -26.36 -15.56 -9.61
C PRO C 31 -25.67 -14.77 -8.47
N VAL C 32 -26.38 -13.83 -7.84
CA VAL C 32 -25.73 -12.96 -6.80
C VAL C 32 -26.45 -13.08 -5.46
N MET C 33 -27.77 -13.28 -5.49
CA MET C 33 -28.64 -13.45 -4.30
C MET C 33 -29.89 -14.25 -4.69
N PHE C 34 -30.73 -14.59 -3.71
CA PHE C 34 -32.10 -15.14 -3.91
C PHE C 34 -33.12 -14.00 -3.97
N SER C 35 -34.16 -14.22 -4.78
CA SER C 35 -35.31 -13.33 -5.05
C SER C 35 -35.89 -12.80 -3.75
N LYS C 36 -35.94 -13.63 -2.71
CA LYS C 36 -36.59 -13.28 -1.42
C LYS C 36 -35.75 -12.23 -0.68
N GLU C 37 -34.48 -12.05 -1.05
CA GLU C 37 -33.56 -11.15 -0.30
C GLU C 37 -33.78 -9.72 -0.80
N ILE C 38 -34.52 -9.52 -1.90
CA ILE C 38 -34.69 -8.14 -2.46
C ILE C 38 -36.18 -7.84 -2.64
N ASN C 39 -36.65 -6.91 -1.82
CA ASN C 39 -38.06 -6.47 -1.70
C ASN C 39 -38.31 -5.21 -2.54
N GLU C 40 -39.57 -5.01 -2.90
CA GLU C 40 -40.13 -3.86 -3.61
C GLU C 40 -39.61 -2.57 -2.97
N GLY C 41 -39.00 -1.70 -3.77
CA GLY C 41 -38.47 -0.37 -3.39
C GLY C 41 -37.42 -0.45 -2.30
N GLU C 42 -36.65 -1.54 -2.21
CA GLU C 42 -35.58 -1.71 -1.19
C GLU C 42 -34.26 -2.06 -1.87
N PRO C 43 -33.56 -1.06 -2.45
CA PRO C 43 -32.37 -1.33 -3.25
C PRO C 43 -31.30 -2.06 -2.42
N LYS C 44 -30.55 -2.99 -3.01
CA LYS C 44 -29.47 -3.72 -2.32
C LYS C 44 -28.18 -3.51 -3.12
N THR C 45 -27.05 -3.50 -2.42
CA THR C 45 -25.69 -3.36 -3.01
C THR C 45 -25.04 -4.72 -3.17
N LEU C 46 -24.19 -4.86 -4.17
CA LEU C 46 -23.26 -6.00 -4.25
C LEU C 46 -22.12 -5.59 -5.15
N LYS C 47 -20.99 -6.28 -5.03
CA LYS C 47 -19.87 -6.17 -5.98
C LYS C 47 -19.85 -7.45 -6.80
N LEU C 48 -19.70 -7.32 -8.11
CA LEU C 48 -19.65 -8.43 -9.09
C LEU C 48 -18.58 -8.11 -10.12
N LEU C 49 -17.65 -9.04 -10.33
CA LEU C 49 -16.57 -8.89 -11.31
C LEU C 49 -15.87 -7.55 -11.08
N GLY C 50 -15.80 -7.11 -9.82
CA GLY C 50 -15.05 -5.92 -9.39
C GLY C 50 -15.87 -4.64 -9.46
N GLU C 51 -17.12 -4.72 -9.95
CA GLU C 51 -18.01 -3.55 -10.15
C GLU C 51 -19.04 -3.46 -9.02
N ASN C 52 -19.17 -2.28 -8.43
CA ASN C 52 -20.23 -2.01 -7.43
C ASN C 52 -21.54 -1.80 -8.19
N LEU C 53 -22.57 -2.53 -7.79
CA LEU C 53 -23.90 -2.52 -8.43
C LEU C 53 -24.98 -2.30 -7.38
N LEU C 54 -26.08 -1.76 -7.84
CA LEU C 54 -27.35 -1.60 -7.08
C LEU C 54 -28.44 -2.40 -7.78
N VAL C 55 -29.21 -3.19 -7.03
CA VAL C 55 -30.39 -3.89 -7.61
C VAL C 55 -31.60 -3.37 -6.86
N ASN C 56 -32.68 -3.07 -7.58
CA ASN C 56 -33.96 -2.61 -7.02
C ASN C 56 -35.12 -3.43 -7.63
N ARG C 57 -36.24 -3.54 -6.92
CA ARG C 57 -37.48 -4.21 -7.39
C ARG C 57 -38.58 -3.16 -7.51
N ILE C 58 -39.10 -2.99 -8.72
CA ILE C 58 -40.07 -1.91 -9.07
C ILE C 58 -41.21 -2.56 -9.86
N ASP C 59 -42.42 -2.53 -9.29
CA ASP C 59 -43.60 -3.30 -9.76
C ASP C 59 -43.21 -4.77 -9.98
N GLY C 60 -42.50 -5.40 -9.04
CA GLY C 60 -42.08 -6.81 -9.10
C GLY C 60 -40.86 -7.07 -9.98
N LYS C 61 -40.45 -6.15 -10.85
CA LYS C 61 -39.36 -6.42 -11.83
C LYS C 61 -38.02 -5.91 -11.28
N LEU C 62 -36.96 -6.68 -11.45
CA LEU C 62 -35.62 -6.32 -10.92
C LEU C 62 -34.90 -5.43 -11.95
N TYR C 63 -34.16 -4.43 -11.46
CA TYR C 63 -33.32 -3.51 -12.24
C TYR C 63 -31.95 -3.43 -11.58
N CYS C 64 -30.93 -3.24 -12.39
CA CYS C 64 -29.53 -3.16 -11.91
C CYS C 64 -28.85 -1.95 -12.55
N LEU C 65 -28.43 -1.02 -11.70
CA LEU C 65 -27.61 0.17 -12.05
C LEU C 65 -26.21 -0.03 -11.48
N LYS C 66 -25.17 0.47 -12.15
CA LYS C 66 -23.83 0.61 -11.51
C LYS C 66 -23.92 1.60 -10.33
N ASP C 67 -23.39 1.22 -9.19
CA ASP C 67 -23.37 1.98 -7.92
C ASP C 67 -22.15 2.90 -7.95
N ARG C 68 -22.19 3.86 -8.86
CA ARG C 68 -21.12 4.86 -9.01
C ARG C 68 -21.67 6.03 -9.79
N CYS C 69 -21.84 7.16 -9.13
CA CYS C 69 -22.35 8.39 -9.76
C CYS C 69 -21.36 8.80 -10.85
N LEU C 70 -21.87 9.22 -12.00
CA LEU C 70 -21.06 9.74 -13.14
C LEU C 70 -20.26 10.99 -12.74
N HIS C 71 -20.75 11.77 -11.80
CA HIS C 71 -20.26 13.13 -11.45
C HIS C 71 -18.89 13.01 -10.74
N ARG C 72 -18.88 12.67 -9.45
CA ARG C 72 -17.63 12.61 -8.66
C ARG C 72 -17.36 11.19 -8.15
N GLY C 73 -18.00 10.17 -8.73
CA GLY C 73 -17.62 8.75 -8.59
C GLY C 73 -17.98 8.16 -7.23
N VAL C 74 -18.89 8.81 -6.50
CA VAL C 74 -19.31 8.25 -5.19
C VAL C 74 -20.23 7.06 -5.43
N GLN C 75 -20.35 6.19 -4.43
CA GLN C 75 -21.45 5.20 -4.39
C GLN C 75 -22.74 5.90 -4.02
N LEU C 76 -23.77 5.74 -4.83
CA LEU C 76 -25.14 6.21 -4.49
C LEU C 76 -25.64 5.58 -3.21
N SER C 77 -25.25 4.33 -2.94
CA SER C 77 -25.76 3.54 -1.79
C SER C 77 -25.20 4.07 -0.46
N VAL C 78 -24.29 5.02 -0.49
CA VAL C 78 -23.84 5.68 0.77
C VAL C 78 -25.09 6.28 1.45
N LYS C 79 -26.01 6.84 0.67
CA LYS C 79 -27.33 7.34 1.15
C LYS C 79 -28.29 7.26 -0.02
N VAL C 80 -29.09 6.21 -0.05
CA VAL C 80 -30.08 5.93 -1.14
C VAL C 80 -31.18 6.97 -1.02
N GLU C 81 -31.45 7.65 -2.12
CA GLU C 81 -32.57 8.62 -2.23
C GLU C 81 -33.40 8.21 -3.45
N CYS C 82 -34.44 7.41 -3.22
CA CYS C 82 -35.42 7.01 -4.28
C CYS C 82 -36.64 7.92 -4.13
N LYS C 83 -36.71 8.97 -4.94
CA LYS C 83 -37.62 10.11 -4.72
C LYS C 83 -38.82 9.93 -5.63
N THR C 84 -38.70 9.20 -6.72
CA THR C 84 -39.85 8.66 -7.49
C THR C 84 -39.62 7.15 -7.70
N LYS C 85 -40.70 6.45 -8.02
CA LYS C 85 -40.73 4.96 -8.08
C LYS C 85 -39.72 4.50 -9.14
N SER C 86 -39.56 5.30 -10.20
CA SER C 86 -38.76 4.93 -11.40
C SER C 86 -37.34 5.51 -11.38
N THR C 87 -36.92 6.28 -10.37
CA THR C 87 -35.60 6.98 -10.40
C THR C 87 -34.80 6.77 -9.11
N ILE C 88 -33.50 7.06 -9.17
CA ILE C 88 -32.64 7.22 -7.97
C ILE C 88 -31.84 8.52 -8.12
N THR C 89 -31.75 9.27 -7.04
CA THR C 89 -31.10 10.60 -6.98
C THR C 89 -29.85 10.45 -6.12
N CYS C 90 -28.68 10.73 -6.69
CA CYS C 90 -27.40 10.81 -5.94
C CYS C 90 -27.60 11.76 -4.77
N TRP C 91 -27.17 11.35 -3.57
CA TRP C 91 -27.19 12.13 -2.33
C TRP C 91 -26.30 13.40 -2.42
N TYR C 92 -25.34 13.45 -3.31
CA TYR C 92 -24.27 14.50 -3.27
C TYR C 92 -24.72 15.78 -3.98
N HIS C 93 -24.99 15.76 -5.30
CA HIS C 93 -25.49 16.93 -6.08
C HIS C 93 -26.77 16.60 -6.83
N ALA C 94 -27.44 15.52 -6.42
CA ALA C 94 -28.82 15.18 -6.84
C ALA C 94 -28.93 14.89 -8.35
N TRP C 95 -27.86 14.42 -8.97
CA TRP C 95 -28.00 13.73 -10.28
C TRP C 95 -28.93 12.53 -10.10
N THR C 96 -29.96 12.47 -10.93
CA THR C 96 -31.13 11.58 -10.84
C THR C 96 -31.16 10.70 -12.07
N TYR C 97 -31.18 9.39 -11.87
CA TYR C 97 -31.14 8.40 -12.96
C TYR C 97 -32.41 7.56 -12.97
N ARG C 98 -32.84 7.18 -14.17
CA ARG C 98 -33.93 6.18 -14.33
C ARG C 98 -33.34 4.79 -14.13
N TRP C 99 -33.98 3.97 -13.31
CA TRP C 99 -33.61 2.54 -13.16
C TRP C 99 -33.73 1.79 -14.48
N GLU C 100 -34.74 2.12 -15.28
CA GLU C 100 -35.06 1.37 -16.53
C GLU C 100 -33.87 1.42 -17.48
N ASP C 101 -33.25 2.58 -17.69
CA ASP C 101 -32.23 2.72 -18.78
C ASP C 101 -31.02 3.52 -18.29
N GLY C 102 -30.99 3.95 -17.02
CA GLY C 102 -29.84 4.65 -16.43
C GLY C 102 -29.65 6.06 -16.97
N VAL C 103 -30.58 6.60 -17.76
CA VAL C 103 -30.45 7.98 -18.31
C VAL C 103 -30.51 8.96 -17.13
N LEU C 104 -29.57 9.90 -17.12
CA LEU C 104 -29.56 11.12 -16.28
C LEU C 104 -30.73 12.00 -16.73
N CYS C 105 -31.85 11.94 -16.03
CA CYS C 105 -33.13 12.51 -16.51
C CYS C 105 -33.41 13.82 -15.80
N ASP C 106 -32.71 14.12 -14.71
CA ASP C 106 -32.92 15.35 -13.89
C ASP C 106 -31.69 15.58 -13.00
N ILE C 107 -31.46 16.84 -12.64
CA ILE C 107 -30.49 17.27 -11.61
C ILE C 107 -31.17 18.32 -10.74
N LEU C 108 -31.53 17.95 -9.53
CA LEU C 108 -32.29 18.81 -8.58
C LEU C 108 -31.51 20.10 -8.27
N THR C 109 -30.16 20.04 -8.30
CA THR C 109 -29.28 21.17 -7.89
C THR C 109 -29.13 22.15 -9.05
N ASN C 110 -29.50 21.77 -10.26
CA ASN C 110 -29.39 22.64 -11.46
C ASN C 110 -30.27 22.09 -12.55
N PRO C 111 -31.59 22.38 -12.51
CA PRO C 111 -32.52 21.86 -13.52
C PRO C 111 -32.23 22.40 -14.93
N THR C 112 -31.31 23.36 -15.09
CA THR C 112 -30.97 23.92 -16.44
C THR C 112 -29.72 23.26 -17.00
N SER C 113 -29.09 22.30 -16.31
CA SER C 113 -27.77 21.76 -16.71
C SER C 113 -27.84 21.12 -18.10
N ALA C 114 -26.82 21.32 -18.93
CA ALA C 114 -26.69 20.67 -20.26
C ALA C 114 -26.40 19.18 -20.12
N GLN C 115 -25.97 18.70 -18.96
CA GLN C 115 -25.70 17.23 -18.81
C GLN C 115 -27.02 16.47 -18.83
N ILE C 116 -28.12 17.09 -18.42
CA ILE C 116 -29.46 16.43 -18.30
C ILE C 116 -29.82 15.82 -19.65
N GLY C 117 -30.13 14.53 -19.69
CA GLY C 117 -30.56 13.83 -20.91
C GLY C 117 -29.38 13.42 -21.77
N ARG C 118 -28.15 13.76 -21.38
CA ARG C 118 -26.96 13.63 -22.26
C ARG C 118 -25.93 12.67 -21.64
N GLN C 119 -26.25 11.99 -20.55
CA GLN C 119 -25.34 11.00 -19.92
C GLN C 119 -26.19 9.81 -19.53
N LYS C 120 -25.56 8.66 -19.37
CA LYS C 120 -26.23 7.39 -19.05
C LYS C 120 -25.35 6.65 -18.04
N LEU C 121 -25.90 6.28 -16.90
CA LEU C 121 -25.25 5.35 -15.94
C LEU C 121 -25.37 3.94 -16.54
N LYS C 122 -24.31 3.15 -16.45
CA LYS C 122 -24.28 1.74 -16.90
C LYS C 122 -25.42 0.97 -16.23
N THR C 123 -26.17 0.18 -17.00
CA THR C 123 -27.18 -0.77 -16.48
C THR C 123 -26.79 -2.17 -16.91
N TYR C 124 -27.21 -3.18 -16.15
CA TYR C 124 -27.01 -4.60 -16.52
C TYR C 124 -28.37 -5.29 -16.49
N PRO C 125 -28.63 -6.23 -17.43
CA PRO C 125 -29.82 -7.08 -17.34
C PRO C 125 -29.80 -7.98 -16.08
N VAL C 126 -30.97 -8.13 -15.50
CA VAL C 126 -31.26 -8.99 -14.32
C VAL C 126 -32.44 -9.88 -14.67
N GLN C 127 -32.39 -11.12 -14.23
CA GLN C 127 -33.48 -12.10 -14.42
C GLN C 127 -33.56 -12.94 -13.16
N GLU C 128 -34.77 -13.26 -12.73
CA GLU C 128 -35.02 -14.25 -11.66
C GLU C 128 -35.35 -15.58 -12.33
N ALA C 129 -34.76 -16.66 -11.86
CA ALA C 129 -35.13 -18.06 -12.21
C ALA C 129 -34.86 -18.94 -10.98
N LYS C 130 -35.86 -19.73 -10.60
CA LYS C 130 -35.75 -20.72 -9.50
C LYS C 130 -35.47 -20.01 -8.19
N GLY C 131 -36.07 -18.83 -8.01
CA GLY C 131 -35.93 -17.98 -6.80
C GLY C 131 -34.49 -17.49 -6.60
N CYS C 132 -33.71 -17.45 -7.69
CA CYS C 132 -32.31 -16.96 -7.74
C CYS C 132 -32.27 -15.72 -8.63
N VAL C 133 -31.45 -14.73 -8.25
CA VAL C 133 -31.29 -13.48 -9.03
C VAL C 133 -30.02 -13.59 -9.87
N PHE C 134 -30.16 -13.51 -11.19
CA PHE C 134 -29.04 -13.54 -12.15
C PHE C 134 -28.86 -12.16 -12.77
N ILE C 135 -27.60 -11.73 -12.83
CA ILE C 135 -27.21 -10.46 -13.49
C ILE C 135 -26.32 -10.82 -14.68
N TYR C 136 -26.60 -10.20 -15.83
CA TYR C 136 -25.75 -10.36 -17.02
C TYR C 136 -24.64 -9.30 -16.94
N LEU C 137 -23.50 -9.68 -16.38
CA LEU C 137 -22.37 -8.74 -16.25
C LEU C 137 -21.71 -8.68 -17.62
N GLY C 138 -22.30 -7.92 -18.54
CA GLY C 138 -21.80 -7.79 -19.92
C GLY C 138 -22.52 -6.71 -20.71
N ASP C 139 -22.12 -6.53 -21.96
CA ASP C 139 -22.58 -5.41 -22.83
C ASP C 139 -23.42 -6.01 -23.96
N GLY C 140 -24.36 -5.23 -24.51
CA GLY C 140 -25.26 -5.67 -25.60
C GLY C 140 -26.35 -6.58 -25.09
N ASP C 141 -27.20 -7.07 -26.00
CA ASP C 141 -28.34 -7.97 -25.66
C ASP C 141 -27.77 -9.24 -25.03
N PRO C 142 -28.32 -9.71 -23.91
CA PRO C 142 -27.82 -10.93 -23.30
C PRO C 142 -28.25 -12.16 -24.08
N PRO C 143 -27.50 -13.27 -23.96
CA PRO C 143 -27.98 -14.57 -24.44
C PRO C 143 -29.07 -15.11 -23.52
N PRO C 144 -29.78 -16.18 -23.90
CA PRO C 144 -30.67 -16.88 -22.97
C PRO C 144 -29.89 -17.35 -21.72
N LEU C 145 -30.52 -17.24 -20.55
CA LEU C 145 -29.94 -17.64 -19.23
C LEU C 145 -29.48 -19.10 -19.30
N ALA C 146 -30.21 -19.94 -20.04
CA ALA C 146 -30.00 -21.41 -20.15
C ALA C 146 -28.56 -21.73 -20.55
N ARG C 147 -27.93 -20.93 -21.42
CA ARG C 147 -26.53 -21.08 -21.89
C ARG C 147 -25.54 -21.12 -20.73
N ASP C 148 -25.82 -20.41 -19.63
CA ASP C 148 -24.88 -20.20 -18.50
C ASP C 148 -25.35 -20.96 -17.26
N THR C 149 -26.31 -21.87 -17.42
CA THR C 149 -26.81 -22.75 -16.35
C THR C 149 -26.42 -24.18 -16.68
N PRO C 150 -26.11 -25.04 -15.68
CA PRO C 150 -25.91 -26.46 -15.94
C PRO C 150 -27.23 -27.06 -16.41
N PRO C 151 -27.19 -28.20 -17.16
CA PRO C 151 -28.42 -28.83 -17.64
C PRO C 151 -29.31 -29.25 -16.47
N ASN C 152 -30.63 -29.11 -16.62
CA ASN C 152 -31.68 -29.56 -15.64
C ASN C 152 -32.04 -28.48 -14.60
N PHE C 153 -31.16 -27.52 -14.34
CA PHE C 153 -31.37 -26.46 -13.32
C PHE C 153 -32.72 -25.77 -13.56
N LEU C 154 -33.00 -25.42 -14.82
CA LEU C 154 -34.19 -24.66 -15.25
C LEU C 154 -35.41 -25.54 -15.54
N ASP C 155 -35.39 -26.86 -15.26
CA ASP C 155 -36.52 -27.78 -15.55
C ASP C 155 -37.72 -27.42 -14.67
N ASP C 156 -38.92 -27.43 -15.26
CA ASP C 156 -40.19 -26.94 -14.65
C ASP C 156 -40.42 -27.54 -13.26
N ASP C 157 -40.28 -28.85 -13.13
CA ASP C 157 -40.55 -29.58 -11.87
C ASP C 157 -39.38 -29.45 -10.89
N MET C 158 -38.23 -28.91 -11.31
CA MET C 158 -36.99 -28.89 -10.51
C MET C 158 -37.10 -27.80 -9.43
N GLU C 159 -37.15 -28.20 -8.16
CA GLU C 159 -37.33 -27.30 -6.99
C GLU C 159 -35.94 -26.93 -6.45
N ILE C 160 -35.58 -25.64 -6.53
CA ILE C 160 -34.24 -25.13 -6.17
C ILE C 160 -34.30 -24.40 -4.82
N LEU C 161 -33.48 -24.82 -3.88
CA LEU C 161 -33.27 -24.23 -2.54
C LEU C 161 -31.77 -24.06 -2.37
N GLY C 162 -31.32 -22.99 -1.71
CA GLY C 162 -29.89 -22.64 -1.71
C GLY C 162 -29.43 -21.89 -0.47
N LYS C 163 -28.14 -21.56 -0.50
CA LYS C 163 -27.37 -20.83 0.53
C LYS C 163 -26.31 -20.04 -0.23
N ASN C 164 -26.12 -18.77 0.09
CA ASN C 164 -25.08 -17.93 -0.58
C ASN C 164 -24.21 -17.32 0.52
N GLN C 165 -22.93 -17.12 0.26
CA GLN C 165 -22.02 -16.48 1.24
C GLN C 165 -20.75 -16.06 0.52
N ILE C 166 -19.94 -15.27 1.18
CA ILE C 166 -18.75 -14.63 0.56
C ILE C 166 -17.54 -15.39 1.09
N ILE C 167 -16.61 -15.77 0.21
CA ILE C 167 -15.43 -16.60 0.58
C ILE C 167 -14.18 -15.90 0.06
N LYS C 168 -13.13 -15.88 0.86
CA LYS C 168 -11.87 -15.17 0.52
C LYS C 168 -10.95 -16.13 -0.23
N SER C 169 -11.29 -16.44 -1.48
CA SER C 169 -10.35 -16.98 -2.50
C SER C 169 -10.76 -16.45 -3.86
N ASN C 170 -9.81 -16.31 -4.78
CA ASN C 170 -10.10 -16.19 -6.22
C ASN C 170 -11.11 -17.27 -6.62
N TRP C 171 -12.05 -16.93 -7.50
CA TRP C 171 -13.13 -17.84 -7.96
C TRP C 171 -12.52 -19.13 -8.58
N ARG C 172 -11.37 -19.06 -9.21
CA ARG C 172 -10.77 -20.16 -10.01
C ARG C 172 -10.28 -21.25 -9.07
N LEU C 173 -9.75 -20.87 -7.91
CA LEU C 173 -9.31 -21.86 -6.89
C LEU C 173 -10.54 -22.64 -6.44
N ALA C 174 -11.70 -21.98 -6.36
CA ALA C 174 -12.97 -22.61 -5.91
C ALA C 174 -13.47 -23.58 -6.98
N VAL C 175 -13.37 -23.17 -8.25
CA VAL C 175 -13.78 -24.01 -9.41
C VAL C 175 -12.92 -25.27 -9.39
N GLU C 176 -11.59 -25.13 -9.38
CA GLU C 176 -10.67 -26.28 -9.49
C GLU C 176 -10.93 -27.24 -8.32
N ASN C 177 -10.99 -26.77 -7.07
CA ASN C 177 -11.33 -27.60 -5.90
C ASN C 177 -12.62 -28.39 -6.13
N GLY C 178 -13.67 -27.74 -6.65
CA GLY C 178 -14.99 -28.35 -6.88
C GLY C 178 -14.92 -29.54 -7.84
N PHE C 179 -14.08 -29.44 -8.87
CA PHE C 179 -14.01 -30.36 -10.03
C PHE C 179 -12.82 -31.33 -9.90
N ASP C 180 -12.00 -31.15 -8.87
CA ASP C 180 -10.78 -31.96 -8.61
C ASP C 180 -11.27 -33.34 -8.18
N PRO C 181 -11.11 -34.41 -9.02
CA PRO C 181 -11.67 -35.72 -8.68
C PRO C 181 -11.06 -36.27 -7.38
N SER C 182 -9.76 -36.03 -7.18
CA SER C 182 -8.95 -36.53 -6.04
C SER C 182 -9.17 -35.73 -4.74
N HIS C 183 -9.83 -34.58 -4.79
CA HIS C 183 -9.94 -33.67 -3.61
C HIS C 183 -10.80 -34.37 -2.56
N ILE C 184 -11.62 -35.36 -2.93
CA ILE C 184 -12.59 -36.03 -2.02
C ILE C 184 -11.89 -36.65 -0.80
N TYR C 185 -10.57 -36.82 -0.82
CA TYR C 185 -9.76 -37.13 0.39
C TYR C 185 -10.13 -36.21 1.58
N ILE C 186 -10.31 -34.90 1.34
CA ILE C 186 -10.57 -33.87 2.40
C ILE C 186 -11.93 -34.15 3.05
N HIS C 187 -12.82 -34.81 2.33
CA HIS C 187 -14.20 -35.12 2.77
C HIS C 187 -14.31 -36.45 3.55
N LYS C 188 -13.20 -37.14 3.81
CA LYS C 188 -13.22 -38.55 4.29
C LYS C 188 -13.87 -38.63 5.68
N ASP C 189 -13.69 -37.60 6.53
CA ASP C 189 -14.26 -37.55 7.90
C ASP C 189 -15.56 -36.75 7.93
N SER C 190 -16.13 -36.42 6.76
CA SER C 190 -17.38 -35.62 6.66
C SER C 190 -18.51 -36.37 7.37
N ILE C 191 -19.34 -35.65 8.11
CA ILE C 191 -20.42 -36.26 8.94
C ILE C 191 -21.58 -36.67 8.03
N LEU C 192 -21.76 -36.02 6.87
CA LEU C 192 -22.77 -36.43 5.86
C LEU C 192 -22.53 -37.90 5.49
N VAL C 193 -21.27 -38.28 5.27
CA VAL C 193 -20.84 -39.64 4.84
C VAL C 193 -21.44 -40.67 5.82
N LYS C 194 -20.93 -40.71 7.06
CA LYS C 194 -21.42 -41.58 8.15
C LYS C 194 -22.95 -41.56 8.22
N ASP C 195 -23.57 -40.37 8.28
CA ASP C 195 -24.97 -40.13 8.70
C ASP C 195 -25.98 -40.40 7.57
N ASN C 196 -25.65 -40.08 6.32
CA ASN C 196 -26.49 -40.43 5.15
C ASN C 196 -25.92 -41.71 4.50
N ASP C 197 -25.02 -42.39 5.20
CA ASP C 197 -24.46 -43.73 4.84
C ASP C 197 -23.99 -43.68 3.38
N LEU C 198 -23.07 -42.77 3.05
CA LEU C 198 -22.56 -42.60 1.66
C LEU C 198 -21.37 -43.53 1.44
N ALA C 199 -21.31 -44.07 0.23
CA ALA C 199 -20.10 -44.67 -0.37
C ALA C 199 -19.21 -43.50 -0.79
N LEU C 200 -17.95 -43.46 -0.34
CA LEU C 200 -16.98 -42.43 -0.77
C LEU C 200 -15.56 -42.98 -0.83
N PRO C 201 -15.00 -43.15 -2.04
CA PRO C 201 -13.58 -43.46 -2.18
C PRO C 201 -12.70 -42.35 -1.58
N LEU C 202 -11.47 -42.70 -1.22
CA LEU C 202 -10.35 -41.77 -0.89
C LEU C 202 -9.82 -41.13 -2.19
N GLY C 203 -10.02 -41.77 -3.35
CA GLY C 203 -9.31 -41.44 -4.60
C GLY C 203 -9.70 -42.32 -5.78
N PHE C 204 -8.91 -42.27 -6.85
CA PHE C 204 -9.14 -43.00 -8.12
C PHE C 204 -7.81 -43.37 -8.75
N ALA C 205 -7.63 -44.65 -9.11
CA ALA C 205 -6.62 -45.14 -10.07
C ALA C 205 -7.16 -44.91 -11.48
N PRO C 206 -6.62 -43.92 -12.24
CA PRO C 206 -7.09 -43.68 -13.60
C PRO C 206 -6.85 -44.91 -14.49
N GLY C 207 -7.89 -45.31 -15.24
CA GLY C 207 -7.80 -46.26 -16.35
C GLY C 207 -8.12 -45.56 -17.65
N GLY C 208 -8.04 -46.27 -18.77
CA GLY C 208 -8.31 -45.75 -20.12
C GLY C 208 -7.21 -44.80 -20.54
N ASP C 209 -7.41 -44.07 -21.63
CA ASP C 209 -6.46 -43.03 -22.11
C ASP C 209 -6.92 -41.63 -21.65
N ARG C 210 -6.05 -40.63 -21.80
CA ARG C 210 -6.25 -39.20 -21.44
C ARG C 210 -7.64 -38.72 -21.88
N LYS C 211 -8.01 -38.91 -23.15
CA LYS C 211 -9.25 -38.35 -23.75
C LYS C 211 -10.51 -38.93 -23.08
N GLN C 212 -10.43 -40.14 -22.52
CA GLN C 212 -11.59 -40.82 -21.89
C GLN C 212 -11.74 -40.39 -20.42
N GLN C 213 -10.83 -39.56 -19.88
CA GLN C 213 -10.93 -39.03 -18.49
C GLN C 213 -12.08 -38.02 -18.40
N THR C 214 -12.41 -37.34 -19.51
CA THR C 214 -13.47 -36.29 -19.57
C THR C 214 -14.27 -36.37 -20.86
N ARG C 215 -15.47 -35.79 -20.88
CA ARG C 215 -16.22 -35.40 -22.10
C ARG C 215 -16.39 -33.88 -22.13
N VAL C 216 -15.64 -33.22 -23.00
CA VAL C 216 -15.74 -31.76 -23.27
C VAL C 216 -17.03 -31.54 -24.04
N VAL C 217 -17.99 -30.80 -23.46
CA VAL C 217 -19.29 -30.50 -24.13
C VAL C 217 -19.13 -29.16 -24.84
N ASP C 218 -19.35 -29.18 -26.16
CA ASP C 218 -19.17 -28.05 -27.11
C ASP C 218 -20.34 -27.99 -28.08
N ASP C 219 -21.32 -28.91 -27.94
CA ASP C 219 -22.39 -29.19 -28.93
C ASP C 219 -23.77 -29.07 -28.29
N ASP C 220 -23.91 -28.44 -27.12
CA ASP C 220 -25.24 -28.25 -26.49
C ASP C 220 -26.02 -27.26 -27.36
N VAL C 221 -27.28 -27.60 -27.66
CA VAL C 221 -28.27 -26.80 -28.45
C VAL C 221 -28.40 -25.37 -27.87
N VAL C 222 -28.33 -25.23 -26.55
CA VAL C 222 -28.59 -23.94 -25.85
C VAL C 222 -27.29 -23.16 -25.69
N GLY C 223 -26.15 -23.73 -26.09
CA GLY C 223 -24.84 -23.03 -26.12
C GLY C 223 -24.00 -23.29 -24.88
N ARG C 224 -24.46 -24.10 -23.92
CA ARG C 224 -23.64 -24.50 -22.74
C ARG C 224 -22.28 -25.02 -23.18
N LYS C 225 -21.26 -24.75 -22.37
CA LYS C 225 -19.87 -25.17 -22.57
C LYS C 225 -19.36 -25.70 -21.23
N GLY C 226 -19.11 -27.00 -21.16
CA GLY C 226 -18.70 -27.63 -19.90
C GLY C 226 -17.87 -28.85 -20.14
N VAL C 227 -17.47 -29.50 -19.05
CA VAL C 227 -16.64 -30.73 -19.06
C VAL C 227 -17.28 -31.69 -18.07
N TYR C 228 -17.52 -32.94 -18.48
CA TYR C 228 -17.87 -34.04 -17.55
C TYR C 228 -16.55 -34.67 -17.12
N ASP C 229 -16.41 -35.00 -15.83
CA ASP C 229 -15.30 -35.80 -15.26
C ASP C 229 -15.68 -37.29 -15.35
N LEU C 230 -14.96 -38.08 -16.17
CA LEU C 230 -15.33 -39.49 -16.49
C LEU C 230 -14.31 -40.46 -15.88
N ILE C 231 -13.49 -39.99 -14.94
CA ILE C 231 -12.43 -40.78 -14.25
C ILE C 231 -13.06 -42.06 -13.64
N GLY C 232 -14.36 -42.04 -13.33
CA GLY C 232 -15.06 -43.16 -12.67
C GLY C 232 -15.28 -44.35 -13.61
N GLU C 233 -15.26 -44.11 -14.93
CA GLU C 233 -15.70 -45.09 -15.95
C GLU C 233 -14.62 -46.15 -16.18
N HIS C 234 -13.36 -45.76 -16.41
CA HIS C 234 -12.24 -46.70 -16.67
C HIS C 234 -11.35 -46.87 -15.43
N GLY C 235 -11.45 -45.96 -14.46
CA GLY C 235 -10.54 -45.93 -13.30
C GLY C 235 -11.06 -46.80 -12.16
N VAL C 236 -10.21 -47.05 -11.17
CA VAL C 236 -10.53 -47.92 -10.00
C VAL C 236 -10.64 -47.03 -8.77
N PRO C 237 -11.80 -46.98 -8.08
CA PRO C 237 -11.92 -46.19 -6.86
C PRO C 237 -11.06 -46.76 -5.73
N VAL C 238 -10.22 -45.94 -5.09
CA VAL C 238 -9.36 -46.36 -3.96
C VAL C 238 -10.19 -46.34 -2.68
N PHE C 239 -10.22 -47.45 -1.94
CA PHE C 239 -10.94 -47.57 -0.65
C PHE C 239 -9.97 -47.96 0.46
N GLU C 240 -8.73 -48.32 0.12
CA GLU C 240 -7.67 -48.60 1.11
C GLU C 240 -6.41 -47.86 0.67
N GLY C 241 -6.14 -46.74 1.34
CA GLY C 241 -4.90 -45.95 1.15
C GLY C 241 -3.79 -46.57 1.96
N THR C 242 -2.61 -46.70 1.37
CA THR C 242 -1.49 -47.44 1.98
C THR C 242 -0.20 -46.63 1.83
N ILE C 243 0.67 -46.76 2.84
CA ILE C 243 2.05 -46.21 2.84
C ILE C 243 3.02 -47.39 3.00
N GLY C 244 3.79 -47.66 1.93
CA GLY C 244 4.58 -48.89 1.77
C GLY C 244 3.72 -50.11 2.06
N GLY C 245 2.64 -50.28 1.31
CA GLY C 245 1.77 -51.48 1.37
C GLY C 245 1.03 -51.62 2.70
N GLU C 246 1.39 -50.84 3.73
CA GLU C 246 0.64 -50.80 5.02
C GLU C 246 -0.60 -49.92 4.82
N VAL C 247 -1.79 -50.47 5.05
CA VAL C 247 -3.09 -49.73 5.13
C VAL C 247 -2.99 -48.76 6.32
N VAL C 248 -3.16 -47.45 6.05
CA VAL C 248 -3.13 -46.33 7.04
C VAL C 248 -4.51 -45.68 7.13
N ARG C 249 -5.34 -45.81 6.10
CA ARG C 249 -6.66 -45.14 5.99
C ARG C 249 -7.58 -45.93 5.06
N GLU C 250 -8.88 -45.94 5.38
CA GLU C 250 -9.92 -46.60 4.56
C GLU C 250 -10.97 -45.59 4.09
N GLY C 251 -11.55 -45.85 2.92
CA GLY C 251 -12.67 -45.10 2.32
C GLY C 251 -13.92 -45.24 3.17
N ALA C 252 -15.03 -44.71 2.67
CA ALA C 252 -16.35 -44.83 3.31
C ALA C 252 -17.11 -45.94 2.59
N TYR C 253 -17.27 -47.07 3.27
CA TYR C 253 -18.17 -48.17 2.87
C TYR C 253 -19.56 -47.73 3.27
N GLY C 254 -20.47 -47.63 2.29
CA GLY C 254 -21.86 -47.20 2.49
C GLY C 254 -22.74 -47.64 1.34
N GLU C 255 -24.06 -47.64 1.54
CA GLU C 255 -25.07 -48.17 0.59
C GLU C 255 -25.39 -47.11 -0.48
N LYS C 256 -25.42 -45.82 -0.13
CA LYS C 256 -25.92 -44.75 -1.06
C LYS C 256 -24.81 -44.40 -2.06
N ILE C 257 -25.13 -44.50 -3.35
CA ILE C 257 -24.17 -44.18 -4.46
C ILE C 257 -24.43 -42.75 -4.89
N VAL C 258 -23.42 -41.87 -4.78
CA VAL C 258 -23.62 -40.43 -5.12
C VAL C 258 -22.45 -39.94 -5.95
N ALA C 259 -22.69 -38.90 -6.76
CA ALA C 259 -21.67 -38.13 -7.50
C ALA C 259 -21.07 -39.02 -8.60
N ASN C 260 -21.93 -39.73 -9.34
CA ASN C 260 -21.55 -40.48 -10.56
C ASN C 260 -21.20 -39.48 -11.66
N ASP C 261 -21.99 -38.40 -11.69
CA ASP C 261 -22.13 -37.43 -12.80
C ASP C 261 -21.72 -36.05 -12.25
N ILE C 262 -20.47 -35.65 -12.53
CA ILE C 262 -19.85 -34.37 -12.09
C ILE C 262 -19.47 -33.61 -13.34
N SER C 263 -20.00 -32.38 -13.51
CA SER C 263 -19.71 -31.49 -14.66
C SER C 263 -19.48 -30.03 -14.22
N ILE C 264 -18.44 -29.42 -14.77
CA ILE C 264 -18.16 -27.98 -14.63
C ILE C 264 -18.64 -27.28 -15.90
N TRP C 265 -19.26 -26.11 -15.76
CA TRP C 265 -19.79 -25.28 -16.87
C TRP C 265 -19.33 -23.82 -16.76
N LEU C 266 -19.03 -23.20 -17.89
CA LEU C 266 -18.88 -21.73 -17.98
C LEU C 266 -20.19 -21.10 -17.54
N PRO C 267 -20.17 -20.02 -16.73
CA PRO C 267 -18.95 -19.28 -16.40
C PRO C 267 -18.18 -19.74 -15.16
N GLY C 268 -18.73 -20.74 -14.47
CA GLY C 268 -18.09 -21.32 -13.28
C GLY C 268 -19.13 -21.90 -12.34
N VAL C 269 -19.90 -22.88 -12.84
CA VAL C 269 -20.91 -23.64 -12.04
C VAL C 269 -20.68 -25.16 -12.21
N LEU C 270 -20.68 -25.85 -11.08
CA LEU C 270 -20.42 -27.28 -10.91
C LEU C 270 -21.76 -27.95 -10.68
N LYS C 271 -21.98 -29.09 -11.36
CA LYS C 271 -23.18 -29.93 -11.21
C LYS C 271 -22.72 -31.31 -10.74
N VAL C 272 -23.32 -31.79 -9.67
CA VAL C 272 -23.00 -33.09 -9.03
C VAL C 272 -24.33 -33.86 -8.95
N ASN C 273 -24.48 -34.90 -9.78
CA ASN C 273 -25.68 -35.78 -9.87
C ASN C 273 -25.26 -37.23 -9.55
N PRO C 274 -25.96 -37.91 -8.62
CA PRO C 274 -26.82 -37.25 -7.65
C PRO C 274 -26.04 -36.86 -6.38
N PHE C 275 -26.50 -35.82 -5.67
CA PHE C 275 -25.88 -35.36 -4.38
C PHE C 275 -26.87 -34.48 -3.63
N PRO C 276 -26.84 -34.46 -2.28
CA PRO C 276 -26.03 -35.37 -1.47
C PRO C 276 -26.72 -36.72 -1.17
N ASN C 277 -27.87 -36.91 -1.81
CA ASN C 277 -28.74 -38.10 -1.74
C ASN C 277 -29.06 -38.54 -3.17
N PRO C 278 -29.28 -39.86 -3.40
CA PRO C 278 -29.58 -40.37 -4.75
C PRO C 278 -30.71 -39.74 -5.58
N ASP C 279 -31.67 -39.04 -4.97
CA ASP C 279 -32.80 -38.42 -5.72
C ASP C 279 -32.66 -36.90 -5.83
N MET C 280 -31.44 -36.34 -5.70
CA MET C 280 -31.16 -34.88 -5.66
C MET C 280 -29.86 -34.60 -6.42
N MET C 281 -29.69 -33.36 -6.88
CA MET C 281 -28.43 -32.87 -7.50
C MET C 281 -28.03 -31.50 -6.92
N GLN C 282 -26.74 -31.24 -6.87
CA GLN C 282 -26.14 -30.01 -6.31
C GLN C 282 -25.64 -29.16 -7.49
N PHE C 283 -26.15 -27.94 -7.60
CA PHE C 283 -25.59 -26.91 -8.51
C PHE C 283 -24.96 -25.81 -7.67
N GLU C 284 -23.69 -25.52 -7.88
CA GLU C 284 -22.96 -24.54 -7.04
C GLU C 284 -22.11 -23.66 -7.94
N TRP C 285 -22.31 -22.33 -7.87
CA TRP C 285 -21.50 -21.34 -8.64
C TRP C 285 -20.42 -20.74 -7.74
N TYR C 286 -19.33 -20.32 -8.37
CA TYR C 286 -18.19 -19.66 -7.72
C TYR C 286 -18.09 -18.28 -8.37
N VAL C 287 -18.81 -17.30 -7.84
CA VAL C 287 -19.06 -16.04 -8.59
C VAL C 287 -17.99 -15.03 -8.20
N PRO C 288 -17.21 -14.47 -9.18
CA PRO C 288 -16.13 -13.54 -8.86
C PRO C 288 -16.67 -12.21 -8.33
N ILE C 289 -16.25 -11.82 -7.13
CA ILE C 289 -16.56 -10.52 -6.48
C ILE C 289 -15.40 -9.57 -6.78
N ASP C 290 -14.17 -9.98 -6.48
CA ASP C 290 -12.92 -9.31 -6.95
C ASP C 290 -11.80 -10.35 -7.12
N GLU C 291 -10.57 -9.89 -7.35
CA GLU C 291 -9.30 -10.67 -7.35
C GLU C 291 -9.36 -11.78 -6.30
N ASN C 292 -9.87 -11.49 -5.10
CA ASN C 292 -9.53 -12.26 -3.88
C ASN C 292 -10.76 -12.94 -3.27
N THR C 293 -11.93 -12.77 -3.87
CA THR C 293 -13.23 -13.02 -3.22
C THR C 293 -14.22 -13.60 -4.22
N HIS C 294 -15.15 -14.43 -3.76
CA HIS C 294 -16.21 -14.98 -4.63
C HIS C 294 -17.43 -15.27 -3.75
N TYR C 295 -18.62 -15.22 -4.36
CA TYR C 295 -19.85 -15.82 -3.79
C TYR C 295 -19.76 -17.35 -3.96
N TYR C 296 -19.90 -18.09 -2.87
CA TYR C 296 -20.16 -19.54 -2.89
C TYR C 296 -21.69 -19.72 -2.90
N PHE C 297 -22.25 -19.77 -4.11
CA PHE C 297 -23.71 -19.81 -4.34
C PHE C 297 -24.10 -21.28 -4.53
N GLN C 298 -24.55 -21.91 -3.43
CA GLN C 298 -24.91 -23.34 -3.33
C GLN C 298 -26.41 -23.50 -3.51
N THR C 299 -26.84 -24.44 -4.36
CA THR C 299 -28.26 -24.84 -4.51
C THR C 299 -28.36 -26.35 -4.52
N LEU C 300 -29.44 -26.89 -3.97
CA LEU C 300 -29.83 -28.30 -4.14
C LEU C 300 -31.14 -28.35 -4.93
N GLY C 301 -31.13 -29.09 -6.03
CA GLY C 301 -32.32 -29.33 -6.89
C GLY C 301 -32.95 -30.68 -6.56
N LYS C 302 -34.28 -30.77 -6.71
CA LYS C 302 -35.05 -32.03 -6.55
C LYS C 302 -36.37 -31.92 -7.30
N PRO C 303 -36.63 -32.81 -8.27
CA PRO C 303 -37.96 -32.88 -8.90
C PRO C 303 -39.08 -33.08 -7.87
N CYS C 304 -40.14 -32.30 -7.99
CA CYS C 304 -41.35 -32.28 -7.12
C CYS C 304 -42.57 -32.03 -8.01
N ALA C 305 -43.55 -32.92 -8.03
CA ALA C 305 -44.74 -32.86 -8.93
C ALA C 305 -45.71 -31.78 -8.45
N ASN C 306 -45.87 -31.61 -7.14
CA ASN C 306 -46.96 -30.78 -6.54
C ASN C 306 -46.49 -30.20 -5.21
N ASP C 307 -47.34 -29.36 -4.60
CA ASP C 307 -47.07 -28.60 -3.35
C ASP C 307 -46.81 -29.55 -2.17
N GLU C 308 -47.49 -30.70 -2.09
CA GLU C 308 -47.30 -31.68 -0.99
C GLU C 308 -45.82 -32.14 -0.95
N GLU C 309 -45.18 -32.31 -2.12
CA GLU C 309 -43.76 -32.77 -2.27
C GLU C 309 -42.77 -31.60 -2.15
N ARG C 310 -43.11 -30.41 -2.67
CA ARG C 310 -42.31 -29.16 -2.49
C ARG C 310 -42.13 -28.90 -0.99
N LYS C 311 -43.24 -28.75 -0.26
CA LYS C 311 -43.28 -28.55 1.22
C LYS C 311 -42.43 -29.61 1.92
N LYS C 312 -42.53 -30.89 1.50
CA LYS C 312 -41.73 -32.01 2.06
C LYS C 312 -40.24 -31.67 1.90
N TYR C 313 -39.82 -31.28 0.69
CA TYR C 313 -38.41 -31.04 0.30
C TYR C 313 -37.90 -29.81 1.09
N GLU C 314 -38.69 -28.73 1.06
CA GLU C 314 -38.45 -27.49 1.85
C GLU C 314 -38.09 -27.91 3.28
N GLN C 315 -38.87 -28.81 3.88
CA GLN C 315 -38.66 -29.28 5.28
C GLN C 315 -37.30 -29.96 5.46
N GLU C 316 -36.90 -30.90 4.60
CA GLU C 316 -35.67 -31.68 4.90
C GLU C 316 -34.45 -30.95 4.31
N PHE C 317 -34.62 -30.01 3.38
CA PHE C 317 -33.53 -29.04 3.06
C PHE C 317 -33.13 -28.34 4.38
N GLU C 318 -34.15 -27.74 5.01
CA GLU C 318 -34.01 -26.85 6.19
C GLU C 318 -33.38 -27.61 7.36
N SER C 319 -33.85 -28.84 7.63
CA SER C 319 -33.53 -29.64 8.85
C SER C 319 -32.44 -30.68 8.60
N LYS C 320 -32.18 -31.04 7.35
CA LYS C 320 -31.17 -32.08 7.02
C LYS C 320 -30.10 -31.54 6.06
N TRP C 321 -30.47 -31.20 4.83
CA TRP C 321 -29.50 -31.03 3.71
C TRP C 321 -28.66 -29.77 3.88
N LYS C 322 -29.29 -28.65 4.25
CA LYS C 322 -28.59 -27.36 4.55
C LYS C 322 -27.54 -27.62 5.63
N PRO C 323 -27.89 -27.96 6.89
CA PRO C 323 -26.88 -28.18 7.93
C PRO C 323 -25.86 -29.31 7.63
N MET C 324 -26.33 -30.44 7.14
CA MET C 324 -25.54 -31.70 6.97
C MET C 324 -24.68 -31.65 5.70
N ALA C 325 -25.21 -31.18 4.57
CA ALA C 325 -24.49 -31.27 3.28
C ALA C 325 -23.88 -29.91 2.93
N LEU C 326 -24.71 -28.92 2.59
CA LEU C 326 -24.24 -27.56 2.21
C LEU C 326 -23.21 -27.03 3.22
N GLU C 327 -23.33 -27.34 4.51
CA GLU C 327 -22.38 -26.91 5.58
C GLU C 327 -21.44 -28.06 5.98
N GLY C 328 -22.01 -29.14 6.51
CA GLY C 328 -21.25 -30.27 7.10
C GLY C 328 -20.31 -30.96 6.13
N PHE C 329 -20.63 -30.94 4.83
CA PHE C 329 -19.76 -31.51 3.78
C PHE C 329 -18.87 -30.39 3.22
N ASN C 330 -19.49 -29.32 2.70
CA ASN C 330 -18.79 -28.34 1.82
C ASN C 330 -17.85 -27.42 2.62
N ASN C 331 -18.02 -27.26 3.94
CA ASN C 331 -17.15 -26.36 4.75
C ASN C 331 -15.69 -26.76 4.53
N ASP C 332 -15.36 -28.04 4.27
CA ASP C 332 -13.95 -28.44 4.09
C ASP C 332 -13.42 -27.87 2.77
N ASP C 333 -14.28 -27.72 1.78
CA ASP C 333 -13.92 -27.11 0.47
C ASP C 333 -13.50 -25.65 0.69
N ILE C 334 -14.23 -24.96 1.58
CA ILE C 334 -13.98 -23.53 1.89
C ILE C 334 -12.55 -23.40 2.37
N TRP C 335 -12.11 -24.19 3.36
CA TRP C 335 -10.75 -23.92 3.91
C TRP C 335 -9.71 -24.48 2.94
N ALA C 336 -10.09 -25.46 2.13
CA ALA C 336 -9.17 -26.00 1.09
C ALA C 336 -8.86 -24.90 0.07
N ARG C 337 -9.88 -24.27 -0.49
CA ARG C 337 -9.76 -23.07 -1.38
C ARG C 337 -8.79 -22.05 -0.83
N GLU C 338 -9.03 -21.64 0.43
CA GLU C 338 -8.23 -20.64 1.19
C GLU C 338 -6.77 -21.08 1.29
N ALA C 339 -6.51 -22.39 1.39
CA ALA C 339 -5.14 -22.90 1.60
C ALA C 339 -4.31 -22.72 0.34
N MET C 340 -4.97 -22.52 -0.83
CA MET C 340 -4.30 -22.32 -2.15
C MET C 340 -3.99 -20.84 -2.44
N VAL C 341 -4.51 -19.87 -1.68
CA VAL C 341 -4.39 -18.42 -2.04
C VAL C 341 -2.92 -18.05 -2.24
N ASP C 342 -2.04 -18.40 -1.27
CA ASP C 342 -0.65 -17.87 -1.23
C ASP C 342 0.15 -18.33 -2.46
N PHE C 343 0.01 -19.60 -2.86
CA PHE C 343 0.79 -20.19 -3.97
C PHE C 343 0.36 -19.51 -5.27
N TYR C 344 -0.91 -19.18 -5.41
CA TYR C 344 -1.47 -18.58 -6.67
C TYR C 344 -1.49 -17.04 -6.61
N ALA C 345 -1.18 -16.41 -5.47
CA ALA C 345 -1.35 -14.94 -5.26
C ALA C 345 -0.54 -14.15 -6.29
N ASP C 346 0.72 -14.47 -6.51
CA ASP C 346 1.61 -13.72 -7.43
C ASP C 346 1.45 -14.23 -8.87
N ASP C 347 0.37 -14.98 -9.18
CA ASP C 347 0.12 -15.60 -10.51
C ASP C 347 1.21 -16.66 -10.86
N LYS C 348 1.98 -17.16 -9.89
CA LYS C 348 3.15 -18.05 -10.17
C LYS C 348 2.78 -19.53 -10.00
N GLY C 349 1.87 -19.87 -9.08
CA GLY C 349 1.26 -21.20 -8.96
C GLY C 349 0.90 -21.81 -10.30
N TRP C 350 0.45 -21.00 -11.25
CA TRP C 350 -0.02 -21.47 -12.57
C TRP C 350 1.16 -22.12 -13.30
N VAL C 351 2.36 -21.61 -13.04
CA VAL C 351 3.66 -22.08 -13.60
C VAL C 351 4.23 -23.20 -12.72
N ASN C 352 4.11 -23.09 -11.40
CA ASN C 352 4.98 -23.82 -10.44
C ASN C 352 4.30 -25.06 -9.85
N GLU C 353 2.99 -25.21 -10.00
CA GLU C 353 2.24 -26.42 -9.54
C GLU C 353 2.89 -27.65 -10.19
N ILE C 354 2.77 -28.82 -9.58
CA ILE C 354 3.12 -30.12 -10.23
C ILE C 354 1.85 -30.96 -10.23
N LEU C 355 1.17 -30.99 -11.37
CA LEU C 355 -0.11 -31.74 -11.56
C LEU C 355 0.17 -33.24 -11.62
N PHE C 356 -0.85 -34.05 -11.38
CA PHE C 356 -0.77 -35.52 -11.52
C PHE C 356 -2.03 -35.97 -12.27
N GLU C 357 -2.21 -37.27 -12.37
CA GLU C 357 -3.07 -37.93 -13.38
C GLU C 357 -4.50 -37.41 -13.27
N SER C 358 -5.10 -37.37 -12.06
CA SER C 358 -6.52 -36.92 -11.86
C SER C 358 -6.71 -35.46 -12.29
N ASP C 359 -5.64 -34.66 -12.44
CA ASP C 359 -5.76 -33.21 -12.79
C ASP C 359 -6.11 -33.00 -14.27
N GLU C 360 -6.36 -34.09 -15.01
CA GLU C 360 -6.70 -33.99 -16.46
C GLU C 360 -8.05 -33.27 -16.57
N ALA C 361 -9.00 -33.61 -15.70
CA ALA C 361 -10.31 -32.94 -15.55
C ALA C 361 -10.13 -31.40 -15.46
N ILE C 362 -9.26 -30.96 -14.55
CA ILE C 362 -8.93 -29.51 -14.33
C ILE C 362 -8.26 -28.94 -15.58
N VAL C 363 -7.32 -29.67 -16.18
CA VAL C 363 -6.65 -29.24 -17.46
C VAL C 363 -7.72 -29.07 -18.56
N ALA C 364 -8.71 -29.95 -18.65
CA ALA C 364 -9.79 -29.86 -19.67
C ALA C 364 -10.67 -28.63 -19.39
N TRP C 365 -10.97 -28.34 -18.11
CA TRP C 365 -11.75 -27.12 -17.75
C TRP C 365 -10.96 -25.88 -18.17
N ARG C 366 -9.67 -25.83 -17.86
CA ARG C 366 -8.81 -24.66 -18.14
C ARG C 366 -8.80 -24.39 -19.64
N LYS C 367 -8.77 -25.43 -20.46
CA LYS C 367 -8.67 -25.27 -21.92
C LYS C 367 -10.05 -24.84 -22.41
N LEU C 368 -11.10 -25.49 -21.90
CA LEU C 368 -12.49 -25.13 -22.27
C LEU C 368 -12.76 -23.67 -21.87
N ALA C 369 -12.44 -23.29 -20.64
CA ALA C 369 -12.65 -21.89 -20.14
C ALA C 369 -11.94 -20.92 -21.09
N SER C 370 -10.70 -21.23 -21.47
CA SER C 370 -9.81 -20.32 -22.24
C SER C 370 -10.33 -20.11 -23.67
N GLU C 371 -11.04 -21.06 -24.26
CA GLU C 371 -11.39 -20.94 -25.71
C GLU C 371 -12.87 -20.54 -25.88
N HIS C 372 -13.76 -20.82 -24.91
CA HIS C 372 -15.23 -20.63 -25.03
C HIS C 372 -15.83 -19.56 -24.07
N ASN C 373 -15.01 -18.84 -23.30
CA ASN C 373 -15.45 -17.72 -22.45
C ASN C 373 -15.84 -16.54 -23.35
N GLN C 374 -16.68 -15.63 -22.86
CA GLN C 374 -17.29 -14.54 -23.65
C GLN C 374 -16.54 -13.21 -23.45
N GLY C 375 -15.39 -13.20 -22.78
CA GLY C 375 -14.62 -11.96 -22.52
C GLY C 375 -13.85 -11.97 -21.22
N ILE C 376 -12.72 -11.26 -21.17
CA ILE C 376 -11.86 -11.17 -19.96
C ILE C 376 -12.24 -9.88 -19.26
N GLN C 377 -12.76 -9.94 -18.03
CA GLN C 377 -12.94 -8.71 -17.20
C GLN C 377 -11.55 -8.17 -16.88
N THR C 378 -11.34 -6.86 -17.09
CA THR C 378 -10.06 -6.16 -16.81
C THR C 378 -10.34 -5.04 -15.81
N GLN C 379 -9.29 -4.50 -15.17
CA GLN C 379 -9.39 -3.28 -14.31
C GLN C 379 -9.97 -2.11 -15.12
N ALA C 380 -9.80 -2.12 -16.45
CA ALA C 380 -10.32 -1.10 -17.38
C ALA C 380 -11.86 -1.06 -17.28
N HIS C 381 -12.53 -2.21 -17.27
CA HIS C 381 -14.01 -2.31 -17.07
C HIS C 381 -14.39 -1.75 -15.69
N VAL C 382 -13.53 -1.88 -14.71
CA VAL C 382 -13.87 -1.53 -13.30
C VAL C 382 -13.84 -0.01 -13.15
N SER C 383 -12.76 0.64 -13.59
CA SER C 383 -12.49 2.06 -13.29
C SER C 383 -12.92 2.95 -14.46
N GLY C 384 -12.91 2.41 -15.69
CA GLY C 384 -13.32 3.14 -16.91
C GLY C 384 -12.41 2.78 -18.06
N LEU C 385 -12.99 2.42 -19.21
CA LEU C 385 -12.26 1.95 -20.42
C LEU C 385 -11.29 3.05 -20.83
N GLU C 386 -10.08 2.68 -21.26
CA GLU C 386 -9.02 3.63 -21.68
C GLU C 386 -8.73 3.40 -23.18
N HIS C 387 -8.23 4.41 -23.88
CA HIS C 387 -7.92 4.43 -25.34
C HIS C 387 -7.47 5.84 -25.73
N HIS C 388 -6.27 5.97 -26.33
CA HIS C 388 -5.80 7.24 -26.95
C HIS C 388 -5.66 7.04 -28.47
N HIS C 389 -5.87 8.12 -29.23
CA HIS C 389 -5.78 8.15 -30.72
C HIS C 389 -4.31 8.16 -31.14
N LEU D 6 53.82 21.50 1.28
CA LEU D 6 53.95 20.03 1.53
C LEU D 6 54.10 19.30 0.20
N LYS D 7 55.02 18.34 0.14
CA LYS D 7 55.33 17.52 -1.07
C LYS D 7 54.33 16.36 -1.14
N VAL D 8 53.85 16.04 -2.35
CA VAL D 8 52.88 14.94 -2.63
C VAL D 8 53.54 13.94 -3.59
N CYS D 9 53.73 14.31 -4.86
CA CYS D 9 54.34 13.48 -5.93
C CYS D 9 54.70 14.38 -7.13
N ALA D 10 54.96 13.79 -8.30
CA ALA D 10 55.40 14.48 -9.54
C ALA D 10 54.29 14.44 -10.61
N ALA D 11 54.25 15.44 -11.50
CA ALA D 11 53.28 15.63 -12.61
C ALA D 11 52.91 14.30 -13.30
N SER D 12 53.88 13.43 -13.58
CA SER D 12 53.71 12.15 -14.31
C SER D 12 53.74 10.95 -13.36
N ASP D 13 53.73 11.16 -12.04
CA ASP D 13 53.63 10.09 -11.00
C ASP D 13 52.18 9.57 -10.89
N MET D 14 51.20 10.29 -11.44
CA MET D 14 49.78 9.84 -11.51
C MET D 14 49.17 10.35 -12.83
N GLN D 15 48.16 9.64 -13.34
CA GLN D 15 47.63 9.79 -14.73
C GLN D 15 46.39 10.69 -14.75
N PRO D 16 45.94 11.15 -15.93
CA PRO D 16 44.61 11.76 -16.09
C PRO D 16 43.48 10.84 -15.57
N GLY D 17 42.61 11.38 -14.71
CA GLY D 17 41.41 10.70 -14.19
C GLY D 17 41.72 9.75 -13.03
N THR D 18 42.71 10.07 -12.19
CA THR D 18 43.10 9.24 -11.02
C THR D 18 43.14 10.10 -9.75
N ILE D 19 43.01 9.43 -8.60
CA ILE D 19 42.97 10.01 -7.21
C ILE D 19 44.22 9.54 -6.48
N ARG D 20 44.57 10.18 -5.35
CA ARG D 20 45.75 9.84 -4.53
C ARG D 20 45.55 10.36 -3.11
N ARG D 21 45.46 9.47 -2.12
CA ARG D 21 45.39 9.86 -0.67
C ARG D 21 46.70 10.53 -0.25
N VAL D 22 46.59 11.57 0.57
CA VAL D 22 47.73 12.33 1.17
C VAL D 22 47.46 12.41 2.68
N ASN D 23 48.00 11.47 3.44
CA ASN D 23 48.03 11.51 4.92
C ASN D 23 48.86 12.73 5.34
N ARG D 24 48.82 13.10 6.62
CA ARG D 24 49.58 14.25 7.16
C ARG D 24 49.96 13.95 8.62
N VAL D 25 51.13 14.44 9.05
CA VAL D 25 51.64 14.28 10.44
C VAL D 25 50.54 14.74 11.41
N GLY D 26 49.86 13.77 12.02
CA GLY D 26 48.71 13.97 12.94
C GLY D 26 47.75 15.03 12.41
N ALA D 27 47.12 14.78 11.26
CA ALA D 27 46.15 15.69 10.61
C ALA D 27 45.21 14.90 9.69
N ALA D 28 43.98 15.43 9.49
CA ALA D 28 42.91 14.82 8.68
C ALA D 28 43.42 14.63 7.24
N PRO D 29 43.45 13.38 6.70
CA PRO D 29 44.03 13.14 5.39
C PRO D 29 43.38 13.97 4.27
N LEU D 30 44.15 14.26 3.21
CA LEU D 30 43.68 14.95 1.97
C LEU D 30 43.47 13.92 0.86
N ALA D 31 42.84 14.35 -0.24
CA ALA D 31 42.73 13.60 -1.51
C ALA D 31 43.17 14.53 -2.65
N VAL D 32 44.17 14.11 -3.45
CA VAL D 32 44.68 14.85 -4.63
C VAL D 32 44.15 14.18 -5.90
N TYR D 33 43.58 15.00 -6.81
CA TYR D 33 42.97 14.56 -8.10
C TYR D 33 43.73 15.19 -9.27
N ARG D 34 43.91 14.44 -10.36
CA ARG D 34 44.38 14.96 -11.66
C ARG D 34 43.21 14.93 -12.65
N VAL D 35 42.71 16.10 -13.05
CA VAL D 35 41.59 16.26 -14.04
C VAL D 35 42.19 16.82 -15.35
N GLY D 36 42.52 15.93 -16.29
CA GLY D 36 43.38 16.25 -17.45
C GLY D 36 44.83 16.34 -17.02
N ASP D 37 45.43 17.55 -17.12
CA ASP D 37 46.79 17.86 -16.61
C ASP D 37 46.70 18.94 -15.52
N GLN D 38 45.53 19.05 -14.86
CA GLN D 38 45.24 19.96 -13.72
C GLN D 38 45.22 19.14 -12.43
N PHE D 39 45.64 19.76 -11.32
CA PHE D 39 45.76 19.13 -9.98
C PHE D 39 44.96 19.93 -8.93
N TYR D 40 44.15 19.23 -8.14
CA TYR D 40 43.25 19.79 -7.09
C TYR D 40 43.39 18.98 -5.79
N ALA D 41 43.13 19.62 -4.66
CA ALA D 41 43.13 18.99 -3.31
C ALA D 41 41.83 19.33 -2.57
N THR D 42 41.24 18.33 -1.89
CA THR D 42 40.07 18.46 -0.98
C THR D 42 40.39 17.73 0.34
N GLU D 43 39.47 17.75 1.30
CA GLU D 43 39.47 16.77 2.42
C GLU D 43 39.30 15.38 1.79
N ASP D 44 39.85 14.35 2.43
CA ASP D 44 39.61 12.93 2.04
C ASP D 44 38.25 12.46 2.59
N THR D 45 37.86 12.93 3.78
CA THR D 45 36.60 12.51 4.44
C THR D 45 35.40 13.15 3.75
N CYS D 46 34.39 12.34 3.41
CA CYS D 46 33.08 12.80 2.89
C CYS D 46 32.38 13.63 3.99
N THR D 47 31.80 14.77 3.62
CA THR D 47 31.05 15.66 4.55
C THR D 47 29.74 14.99 4.98
N HIS D 48 29.27 13.94 4.29
CA HIS D 48 28.01 13.20 4.58
C HIS D 48 28.22 12.04 5.58
N GLY D 49 29.45 11.56 5.78
CA GLY D 49 29.71 10.60 6.86
C GLY D 49 31.19 10.48 7.19
N ILE D 50 31.76 9.29 6.96
CA ILE D 50 33.15 8.94 7.37
C ILE D 50 33.90 8.29 6.21
N ALA D 51 33.35 8.33 4.99
CA ALA D 51 33.95 7.68 3.81
C ALA D 51 35.30 8.34 3.51
N SER D 52 36.17 7.60 2.83
CA SER D 52 37.40 8.14 2.17
C SER D 52 37.07 8.33 0.68
N LEU D 53 37.12 9.58 0.21
CA LEU D 53 36.81 9.95 -1.20
C LEU D 53 37.93 9.43 -2.11
N SER D 54 39.19 9.42 -1.63
CA SER D 54 40.36 8.87 -2.36
C SER D 54 40.13 7.39 -2.73
N GLU D 55 39.09 6.76 -2.17
CA GLU D 55 38.67 5.37 -2.52
C GLU D 55 37.42 5.40 -3.43
N GLY D 56 36.98 6.58 -3.89
CA GLY D 56 35.80 6.76 -4.76
C GLY D 56 36.16 6.73 -6.24
N THR D 57 35.17 7.01 -7.10
CA THR D 57 35.33 7.09 -8.57
C THR D 57 35.30 8.56 -9.02
N LEU D 58 36.33 8.99 -9.76
CA LEU D 58 36.41 10.32 -10.43
C LEU D 58 35.66 10.23 -11.77
N ASP D 59 35.05 11.33 -12.21
CA ASP D 59 34.26 11.42 -13.47
C ASP D 59 34.37 12.85 -14.01
N GLY D 60 35.47 13.16 -14.70
CA GLY D 60 35.91 14.53 -14.99
C GLY D 60 36.35 15.20 -13.70
N ASP D 61 35.60 16.23 -13.27
CA ASP D 61 35.91 17.07 -12.08
C ASP D 61 35.06 16.64 -10.86
N VAL D 62 34.35 15.50 -10.93
CA VAL D 62 33.37 15.04 -9.89
C VAL D 62 33.87 13.73 -9.25
N ILE D 63 34.26 13.82 -7.98
CA ILE D 63 34.54 12.65 -7.09
C ILE D 63 33.20 12.15 -6.52
N GLU D 64 32.92 10.86 -6.74
CA GLU D 64 31.73 10.10 -6.23
C GLU D 64 32.16 9.28 -5.01
N CYS D 65 31.45 9.45 -3.89
CA CYS D 65 31.74 8.80 -2.60
C CYS D 65 31.41 7.31 -2.68
N PRO D 66 32.31 6.43 -2.18
CA PRO D 66 32.06 4.98 -2.23
C PRO D 66 30.92 4.50 -1.32
N PHE D 67 30.57 5.25 -0.28
CA PHE D 67 29.56 4.82 0.74
C PHE D 67 28.16 4.82 0.12
N HIS D 68 27.60 6.00 -0.22
CA HIS D 68 26.16 6.18 -0.56
C HIS D 68 25.99 6.85 -1.94
N GLY D 69 27.08 7.16 -2.66
CA GLY D 69 27.05 7.68 -4.04
C GLY D 69 26.88 9.19 -4.10
N GLY D 70 27.03 9.90 -2.96
CA GLY D 70 27.19 11.35 -2.94
C GLY D 70 28.39 11.77 -3.78
N ALA D 71 28.49 13.04 -4.15
CA ALA D 71 29.56 13.54 -5.04
C ALA D 71 29.80 15.03 -4.83
N PHE D 72 31.03 15.45 -5.13
CA PHE D 72 31.54 16.84 -5.01
C PHE D 72 32.33 17.18 -6.28
N ASN D 73 32.28 18.45 -6.68
CA ASN D 73 33.25 19.04 -7.64
C ASN D 73 34.58 19.25 -6.89
N VAL D 74 35.68 18.72 -7.43
CA VAL D 74 37.04 18.72 -6.81
C VAL D 74 37.68 20.12 -6.88
N CYS D 75 37.26 20.97 -7.85
CA CYS D 75 37.68 22.40 -7.97
C CYS D 75 37.03 23.22 -6.84
N THR D 76 35.70 23.23 -6.78
CA THR D 76 34.84 24.14 -5.94
C THR D 76 34.56 23.51 -4.58
N GLY D 77 34.41 22.17 -4.51
CA GLY D 77 34.01 21.44 -3.30
C GLY D 77 32.49 21.36 -3.16
N MET D 78 31.75 21.91 -4.12
CA MET D 78 30.25 21.97 -4.14
C MET D 78 29.69 20.56 -4.17
N PRO D 79 28.66 20.22 -3.36
CA PRO D 79 27.91 18.98 -3.57
C PRO D 79 27.41 18.94 -5.03
N ALA D 80 27.58 17.80 -5.68
CA ALA D 80 27.19 17.56 -7.09
C ALA D 80 26.13 16.46 -7.14
N SER D 81 26.09 15.60 -6.12
CA SER D 81 25.09 14.52 -5.99
C SER D 81 24.61 14.41 -4.55
N SER D 82 23.32 14.14 -4.40
CA SER D 82 22.69 13.70 -3.13
C SER D 82 23.32 12.36 -2.75
N PRO D 83 23.45 12.02 -1.44
CA PRO D 83 22.90 12.81 -0.34
C PRO D 83 23.78 13.93 0.26
N CYS D 84 24.92 14.24 -0.35
CA CYS D 84 25.84 15.33 0.12
C CYS D 84 25.17 16.70 -0.01
N THR D 85 25.31 17.54 1.02
CA THR D 85 24.74 18.92 1.08
C THR D 85 25.81 19.90 1.57
N VAL D 86 26.79 19.40 2.35
CA VAL D 86 27.85 20.24 2.98
C VAL D 86 29.05 20.25 2.05
N PRO D 87 29.50 21.46 1.62
CA PRO D 87 30.62 21.56 0.68
C PRO D 87 31.93 21.04 1.29
N LEU D 88 32.81 20.57 0.41
CA LEU D 88 34.12 19.95 0.71
C LEU D 88 35.19 21.04 0.86
N GLY D 89 36.00 21.00 1.93
CA GLY D 89 37.17 21.88 2.12
C GLY D 89 38.17 21.71 0.99
N VAL D 90 38.48 22.79 0.28
CA VAL D 90 39.48 22.81 -0.84
C VAL D 90 40.82 23.31 -0.28
N PHE D 91 41.93 22.76 -0.79
CA PHE D 91 43.32 23.14 -0.42
C PHE D 91 44.05 23.65 -1.67
N GLU D 92 44.92 24.66 -1.50
CA GLU D 92 45.64 25.34 -2.60
C GLU D 92 46.77 24.41 -3.09
N VAL D 93 46.89 24.26 -4.42
CA VAL D 93 47.71 23.24 -5.13
C VAL D 93 48.64 23.94 -6.12
N GLU D 94 49.94 23.57 -6.13
CA GLU D 94 51.00 24.19 -6.99
C GLU D 94 52.09 23.15 -7.30
N VAL D 95 52.50 23.06 -8.57
CA VAL D 95 53.57 22.14 -9.06
C VAL D 95 54.72 22.98 -9.65
N LYS D 96 55.91 22.90 -9.03
CA LYS D 96 57.16 23.63 -9.44
C LYS D 96 58.27 22.60 -9.72
N GLU D 97 58.70 22.51 -10.99
CA GLU D 97 59.76 21.59 -11.52
C GLU D 97 59.17 20.19 -11.72
N GLY D 98 57.83 20.08 -11.81
CA GLY D 98 57.09 18.81 -11.93
C GLY D 98 57.03 18.04 -10.61
N GLU D 99 56.95 18.75 -9.48
CA GLU D 99 56.76 18.20 -8.09
C GLU D 99 55.54 18.86 -7.45
N VAL D 100 54.42 18.13 -7.35
CA VAL D 100 53.09 18.62 -6.86
C VAL D 100 53.18 18.88 -5.35
N TYR D 101 53.17 20.16 -4.95
CA TYR D 101 53.00 20.64 -3.55
C TYR D 101 51.54 21.05 -3.35
N VAL D 102 51.00 20.98 -2.12
CA VAL D 102 49.62 21.44 -1.76
C VAL D 102 49.64 22.11 -0.38
N ALA D 103 48.74 23.07 -0.14
CA ALA D 103 48.63 23.87 1.10
C ALA D 103 47.60 23.24 2.05
N ASN E 2 -31.25 35.11 -39.34
CA ASN E 2 -29.84 34.65 -39.08
C ASN E 2 -29.83 33.53 -38.03
N GLN E 3 -30.90 32.73 -37.93
CA GLN E 3 -30.92 31.58 -36.99
C GLN E 3 -30.64 30.30 -37.75
N ILE E 4 -31.23 30.05 -38.93
CA ILE E 4 -31.01 28.75 -39.63
C ILE E 4 -29.52 28.65 -39.99
N TRP E 5 -28.96 29.65 -40.66
CA TRP E 5 -27.51 29.69 -40.99
C TRP E 5 -26.91 30.86 -40.22
N LEU E 6 -25.78 30.61 -39.56
CA LEU E 6 -25.03 31.61 -38.75
C LEU E 6 -23.81 32.02 -39.55
N LYS E 7 -23.72 33.31 -39.84
CA LYS E 7 -22.54 33.97 -40.45
C LYS E 7 -21.38 33.90 -39.45
N VAL E 8 -20.31 33.18 -39.77
CA VAL E 8 -19.13 32.97 -38.89
C VAL E 8 -18.03 33.97 -39.26
N CYS E 9 -17.43 33.81 -40.46
CA CYS E 9 -16.20 34.50 -40.92
C CYS E 9 -15.94 34.17 -42.39
N ALA E 10 -14.88 34.71 -42.99
CA ALA E 10 -14.41 34.40 -44.36
C ALA E 10 -13.52 33.16 -44.33
N ALA E 11 -13.60 32.32 -45.37
CA ALA E 11 -12.93 31.00 -45.46
C ALA E 11 -11.41 31.14 -45.34
N SER E 12 -10.82 32.17 -45.95
CA SER E 12 -9.34 32.39 -45.96
C SER E 12 -8.89 33.10 -44.65
N ASP E 13 -9.85 33.54 -43.81
CA ASP E 13 -9.63 34.12 -42.46
C ASP E 13 -9.56 33.04 -41.36
N MET E 14 -8.98 31.88 -41.67
CA MET E 14 -8.82 30.72 -40.78
C MET E 14 -7.78 29.78 -41.40
N GLN E 15 -6.61 29.65 -40.76
CA GLN E 15 -5.46 28.86 -41.27
C GLN E 15 -5.78 27.37 -41.13
N PRO E 16 -5.44 26.53 -42.12
CA PRO E 16 -5.61 25.07 -42.00
C PRO E 16 -5.09 24.55 -40.65
N GLY E 17 -6.01 24.04 -39.81
CA GLY E 17 -5.71 23.45 -38.49
C GLY E 17 -5.90 24.44 -37.35
N THR E 18 -6.73 25.47 -37.57
CA THR E 18 -7.20 26.41 -36.51
C THR E 18 -8.65 26.08 -36.12
N ILE E 19 -9.12 26.67 -35.02
CA ILE E 19 -10.48 26.45 -34.46
C ILE E 19 -11.03 27.84 -34.14
N ARG E 20 -12.32 28.05 -34.39
CA ARG E 20 -13.03 29.32 -34.08
C ARG E 20 -14.33 28.99 -33.34
N ARG E 21 -14.57 29.70 -32.26
CA ARG E 21 -15.77 29.54 -31.41
C ARG E 21 -16.84 30.54 -31.83
N VAL E 22 -18.07 30.07 -32.05
CA VAL E 22 -19.24 30.92 -32.40
C VAL E 22 -20.22 30.94 -31.23
N ASN E 23 -20.37 32.10 -30.59
CA ASN E 23 -21.36 32.32 -29.50
C ASN E 23 -22.72 32.63 -30.14
N ARG E 24 -23.68 31.69 -30.05
CA ARG E 24 -25.13 31.90 -30.34
C ARG E 24 -25.80 32.43 -29.07
N VAL E 25 -26.71 33.40 -29.17
CA VAL E 25 -27.43 33.92 -27.97
C VAL E 25 -28.53 32.92 -27.59
N GLY E 26 -28.67 32.64 -26.29
CA GLY E 26 -29.70 31.75 -25.72
C GLY E 26 -29.54 30.31 -26.19
N ALA E 27 -28.33 29.91 -26.54
CA ALA E 27 -27.97 28.48 -26.79
C ALA E 27 -26.46 28.27 -26.61
N ALA E 28 -26.04 27.00 -26.55
CA ALA E 28 -24.64 26.58 -26.34
C ALA E 28 -23.78 27.09 -27.50
N PRO E 29 -22.53 27.53 -27.23
CA PRO E 29 -21.61 27.90 -28.29
C PRO E 29 -21.25 26.71 -29.19
N LEU E 30 -20.76 27.00 -30.40
CA LEU E 30 -20.32 25.99 -31.38
C LEU E 30 -18.82 26.17 -31.60
N ALA E 31 -18.15 25.16 -32.12
CA ALA E 31 -16.74 25.22 -32.56
C ALA E 31 -16.68 24.88 -34.06
N VAL E 32 -16.04 25.75 -34.83
CA VAL E 32 -15.77 25.57 -36.28
C VAL E 32 -14.28 25.33 -36.44
N TYR E 33 -13.91 24.21 -37.06
CA TYR E 33 -12.52 23.77 -37.30
C TYR E 33 -12.23 23.87 -38.80
N ARG E 34 -11.00 24.25 -39.20
CA ARG E 34 -10.52 24.06 -40.60
C ARG E 34 -9.48 22.94 -40.62
N VAL E 35 -9.86 21.78 -41.17
CA VAL E 35 -8.97 20.62 -41.44
C VAL E 35 -8.56 20.68 -42.92
N GLY E 36 -7.32 21.06 -43.20
CA GLY E 36 -6.84 21.40 -44.56
C GLY E 36 -7.67 22.52 -45.18
N ASP E 37 -8.48 22.18 -46.19
CA ASP E 37 -9.35 23.14 -46.96
C ASP E 37 -10.80 22.98 -46.49
N GLN E 38 -11.13 21.88 -45.81
CA GLN E 38 -12.50 21.54 -45.34
C GLN E 38 -12.82 22.29 -44.04
N PHE E 39 -14.11 22.58 -43.83
CA PHE E 39 -14.67 23.18 -42.59
C PHE E 39 -15.67 22.21 -41.96
N TYR E 40 -15.61 22.10 -40.63
CA TYR E 40 -16.53 21.27 -39.82
C TYR E 40 -16.93 22.06 -38.58
N ALA E 41 -18.05 21.67 -37.98
CA ALA E 41 -18.55 22.31 -36.73
C ALA E 41 -19.17 21.23 -35.85
N THR E 42 -18.99 21.42 -34.54
CA THR E 42 -19.54 20.58 -33.44
C THR E 42 -20.04 21.54 -32.38
N GLU E 43 -20.76 21.04 -31.37
CA GLU E 43 -20.89 21.81 -30.12
C GLU E 43 -19.46 22.16 -29.64
N ASP E 44 -19.30 23.34 -29.05
CA ASP E 44 -18.04 23.79 -28.44
C ASP E 44 -17.83 23.03 -27.11
N THR E 45 -18.89 22.76 -26.36
CA THR E 45 -18.80 22.15 -25.01
C THR E 45 -18.46 20.66 -25.13
N CYS E 46 -17.32 20.24 -24.55
CA CYS E 46 -16.98 18.80 -24.42
C CYS E 46 -18.17 18.03 -23.83
N THR E 47 -18.49 16.85 -24.35
CA THR E 47 -19.62 16.03 -23.86
C THR E 47 -19.26 15.34 -22.54
N HIS E 48 -17.98 15.33 -22.17
CA HIS E 48 -17.50 14.73 -20.91
C HIS E 48 -17.58 15.73 -19.75
N GLY E 49 -17.74 17.02 -20.00
CA GLY E 49 -17.81 17.97 -18.88
C GLY E 49 -18.24 19.35 -19.32
N ILE E 50 -17.48 20.36 -18.94
CA ILE E 50 -17.77 21.79 -19.21
C ILE E 50 -16.60 22.46 -19.92
N ALA E 51 -15.61 21.71 -20.39
CA ALA E 51 -14.46 22.24 -21.15
C ALA E 51 -14.95 22.83 -22.48
N SER E 52 -14.27 23.90 -22.92
CA SER E 52 -14.44 24.51 -24.27
C SER E 52 -13.44 23.85 -25.22
N LEU E 53 -13.95 23.11 -26.21
CA LEU E 53 -13.11 22.35 -27.17
C LEU E 53 -12.34 23.32 -28.08
N SER E 54 -12.75 24.57 -28.16
CA SER E 54 -12.08 25.61 -28.99
C SER E 54 -10.77 26.05 -28.31
N GLU E 55 -10.49 25.56 -27.10
CA GLU E 55 -9.23 25.80 -26.36
C GLU E 55 -8.42 24.51 -26.32
N GLY E 56 -8.86 23.51 -27.08
CA GLY E 56 -8.13 22.23 -27.20
C GLY E 56 -7.08 22.29 -28.29
N THR E 57 -6.57 21.11 -28.65
CA THR E 57 -5.53 20.91 -29.68
C THR E 57 -6.17 20.16 -30.84
N LEU E 58 -6.24 20.81 -32.00
CA LEU E 58 -6.64 20.15 -33.27
C LEU E 58 -5.43 19.43 -33.85
N ASP E 59 -5.56 18.12 -34.09
CA ASP E 59 -4.50 17.27 -34.69
C ASP E 59 -5.11 16.61 -35.93
N GLY E 60 -5.05 17.29 -37.07
CA GLY E 60 -5.74 16.89 -38.31
C GLY E 60 -7.23 17.09 -38.17
N ASP E 61 -7.98 15.99 -38.07
CA ASP E 61 -9.47 15.97 -37.94
C ASP E 61 -9.88 15.53 -36.51
N VAL E 62 -8.97 15.63 -35.53
CA VAL E 62 -9.21 15.18 -34.13
C VAL E 62 -8.98 16.35 -33.18
N ILE E 63 -10.03 16.77 -32.45
CA ILE E 63 -9.96 17.84 -31.42
C ILE E 63 -9.70 17.16 -30.08
N GLU E 64 -8.66 17.59 -29.38
CA GLU E 64 -8.30 17.10 -28.02
C GLU E 64 -8.80 18.11 -26.99
N CYS E 65 -9.60 17.64 -26.04
CA CYS E 65 -10.14 18.45 -24.94
C CYS E 65 -8.99 18.82 -24.00
N PRO E 66 -8.89 20.08 -23.58
CA PRO E 66 -7.88 20.51 -22.61
C PRO E 66 -8.07 20.05 -21.16
N PHE E 67 -9.23 19.50 -20.78
CA PHE E 67 -9.52 19.19 -19.35
C PHE E 67 -8.89 17.85 -18.96
N HIS E 68 -9.23 16.80 -19.70
CA HIS E 68 -8.94 15.39 -19.34
C HIS E 68 -8.27 14.64 -20.49
N GLY E 69 -7.99 15.33 -21.59
CA GLY E 69 -7.32 14.73 -22.77
C GLY E 69 -8.25 13.85 -23.58
N GLY E 70 -9.56 13.91 -23.35
CA GLY E 70 -10.54 13.24 -24.25
C GLY E 70 -10.47 13.85 -25.63
N ALA E 71 -11.02 13.19 -26.65
CA ALA E 71 -10.96 13.75 -28.02
C ALA E 71 -12.08 13.21 -28.90
N PHE E 72 -12.36 13.97 -29.95
CA PHE E 72 -13.42 13.70 -30.93
C PHE E 72 -12.90 13.93 -32.35
N ASN E 73 -13.34 13.07 -33.27
CA ASN E 73 -13.37 13.34 -34.72
C ASN E 73 -14.31 14.53 -34.96
N VAL E 74 -13.80 15.65 -35.47
CA VAL E 74 -14.59 16.87 -35.79
C VAL E 74 -15.53 16.60 -36.98
N CYS E 75 -15.28 15.58 -37.80
CA CYS E 75 -16.10 15.26 -38.98
C CYS E 75 -17.33 14.49 -38.52
N THR E 76 -17.16 13.39 -37.80
CA THR E 76 -18.27 12.51 -37.35
C THR E 76 -18.86 13.00 -36.02
N GLY E 77 -18.12 13.78 -35.23
CA GLY E 77 -18.43 14.06 -33.81
C GLY E 77 -18.27 12.84 -32.89
N MET E 78 -17.82 11.69 -33.40
CA MET E 78 -17.68 10.44 -32.59
C MET E 78 -16.43 10.52 -31.69
N PRO E 79 -16.49 10.00 -30.44
CA PRO E 79 -15.35 10.00 -29.53
C PRO E 79 -14.15 9.30 -30.19
N ALA E 80 -12.95 9.87 -30.03
CA ALA E 80 -11.67 9.36 -30.58
C ALA E 80 -10.68 8.97 -29.46
N SER E 81 -10.64 9.65 -28.30
CA SER E 81 -10.00 9.09 -27.07
C SER E 81 -10.93 9.21 -25.84
N SER E 82 -10.93 8.18 -24.99
CA SER E 82 -11.39 8.17 -23.58
C SER E 82 -10.83 9.40 -22.88
N PRO E 83 -11.53 9.96 -21.88
CA PRO E 83 -12.76 9.36 -21.34
C PRO E 83 -14.08 9.69 -22.08
N CYS E 84 -14.04 10.44 -23.17
CA CYS E 84 -15.25 10.82 -23.95
C CYS E 84 -15.94 9.58 -24.50
N THR E 85 -17.24 9.49 -24.32
CA THR E 85 -18.05 8.37 -24.87
C THR E 85 -19.28 8.94 -25.58
N VAL E 86 -19.68 10.18 -25.27
CA VAL E 86 -20.91 10.78 -25.86
C VAL E 86 -20.54 11.58 -27.10
N PRO E 87 -21.18 11.25 -28.25
CA PRO E 87 -20.93 11.97 -29.50
C PRO E 87 -21.27 13.45 -29.39
N LEU E 88 -20.39 14.29 -29.93
CA LEU E 88 -20.70 15.73 -30.16
C LEU E 88 -21.89 15.86 -31.13
N GLY E 89 -22.76 16.84 -30.89
CA GLY E 89 -23.63 17.42 -31.91
C GLY E 89 -22.80 17.92 -33.09
N VAL E 90 -23.11 17.46 -34.31
CA VAL E 90 -22.52 17.95 -35.58
C VAL E 90 -23.46 18.95 -36.24
N PHE E 91 -22.90 20.07 -36.67
CA PHE E 91 -23.57 21.21 -37.32
C PHE E 91 -23.04 21.32 -38.76
N GLU E 92 -23.95 21.24 -39.73
CA GLU E 92 -23.62 21.44 -41.17
C GLU E 92 -22.99 22.82 -41.31
N VAL E 93 -21.88 22.88 -42.03
CA VAL E 93 -21.26 24.17 -42.47
C VAL E 93 -21.42 24.27 -44.00
N GLU E 94 -21.69 25.48 -44.51
CA GLU E 94 -21.76 25.74 -45.97
C GLU E 94 -20.83 26.93 -46.27
N VAL E 95 -19.89 26.78 -47.22
CA VAL E 95 -19.06 27.89 -47.74
C VAL E 95 -19.75 28.49 -48.98
N LYS E 96 -20.60 29.51 -48.79
CA LYS E 96 -21.33 30.23 -49.86
C LYS E 96 -20.70 31.61 -50.09
N GLU E 97 -19.95 31.73 -51.21
CA GLU E 97 -19.29 32.95 -51.75
C GLU E 97 -18.15 33.35 -50.80
N GLY E 98 -17.15 32.48 -50.66
CA GLY E 98 -15.99 32.60 -49.76
C GLY E 98 -16.40 32.77 -48.29
N GLU E 99 -17.69 32.61 -47.97
CA GLU E 99 -18.29 32.93 -46.64
C GLU E 99 -18.68 31.63 -45.94
N VAL E 100 -18.20 31.46 -44.68
CA VAL E 100 -18.48 30.30 -43.78
C VAL E 100 -19.77 30.56 -42.99
N TYR E 101 -20.74 29.68 -43.20
CA TYR E 101 -22.05 29.63 -42.49
C TYR E 101 -22.10 28.31 -41.72
N VAL E 102 -22.64 28.31 -40.51
CA VAL E 102 -22.82 27.05 -39.72
C VAL E 102 -24.29 26.94 -39.35
N ALA E 103 -24.86 25.74 -39.44
CA ALA E 103 -26.26 25.45 -39.05
C ALA E 103 -26.51 25.92 -37.61
N GLY E 104 -27.69 26.47 -37.32
CA GLY E 104 -28.06 26.91 -35.96
C GLY E 104 -28.66 25.77 -35.16
N GLU E 105 -28.70 24.57 -35.74
CA GLU E 105 -29.30 23.36 -35.12
CA GLU E 105 -29.30 23.37 -35.11
C GLU E 105 -28.50 22.16 -35.63
N LYS E 106 -28.33 21.15 -34.78
CA LYS E 106 -27.47 19.99 -35.09
C LYS E 106 -28.27 19.00 -35.93
N LYS E 107 -27.58 18.20 -36.74
CA LYS E 107 -28.10 16.97 -37.39
C LYS E 107 -28.77 16.12 -36.32
N LEU E 108 -29.79 15.33 -36.69
CA LEU E 108 -30.56 14.49 -35.73
C LEU E 108 -29.79 13.19 -35.45
N GLU E 109 -29.55 12.92 -34.16
CA GLU E 109 -28.71 11.79 -33.63
C GLU E 109 -29.43 10.45 -33.89
FE1 FES F . -0.76 -31.54 -1.33
FE2 FES F . -2.50 -31.87 -3.63
S1 FES F . -1.60 -33.38 -2.27
S2 FES F . -1.74 -30.02 -2.64
FE FE2 G . 22.71 -3.03 23.62
C1 EDO H . 24.57 25.15 23.72
O1 EDO H . 23.24 25.23 23.25
C2 EDO H . 25.56 24.99 22.61
O2 EDO H . 26.59 24.03 22.90
C1 EDO I . 10.08 -19.45 20.88
O1 EDO I . 9.78 -18.21 20.25
C2 EDO I . 10.63 -20.47 19.94
O2 EDO I . 12.03 -20.69 20.10
C1 EDO J . 25.19 -6.36 -6.02
O1 EDO J . 24.53 -5.31 -6.70
C2 EDO J . 24.41 -7.62 -6.01
O2 EDO J . 24.00 -8.02 -4.71
FE1 FES K . 20.05 9.71 17.04
FE2 FES K . 22.18 7.95 16.64
S1 FES K . 22.12 9.79 17.79
S2 FES K . 20.07 7.85 15.86
FE FE2 L . -20.68 21.66 3.21
C1 PEG M . -5.97 16.09 17.05
O1 PEG M . -5.59 14.95 16.31
C2 PEG M . -4.94 16.44 18.09
O2 PEG M . -3.92 17.25 17.53
C3 PEG M . -4.11 18.65 17.73
C4 PEG M . -5.56 19.00 17.65
O4 PEG M . -5.75 20.35 17.61
C1 EDO N . 4.07 10.61 3.26
O1 EDO N . 4.58 10.37 1.98
C2 EDO N . 4.67 9.73 4.27
O2 EDO N . 4.98 10.41 5.46
C1 EDO O . -8.17 7.76 3.12
O1 EDO O . -8.80 6.48 3.11
C2 EDO O . -7.93 8.43 1.80
O2 EDO O . -7.08 7.74 0.86
C1 EDO P . 3.52 18.21 -13.33
O1 EDO P . 3.54 18.43 -14.72
C2 EDO P . 3.48 19.47 -12.56
O2 EDO P . 4.13 19.42 -11.30
C1 EDO Q . -10.82 27.17 20.77
O1 EDO Q . -11.68 26.21 21.31
C2 EDO Q . -9.52 27.22 21.47
O2 EDO Q . -8.68 28.25 20.99
FE1 FES R . -23.45 12.19 -7.56
FE2 FES R . -22.30 14.72 -7.69
S1 FES R . -24.37 14.15 -8.15
S2 FES R . -21.39 12.75 -7.02
FE FE2 S . -15.47 -30.95 -2.18
C1 EDO T . -13.75 0.24 -4.66
O1 EDO T . -14.06 1.02 -5.81
C2 EDO T . -14.79 -0.77 -4.33
O2 EDO T . -15.74 -0.32 -3.35
C1 EDO U . -30.75 6.24 4.13
O1 EDO U . -30.46 7.61 4.46
C2 EDO U . -30.40 5.82 2.73
O2 EDO U . -29.25 4.98 2.60
C1 EDO V . -16.22 -32.96 9.50
O1 EDO V . -17.58 -32.79 9.09
C2 EDO V . -15.26 -32.71 8.38
O2 EDO V . -13.89 -32.87 8.69
FE1 FES W . 29.92 10.06 1.41
FE2 FES W . 27.46 9.19 2.55
S1 FES W . 27.90 9.91 0.45
S2 FES W . 29.55 9.19 3.46
FE1 FES X . -13.38 17.06 -22.06
FE2 FES X . -13.38 15.69 -19.69
S1 FES X . -12.41 15.15 -21.62
S2 FES X . -14.27 17.71 -20.12
C1 PEG Y . -26.82 28.21 -46.60
O1 PEG Y . -26.24 27.31 -47.54
C2 PEG Y . -26.17 29.55 -46.62
O2 PEG Y . -27.17 30.56 -46.46
C3 PEG Y . -26.63 31.88 -46.32
C4 PEG Y . -27.11 32.75 -47.44
O4 PEG Y . -26.63 32.31 -48.69
#